data_3RCO
# 
_entry.id   3RCO 
# 
_audit_conform.dict_name       mmcif_pdbx.dic 
_audit_conform.dict_version    5.387 
_audit_conform.dict_location   http://mmcif.pdb.org/dictionaries/ascii/mmcif_pdbx.dic 
# 
loop_
_database_2.database_id 
_database_2.database_code 
_database_2.pdbx_database_accession 
_database_2.pdbx_DOI 
PDB   3RCO         pdb_00003rco 10.2210/pdb3rco/pdb 
RCSB  RCSB064768   ?            ?                   
WWPDB D_1000064768 ?            ?                   
# 
loop_
_pdbx_audit_revision_history.ordinal 
_pdbx_audit_revision_history.data_content_type 
_pdbx_audit_revision_history.major_revision 
_pdbx_audit_revision_history.minor_revision 
_pdbx_audit_revision_history.revision_date 
1 'Structure model' 1 0 2012-04-04 
2 'Structure model' 1 1 2024-02-21 
# 
_pdbx_audit_revision_details.ordinal             1 
_pdbx_audit_revision_details.revision_ordinal    1 
_pdbx_audit_revision_details.data_content_type   'Structure model' 
_pdbx_audit_revision_details.provider            repository 
_pdbx_audit_revision_details.type                'Initial release' 
_pdbx_audit_revision_details.description         ? 
_pdbx_audit_revision_details.details             ? 
# 
loop_
_pdbx_audit_revision_group.ordinal 
_pdbx_audit_revision_group.revision_ordinal 
_pdbx_audit_revision_group.data_content_type 
_pdbx_audit_revision_group.group 
1 2 'Structure model' 'Data collection'      
2 2 'Structure model' 'Database references'  
3 2 'Structure model' 'Derived calculations' 
# 
loop_
_pdbx_audit_revision_category.ordinal 
_pdbx_audit_revision_category.revision_ordinal 
_pdbx_audit_revision_category.data_content_type 
_pdbx_audit_revision_category.category 
1 2 'Structure model' chem_comp_atom     
2 2 'Structure model' chem_comp_bond     
3 2 'Structure model' database_2         
4 2 'Structure model' struct_ref_seq_dif 
5 2 'Structure model' struct_site        
# 
loop_
_pdbx_audit_revision_item.ordinal 
_pdbx_audit_revision_item.revision_ordinal 
_pdbx_audit_revision_item.data_content_type 
_pdbx_audit_revision_item.item 
1 2 'Structure model' '_database_2.pdbx_DOI'                
2 2 'Structure model' '_database_2.pdbx_database_accession' 
3 2 'Structure model' '_struct_ref_seq_dif.details'         
4 2 'Structure model' '_struct_site.pdbx_auth_asym_id'      
5 2 'Structure model' '_struct_site.pdbx_auth_comp_id'      
6 2 'Structure model' '_struct_site.pdbx_auth_seq_id'       
# 
_pdbx_database_status.status_code                     REL 
_pdbx_database_status.entry_id                        3RCO 
_pdbx_database_status.recvd_initial_deposition_date   2011-03-31 
_pdbx_database_status.deposit_site                    RCSB 
_pdbx_database_status.process_site                    RCSB 
_pdbx_database_status.status_code_sf                  REL 
_pdbx_database_status.status_code_mr                  ? 
_pdbx_database_status.SG_entry                        Y 
_pdbx_database_status.status_code_cs                  ? 
_pdbx_database_status.pdb_format_compatible           Y 
_pdbx_database_status.status_code_nmr_data            ? 
_pdbx_database_status.methods_development_category    ? 
# 
loop_
_audit_author.name 
_audit_author.pdbx_ordinal 
'Dong, A.'                             1  
'Xu, C.'                               2  
'Walker, J.R.'                         3  
'Lam, R.'                              4  
'Guo, Y.'                              5  
'Bian, C.'                             6  
'Li, Y.'                               7  
'Bountra, C.'                          8  
'Weigelt, J.'                          9  
'Arrowsmith, C.H.'                     10 
'Edwards, A.M.'                        11 
'Min, J.'                              12 
'Structural Genomics Consortium (SGC)' 13 
# 
_citation.id                        primary 
_citation.title                     'Crystal structure of a conserved motif in human TDRD7' 
_citation.journal_abbrev            'To be Published' 
_citation.journal_volume            ? 
_citation.page_first                ? 
_citation.page_last                 ? 
_citation.year                      ? 
_citation.journal_id_ASTM           ? 
_citation.country                   ? 
_citation.journal_id_ISSN           ? 
_citation.journal_id_CSD            0353 
_citation.book_publisher            ? 
_citation.pdbx_database_id_PubMed   ? 
_citation.pdbx_database_id_DOI      ? 
# 
loop_
_citation_author.citation_id 
_citation_author.name 
_citation_author.ordinal 
_citation_author.identifier_ORCID 
primary 'Xu, C.'                               1  ? 
primary 'Dong, A.'                             2  ? 
primary 'Walker, J.R.'                         3  ? 
primary 'Lam, R.'                              4  ? 
primary 'Guo, Y.'                              5  ? 
primary 'Bian, C.'                             6  ? 
primary 'Li, Y.'                               7  ? 
primary 'Bountra, C.'                          8  ? 
primary 'Weigelt, J.'                          9  ? 
primary 'Arrowsmith, C.H.'                     10 ? 
primary 'Edwards, A.M.'                        11 ? 
primary 'Min, J.'                              12 ? 
primary 'Structural Genomics Consortium (SGC)' 13 ? 
# 
loop_
_entity.id 
_entity.type 
_entity.src_method 
_entity.pdbx_description 
_entity.formula_weight 
_entity.pdbx_number_of_molecules 
_entity.pdbx_ec 
_entity.pdbx_mutation 
_entity.pdbx_fragment 
_entity.details 
1 polymer     man 'Tudor domain-containing protein 7' 9992.499 2   ? ? ? ? 
2 non-polymer syn 'CHLORIDE ION'                      35.453   11  ? ? ? ? 
3 water       nat water                               18.015   176 ? ? ? ? 
# 
_entity_name_com.entity_id   1 
_entity_name_com.name        'PCTAIRE2-binding protein, Tudor repeat associator with PCTAIRE 2, Trap' 
# 
_entity_poly.entity_id                      1 
_entity_poly.type                           'polypeptide(L)' 
_entity_poly.nstd_linkage                   no 
_entity_poly.nstd_monomer                   no 
_entity_poly.pdbx_seq_one_letter_code       
;ENLYFQGMLEGDLVSKMLRAVLQSHKNGVALPRLQGEYRSLTGDWIPFKQLGFPTLEAYLRSVPAVVRIETSRSGEITCY
AMACTETAR
;
_entity_poly.pdbx_seq_one_letter_code_can   
;ENLYFQGMLEGDLVSKMLRAVLQSHKNGVALPRLQGEYRSLTGDWIPFKQLGFPTLEAYLRSVPAVVRIETSRSGEITCY
AMACTETAR
;
_entity_poly.pdbx_strand_id                 A,B 
_entity_poly.pdbx_target_identifier         ? 
# 
loop_
_pdbx_entity_nonpoly.entity_id 
_pdbx_entity_nonpoly.name 
_pdbx_entity_nonpoly.comp_id 
2 'CHLORIDE ION' CL  
3 water          HOH 
# 
loop_
_entity_poly_seq.entity_id 
_entity_poly_seq.num 
_entity_poly_seq.mon_id 
_entity_poly_seq.hetero 
1 1  GLU n 
1 2  ASN n 
1 3  LEU n 
1 4  TYR n 
1 5  PHE n 
1 6  GLN n 
1 7  GLY n 
1 8  MET n 
1 9  LEU n 
1 10 GLU n 
1 11 GLY n 
1 12 ASP n 
1 13 LEU n 
1 14 VAL n 
1 15 SER n 
1 16 LYS n 
1 17 MET n 
1 18 LEU n 
1 19 ARG n 
1 20 ALA n 
1 21 VAL n 
1 22 LEU n 
1 23 GLN n 
1 24 SER n 
1 25 HIS n 
1 26 LYS n 
1 27 ASN n 
1 28 GLY n 
1 29 VAL n 
1 30 ALA n 
1 31 LEU n 
1 32 PRO n 
1 33 ARG n 
1 34 LEU n 
1 35 GLN n 
1 36 GLY n 
1 37 GLU n 
1 38 TYR n 
1 39 ARG n 
1 40 SER n 
1 41 LEU n 
1 42 THR n 
1 43 GLY n 
1 44 ASP n 
1 45 TRP n 
1 46 ILE n 
1 47 PRO n 
1 48 PHE n 
1 49 LYS n 
1 50 GLN n 
1 51 LEU n 
1 52 GLY n 
1 53 PHE n 
1 54 PRO n 
1 55 THR n 
1 56 LEU n 
1 57 GLU n 
1 58 ALA n 
1 59 TYR n 
1 60 LEU n 
1 61 ARG n 
1 62 SER n 
1 63 VAL n 
1 64 PRO n 
1 65 ALA n 
1 66 VAL n 
1 67 VAL n 
1 68 ARG n 
1 69 ILE n 
1 70 GLU n 
1 71 THR n 
1 72 SER n 
1 73 ARG n 
1 74 SER n 
1 75 GLY n 
1 76 GLU n 
1 77 ILE n 
1 78 THR n 
1 79 CYS n 
1 80 TYR n 
1 81 ALA n 
1 82 MET n 
1 83 ALA n 
1 84 CYS n 
1 85 THR n 
1 86 GLU n 
1 87 THR n 
1 88 ALA n 
1 89 ARG n 
# 
_entity_src_gen.entity_id                          1 
_entity_src_gen.pdbx_src_id                        1 
_entity_src_gen.pdbx_alt_source_flag               sample 
_entity_src_gen.pdbx_seq_type                      ? 
_entity_src_gen.pdbx_beg_seq_num                   ? 
_entity_src_gen.pdbx_end_seq_num                   ? 
_entity_src_gen.gene_src_common_name               human 
_entity_src_gen.gene_src_genus                     ? 
_entity_src_gen.pdbx_gene_src_gene                 'TDRD7, PCTAIRE2BP' 
_entity_src_gen.gene_src_species                   ? 
_entity_src_gen.gene_src_strain                    ? 
_entity_src_gen.gene_src_tissue                    ? 
_entity_src_gen.gene_src_tissue_fraction           ? 
_entity_src_gen.gene_src_details                   ? 
_entity_src_gen.pdbx_gene_src_fragment             ? 
_entity_src_gen.pdbx_gene_src_scientific_name      'Homo sapiens' 
_entity_src_gen.pdbx_gene_src_ncbi_taxonomy_id     9606 
_entity_src_gen.pdbx_gene_src_variant              ? 
_entity_src_gen.pdbx_gene_src_cell_line            ? 
_entity_src_gen.pdbx_gene_src_atcc                 ? 
_entity_src_gen.pdbx_gene_src_organ                ? 
_entity_src_gen.pdbx_gene_src_organelle            ? 
_entity_src_gen.pdbx_gene_src_cell                 ? 
_entity_src_gen.pdbx_gene_src_cellular_location    ? 
_entity_src_gen.host_org_common_name               ? 
_entity_src_gen.pdbx_host_org_scientific_name      'Escherichia coli' 
_entity_src_gen.pdbx_host_org_ncbi_taxonomy_id     469008 
_entity_src_gen.host_org_genus                     ? 
_entity_src_gen.pdbx_host_org_gene                 ? 
_entity_src_gen.pdbx_host_org_organ                ? 
_entity_src_gen.host_org_species                   ? 
_entity_src_gen.pdbx_host_org_tissue               ? 
_entity_src_gen.pdbx_host_org_tissue_fraction      ? 
_entity_src_gen.pdbx_host_org_strain               'BL21 (DE3) Codon plus RIL' 
_entity_src_gen.pdbx_host_org_variant              ? 
_entity_src_gen.pdbx_host_org_cell_line            ? 
_entity_src_gen.pdbx_host_org_atcc                 ? 
_entity_src_gen.pdbx_host_org_culture_collection   ? 
_entity_src_gen.pdbx_host_org_cell                 ? 
_entity_src_gen.pdbx_host_org_organelle            ? 
_entity_src_gen.pdbx_host_org_cellular_location    ? 
_entity_src_gen.pdbx_host_org_vector_type          Plasmid 
_entity_src_gen.pdbx_host_org_vector               ? 
_entity_src_gen.host_org_details                   ? 
_entity_src_gen.expression_system_id               ? 
_entity_src_gen.plasmid_name                       pet28-MHL 
_entity_src_gen.plasmid_details                    ? 
_entity_src_gen.pdbx_description                   ? 
# 
loop_
_chem_comp.id 
_chem_comp.type 
_chem_comp.mon_nstd_flag 
_chem_comp.name 
_chem_comp.pdbx_synonyms 
_chem_comp.formula 
_chem_comp.formula_weight 
ALA 'L-peptide linking' y ALANINE         ? 'C3 H7 N O2'     89.093  
ARG 'L-peptide linking' y ARGININE        ? 'C6 H15 N4 O2 1' 175.209 
ASN 'L-peptide linking' y ASPARAGINE      ? 'C4 H8 N2 O3'    132.118 
ASP 'L-peptide linking' y 'ASPARTIC ACID' ? 'C4 H7 N O4'     133.103 
CL  non-polymer         . 'CHLORIDE ION'  ? 'Cl -1'          35.453  
CYS 'L-peptide linking' y CYSTEINE        ? 'C3 H7 N O2 S'   121.158 
GLN 'L-peptide linking' y GLUTAMINE       ? 'C5 H10 N2 O3'   146.144 
GLU 'L-peptide linking' y 'GLUTAMIC ACID' ? 'C5 H9 N O4'     147.129 
GLY 'peptide linking'   y GLYCINE         ? 'C2 H5 N O2'     75.067  
HIS 'L-peptide linking' y HISTIDINE       ? 'C6 H10 N3 O2 1' 156.162 
HOH non-polymer         . WATER           ? 'H2 O'           18.015  
ILE 'L-peptide linking' y ISOLEUCINE      ? 'C6 H13 N O2'    131.173 
LEU 'L-peptide linking' y LEUCINE         ? 'C6 H13 N O2'    131.173 
LYS 'L-peptide linking' y LYSINE          ? 'C6 H15 N2 O2 1' 147.195 
MET 'L-peptide linking' y METHIONINE      ? 'C5 H11 N O2 S'  149.211 
PHE 'L-peptide linking' y PHENYLALANINE   ? 'C9 H11 N O2'    165.189 
PRO 'L-peptide linking' y PROLINE         ? 'C5 H9 N O2'     115.130 
SER 'L-peptide linking' y SERINE          ? 'C3 H7 N O3'     105.093 
THR 'L-peptide linking' y THREONINE       ? 'C4 H9 N O3'     119.119 
TRP 'L-peptide linking' y TRYPTOPHAN      ? 'C11 H12 N2 O2'  204.225 
TYR 'L-peptide linking' y TYROSINE        ? 'C9 H11 N O3'    181.189 
VAL 'L-peptide linking' y VALINE          ? 'C5 H11 N O2'    117.146 
# 
loop_
_pdbx_poly_seq_scheme.asym_id 
_pdbx_poly_seq_scheme.entity_id 
_pdbx_poly_seq_scheme.seq_id 
_pdbx_poly_seq_scheme.mon_id 
_pdbx_poly_seq_scheme.ndb_seq_num 
_pdbx_poly_seq_scheme.pdb_seq_num 
_pdbx_poly_seq_scheme.auth_seq_num 
_pdbx_poly_seq_scheme.pdb_mon_id 
_pdbx_poly_seq_scheme.auth_mon_id 
_pdbx_poly_seq_scheme.pdb_strand_id 
_pdbx_poly_seq_scheme.pdb_ins_code 
_pdbx_poly_seq_scheme.hetero 
A 1 1  GLU 1  11 ?  ?   ?   A . n 
A 1 2  ASN 2  12 ?  ?   ?   A . n 
A 1 3  LEU 3  13 ?  ?   ?   A . n 
A 1 4  TYR 4  14 ?  ?   ?   A . n 
A 1 5  PHE 5  15 ?  ?   ?   A . n 
A 1 6  GLN 6  16 ?  ?   ?   A . n 
A 1 7  GLY 7  17 ?  ?   ?   A . n 
A 1 8  MET 8  18 18 MET MET A . n 
A 1 9  LEU 9  19 19 LEU LEU A . n 
A 1 10 GLU 10 20 20 GLU GLU A . n 
A 1 11 GLY 11 21 21 GLY GLY A . n 
A 1 12 ASP 12 22 22 ASP ASP A . n 
A 1 13 LEU 13 23 23 LEU LEU A . n 
A 1 14 VAL 14 24 24 VAL VAL A . n 
A 1 15 SER 15 25 25 SER SER A . n 
A 1 16 LYS 16 26 26 LYS LYS A . n 
A 1 17 MET 17 27 27 MET MET A . n 
A 1 18 LEU 18 28 28 LEU LEU A . n 
A 1 19 ARG 19 29 29 ARG ARG A . n 
A 1 20 ALA 20 30 30 ALA ALA A . n 
A 1 21 VAL 21 31 31 VAL VAL A . n 
A 1 22 LEU 22 32 32 LEU LEU A . n 
A 1 23 GLN 23 33 33 GLN GLN A . n 
A 1 24 SER 24 34 34 SER SER A . n 
A 1 25 HIS 25 35 35 HIS HIS A . n 
A 1 26 LYS 26 36 36 LYS LYS A . n 
A 1 27 ASN 27 37 37 ASN ASN A . n 
A 1 28 GLY 28 38 38 GLY GLY A . n 
A 1 29 VAL 29 39 39 VAL VAL A . n 
A 1 30 ALA 30 40 40 ALA ALA A . n 
A 1 31 LEU 31 41 41 LEU LEU A . n 
A 1 32 PRO 32 42 42 PRO PRO A . n 
A 1 33 ARG 33 43 43 ARG ARG A . n 
A 1 34 LEU 34 44 44 LEU LEU A . n 
A 1 35 GLN 35 45 45 GLN GLN A . n 
A 1 36 GLY 36 46 46 GLY GLY A . n 
A 1 37 GLU 37 47 47 GLU GLU A . n 
A 1 38 TYR 38 48 48 TYR TYR A . n 
A 1 39 ARG 39 49 49 ARG ARG A . n 
A 1 40 SER 40 50 50 SER SER A . n 
A 1 41 LEU 41 51 51 LEU LEU A . n 
A 1 42 THR 42 52 52 THR THR A . n 
A 1 43 GLY 43 53 53 GLY GLY A . n 
A 1 44 ASP 44 54 54 ASP ASP A . n 
A 1 45 TRP 45 55 55 TRP TRP A . n 
A 1 46 ILE 46 56 56 ILE ILE A . n 
A 1 47 PRO 47 57 57 PRO PRO A . n 
A 1 48 PHE 48 58 58 PHE PHE A . n 
A 1 49 LYS 49 59 59 LYS LYS A . n 
A 1 50 GLN 50 60 60 GLN GLN A . n 
A 1 51 LEU 51 61 61 LEU LEU A . n 
A 1 52 GLY 52 62 62 GLY GLY A . n 
A 1 53 PHE 53 63 63 PHE PHE A . n 
A 1 54 PRO 54 64 64 PRO PRO A . n 
A 1 55 THR 55 65 65 THR THR A . n 
A 1 56 LEU 56 66 66 LEU LEU A . n 
A 1 57 GLU 57 67 67 GLU GLU A . n 
A 1 58 ALA 58 68 68 ALA ALA A . n 
A 1 59 TYR 59 69 69 TYR TYR A . n 
A 1 60 LEU 60 70 70 LEU LEU A . n 
A 1 61 ARG 61 71 71 ARG ARG A . n 
A 1 62 SER 62 72 72 SER SER A . n 
A 1 63 VAL 63 73 73 VAL VAL A . n 
A 1 64 PRO 64 74 74 PRO PRO A . n 
A 1 65 ALA 65 75 75 ALA ALA A . n 
A 1 66 VAL 66 76 76 VAL VAL A . n 
A 1 67 VAL 67 77 77 VAL VAL A . n 
A 1 68 ARG 68 78 78 ARG ARG A . n 
A 1 69 ILE 69 79 79 ILE ILE A . n 
A 1 70 GLU 70 80 80 GLU GLU A . n 
A 1 71 THR 71 81 81 THR THR A . n 
A 1 72 SER 72 82 82 SER SER A . n 
A 1 73 ARG 73 83 83 ARG ARG A . n 
A 1 74 SER 74 84 84 SER SER A . n 
A 1 75 GLY 75 85 85 GLY GLY A . n 
A 1 76 GLU 76 86 86 GLU GLU A . n 
A 1 77 ILE 77 87 87 ILE ILE A . n 
A 1 78 THR 78 88 88 THR THR A . n 
A 1 79 CYS 79 89 89 CYS CYS A . n 
A 1 80 TYR 80 90 90 TYR TYR A . n 
A 1 81 ALA 81 91 91 ALA ALA A . n 
A 1 82 MET 82 92 92 MET MET A . n 
A 1 83 ALA 83 93 93 ALA ALA A . n 
A 1 84 CYS 84 94 ?  ?   ?   A . n 
A 1 85 THR 85 95 ?  ?   ?   A . n 
A 1 86 GLU 86 96 ?  ?   ?   A . n 
A 1 87 THR 87 97 ?  ?   ?   A . n 
A 1 88 ALA 88 98 ?  ?   ?   A . n 
A 1 89 ARG 89 99 ?  ?   ?   A . n 
B 1 1  GLU 1  11 ?  ?   ?   B . n 
B 1 2  ASN 2  12 ?  ?   ?   B . n 
B 1 3  LEU 3  13 ?  ?   ?   B . n 
B 1 4  TYR 4  14 ?  ?   ?   B . n 
B 1 5  PHE 5  15 ?  ?   ?   B . n 
B 1 6  GLN 6  16 ?  ?   ?   B . n 
B 1 7  GLY 7  17 17 GLY GLY B . n 
B 1 8  MET 8  18 18 MET MET B . n 
B 1 9  LEU 9  19 19 LEU LEU B . n 
B 1 10 GLU 10 20 20 GLU GLU B . n 
B 1 11 GLY 11 21 21 GLY GLY B . n 
B 1 12 ASP 12 22 22 ASP ASP B . n 
B 1 13 LEU 13 23 23 LEU LEU B . n 
B 1 14 VAL 14 24 24 VAL VAL B . n 
B 1 15 SER 15 25 25 SER SER B . n 
B 1 16 LYS 16 26 26 LYS LYS B . n 
B 1 17 MET 17 27 27 MET MET B . n 
B 1 18 LEU 18 28 28 LEU LEU B . n 
B 1 19 ARG 19 29 29 ARG ARG B . n 
B 1 20 ALA 20 30 30 ALA ALA B . n 
B 1 21 VAL 21 31 31 VAL VAL B . n 
B 1 22 LEU 22 32 32 LEU LEU B . n 
B 1 23 GLN 23 33 33 GLN GLN B . n 
B 1 24 SER 24 34 34 SER SER B . n 
B 1 25 HIS 25 35 35 HIS HIS B . n 
B 1 26 LYS 26 36 36 LYS LYS B . n 
B 1 27 ASN 27 37 37 ASN ASN B . n 
B 1 28 GLY 28 38 38 GLY GLY B . n 
B 1 29 VAL 29 39 39 VAL VAL B . n 
B 1 30 ALA 30 40 40 ALA ALA B . n 
B 1 31 LEU 31 41 41 LEU LEU B . n 
B 1 32 PRO 32 42 42 PRO PRO B . n 
B 1 33 ARG 33 43 43 ARG ARG B . n 
B 1 34 LEU 34 44 44 LEU LEU B . n 
B 1 35 GLN 35 45 45 GLN GLN B . n 
B 1 36 GLY 36 46 46 GLY GLY B . n 
B 1 37 GLU 37 47 47 GLU GLU B . n 
B 1 38 TYR 38 48 48 TYR TYR B . n 
B 1 39 ARG 39 49 49 ARG ARG B . n 
B 1 40 SER 40 50 50 SER SER B . n 
B 1 41 LEU 41 51 51 LEU LEU B . n 
B 1 42 THR 42 52 52 THR THR B . n 
B 1 43 GLY 43 53 53 GLY GLY B . n 
B 1 44 ASP 44 54 54 ASP ASP B . n 
B 1 45 TRP 45 55 55 TRP TRP B . n 
B 1 46 ILE 46 56 56 ILE ILE B . n 
B 1 47 PRO 47 57 57 PRO PRO B . n 
B 1 48 PHE 48 58 58 PHE PHE B . n 
B 1 49 LYS 49 59 59 LYS LYS B . n 
B 1 50 GLN 50 60 60 GLN GLN B . n 
B 1 51 LEU 51 61 61 LEU LEU B . n 
B 1 52 GLY 52 62 62 GLY GLY B . n 
B 1 53 PHE 53 63 63 PHE PHE B . n 
B 1 54 PRO 54 64 64 PRO PRO B . n 
B 1 55 THR 55 65 65 THR THR B . n 
B 1 56 LEU 56 66 66 LEU LEU B . n 
B 1 57 GLU 57 67 67 GLU GLU B . n 
B 1 58 ALA 58 68 68 ALA ALA B . n 
B 1 59 TYR 59 69 69 TYR TYR B . n 
B 1 60 LEU 60 70 70 LEU LEU B . n 
B 1 61 ARG 61 71 71 ARG ARG B . n 
B 1 62 SER 62 72 72 SER SER B . n 
B 1 63 VAL 63 73 73 VAL VAL B . n 
B 1 64 PRO 64 74 74 PRO PRO B . n 
B 1 65 ALA 65 75 75 ALA ALA B . n 
B 1 66 VAL 66 76 76 VAL VAL B . n 
B 1 67 VAL 67 77 77 VAL VAL B . n 
B 1 68 ARG 68 78 78 ARG ARG B . n 
B 1 69 ILE 69 79 79 ILE ILE B . n 
B 1 70 GLU 70 80 80 GLU GLU B . n 
B 1 71 THR 71 81 81 THR THR B . n 
B 1 72 SER 72 82 82 SER SER B . n 
B 1 73 ARG 73 83 83 ARG ARG B . n 
B 1 74 SER 74 84 84 SER SER B . n 
B 1 75 GLY 75 85 85 GLY GLY B . n 
B 1 76 GLU 76 86 86 GLU GLU B . n 
B 1 77 ILE 77 87 87 ILE ILE B . n 
B 1 78 THR 78 88 88 THR THR B . n 
B 1 79 CYS 79 89 89 CYS CYS B . n 
B 1 80 TYR 80 90 90 TYR TYR B . n 
B 1 81 ALA 81 91 91 ALA ALA B . n 
B 1 82 MET 82 92 92 MET MET B . n 
B 1 83 ALA 83 93 93 ALA ALA B . n 
B 1 84 CYS 84 94 94 CYS CYS B . n 
B 1 85 THR 85 95 ?  ?   ?   B . n 
B 1 86 GLU 86 96 ?  ?   ?   B . n 
B 1 87 THR 87 97 ?  ?   ?   B . n 
B 1 88 ALA 88 98 ?  ?   ?   B . n 
B 1 89 ARG 89 99 ?  ?   ?   B . n 
# 
loop_
_pdbx_nonpoly_scheme.asym_id 
_pdbx_nonpoly_scheme.entity_id 
_pdbx_nonpoly_scheme.mon_id 
_pdbx_nonpoly_scheme.ndb_seq_num 
_pdbx_nonpoly_scheme.pdb_seq_num 
_pdbx_nonpoly_scheme.auth_seq_num 
_pdbx_nonpoly_scheme.pdb_mon_id 
_pdbx_nonpoly_scheme.auth_mon_id 
_pdbx_nonpoly_scheme.pdb_strand_id 
_pdbx_nonpoly_scheme.pdb_ins_code 
C 2 CL  1   2   2   CL  CL  A . 
D 2 CL  1   3   3   CL  CL  A . 
E 2 CL  1   6   6   CL  CL  A . 
F 2 CL  1   1   1   CL  CL  B . 
G 2 CL  1   4   4   CL  CL  B . 
H 2 CL  1   5   5   CL  CL  B . 
I 2 CL  1   7   7   CL  CL  B . 
J 2 CL  1   8   8   CL  CL  B . 
K 2 CL  1   9   9   CL  CL  B . 
L 2 CL  1   10  10  CL  CL  B . 
M 2 CL  1   100 11  CL  CL  B . 
N 3 HOH 1   10  10  HOH HOH A . 
N 3 HOH 2   100 100 HOH HOH A . 
N 3 HOH 3   101 101 HOH HOH A . 
N 3 HOH 4   102 2   HOH HOH A . 
N 3 HOH 5   103 103 HOH HOH A . 
N 3 HOH 6   104 3   HOH HOH A . 
N 3 HOH 7   105 105 HOH HOH A . 
N 3 HOH 8   106 11  HOH HOH A . 
N 3 HOH 9   107 107 HOH HOH A . 
N 3 HOH 10  108 16  HOH HOH A . 
N 3 HOH 11  109 109 HOH HOH A . 
N 3 HOH 12  110 20  HOH HOH A . 
N 3 HOH 13  111 111 HOH HOH A . 
N 3 HOH 14  112 23  HOH HOH A . 
N 3 HOH 15  113 113 HOH HOH A . 
N 3 HOH 16  114 114 HOH HOH A . 
N 3 HOH 17  115 115 HOH HOH A . 
N 3 HOH 18  116 25  HOH HOH A . 
N 3 HOH 19  117 31  HOH HOH A . 
N 3 HOH 20  118 32  HOH HOH A . 
N 3 HOH 21  119 33  HOH HOH A . 
N 3 HOH 22  120 36  HOH HOH A . 
N 3 HOH 23  121 43  HOH HOH A . 
N 3 HOH 24  122 44  HOH HOH A . 
N 3 HOH 25  123 46  HOH HOH A . 
N 3 HOH 26  124 48  HOH HOH A . 
N 3 HOH 27  125 49  HOH HOH A . 
N 3 HOH 28  126 141 HOH HOH A . 
N 3 HOH 29  127 51  HOH HOH A . 
N 3 HOH 30  128 52  HOH HOH A . 
N 3 HOH 31  129 55  HOH HOH A . 
N 3 HOH 32  130 130 HOH HOH A . 
N 3 HOH 33  131 56  HOH HOH A . 
N 3 HOH 34  132 58  HOH HOH A . 
N 3 HOH 35  133 59  HOH HOH A . 
N 3 HOH 36  134 61  HOH HOH A . 
N 3 HOH 37  135 135 HOH HOH A . 
N 3 HOH 38  136 65  HOH HOH A . 
N 3 HOH 39  137 67  HOH HOH A . 
N 3 HOH 40  138 68  HOH HOH A . 
N 3 HOH 41  139 69  HOH HOH A . 
N 3 HOH 42  140 140 HOH HOH A . 
N 3 HOH 43  141 70  HOH HOH A . 
N 3 HOH 44  143 74  HOH HOH A . 
N 3 HOH 45  144 77  HOH HOH A . 
N 3 HOH 46  145 80  HOH HOH A . 
N 3 HOH 47  146 83  HOH HOH A . 
N 3 HOH 48  147 87  HOH HOH A . 
N 3 HOH 49  148 92  HOH HOH A . 
N 3 HOH 50  149 93  HOH HOH A . 
N 3 HOH 51  150 95  HOH HOH A . 
N 3 HOH 52  151 96  HOH HOH A . 
N 3 HOH 53  152 152 HOH HOH A . 
N 3 HOH 54  153 97  HOH HOH A . 
N 3 HOH 55  154 154 HOH HOH A . 
N 3 HOH 56  155 98  HOH HOH A . 
N 3 HOH 57  158 158 HOH HOH A . 
N 3 HOH 58  162 162 HOH HOH A . 
N 3 HOH 59  165 165 HOH HOH A . 
N 3 HOH 60  167 167 HOH HOH A . 
N 3 HOH 61  172 172 HOH HOH A . 
N 3 HOH 62  183 183 HOH HOH A . 
N 3 HOH 63  191 191 HOH HOH A . 
N 3 HOH 64  207 207 HOH HOH A . 
N 3 HOH 65  218 218 HOH HOH A . 
N 3 HOH 66  360 360 HOH HOH A . 
N 3 HOH 67  376 376 HOH HOH A . 
N 3 HOH 68  377 377 HOH HOH A . 
N 3 HOH 69  378 378 HOH HOH A . 
N 3 HOH 70  379 379 HOH HOH A . 
O 3 HOH 1   6   6   HOH HOH B . 
O 3 HOH 2   101 1   HOH HOH B . 
O 3 HOH 3   102 4   HOH HOH B . 
O 3 HOH 4   103 5   HOH HOH B . 
O 3 HOH 5   104 104 HOH HOH B . 
O 3 HOH 6   105 14  HOH HOH B . 
O 3 HOH 7   106 106 HOH HOH B . 
O 3 HOH 8   107 15  HOH HOH B . 
O 3 HOH 9   108 108 HOH HOH B . 
O 3 HOH 10  109 17  HOH HOH B . 
O 3 HOH 11  110 18  HOH HOH B . 
O 3 HOH 12  111 19  HOH HOH B . 
O 3 HOH 13  112 21  HOH HOH B . 
O 3 HOH 14  113 22  HOH HOH B . 
O 3 HOH 15  114 24  HOH HOH B . 
O 3 HOH 16  115 26  HOH HOH B . 
O 3 HOH 17  116 116 HOH HOH B . 
O 3 HOH 18  117 117 HOH HOH B . 
O 3 HOH 19  118 118 HOH HOH B . 
O 3 HOH 20  119 119 HOH HOH B . 
O 3 HOH 21  120 120 HOH HOH B . 
O 3 HOH 22  121 121 HOH HOH B . 
O 3 HOH 23  122 28  HOH HOH B . 
O 3 HOH 24  123 123 HOH HOH B . 
O 3 HOH 25  124 124 HOH HOH B . 
O 3 HOH 26  125 125 HOH HOH B . 
O 3 HOH 27  126 126 HOH HOH B . 
O 3 HOH 28  127 127 HOH HOH B . 
O 3 HOH 29  128 128 HOH HOH B . 
O 3 HOH 30  129 129 HOH HOH B . 
O 3 HOH 31  130 30  HOH HOH B . 
O 3 HOH 32  131 131 HOH HOH B . 
O 3 HOH 33  132 34  HOH HOH B . 
O 3 HOH 34  133 133 HOH HOH B . 
O 3 HOH 35  134 134 HOH HOH B . 
O 3 HOH 36  135 35  HOH HOH B . 
O 3 HOH 37  136 136 HOH HOH B . 
O 3 HOH 38  137 37  HOH HOH B . 
O 3 HOH 39  138 138 HOH HOH B . 
O 3 HOH 40  139 139 HOH HOH B . 
O 3 HOH 41  140 38  HOH HOH B . 
O 3 HOH 42  142 142 HOH HOH B . 
O 3 HOH 43  143 143 HOH HOH B . 
O 3 HOH 44  144 40  HOH HOH B . 
O 3 HOH 45  145 41  HOH HOH B . 
O 3 HOH 46  146 146 HOH HOH B . 
O 3 HOH 47  147 147 HOH HOH B . 
O 3 HOH 48  148 148 HOH HOH B . 
O 3 HOH 49  149 42  HOH HOH B . 
O 3 HOH 50  150 150 HOH HOH B . 
O 3 HOH 51  151 151 HOH HOH B . 
O 3 HOH 52  152 45  HOH HOH B . 
O 3 HOH 53  153 47  HOH HOH B . 
O 3 HOH 54  154 50  HOH HOH B . 
O 3 HOH 55  155 155 HOH HOH B . 
O 3 HOH 56  156 156 HOH HOH B . 
O 3 HOH 57  157 157 HOH HOH B . 
O 3 HOH 58  158 53  HOH HOH B . 
O 3 HOH 59  159 159 HOH HOH B . 
O 3 HOH 60  160 160 HOH HOH B . 
O 3 HOH 61  161 161 HOH HOH B . 
O 3 HOH 62  162 54  HOH HOH B . 
O 3 HOH 63  163 163 HOH HOH B . 
O 3 HOH 64  164 164 HOH HOH B . 
O 3 HOH 65  165 57  HOH HOH B . 
O 3 HOH 66  166 166 HOH HOH B . 
O 3 HOH 67  167 60  HOH HOH B . 
O 3 HOH 68  168 62  HOH HOH B . 
O 3 HOH 69  169 169 HOH HOH B . 
O 3 HOH 70  170 170 HOH HOH B . 
O 3 HOH 71  171 171 HOH HOH B . 
O 3 HOH 72  172 63  HOH HOH B . 
O 3 HOH 73  173 173 HOH HOH B . 
O 3 HOH 74  174 174 HOH HOH B . 
O 3 HOH 75  175 175 HOH HOH B . 
O 3 HOH 76  176 64  HOH HOH B . 
O 3 HOH 77  177 177 HOH HOH B . 
O 3 HOH 78  178 66  HOH HOH B . 
O 3 HOH 79  179 71  HOH HOH B . 
O 3 HOH 80  180 72  HOH HOH B . 
O 3 HOH 81  181 73  HOH HOH B . 
O 3 HOH 82  182 75  HOH HOH B . 
O 3 HOH 83  183 76  HOH HOH B . 
O 3 HOH 84  184 78  HOH HOH B . 
O 3 HOH 85  185 79  HOH HOH B . 
O 3 HOH 86  186 81  HOH HOH B . 
O 3 HOH 87  187 82  HOH HOH B . 
O 3 HOH 88  188 84  HOH HOH B . 
O 3 HOH 89  189 85  HOH HOH B . 
O 3 HOH 90  190 86  HOH HOH B . 
O 3 HOH 91  191 88  HOH HOH B . 
O 3 HOH 92  192 89  HOH HOH B . 
O 3 HOH 93  193 193 HOH HOH B . 
O 3 HOH 94  194 90  HOH HOH B . 
O 3 HOH 95  195 91  HOH HOH B . 
O 3 HOH 96  196 94  HOH HOH B . 
O 3 HOH 97  197 99  HOH HOH B . 
O 3 HOH 98  198 29  HOH HOH B . 
O 3 HOH 99  199 39  HOH HOH B . 
O 3 HOH 100 205 205 HOH HOH B . 
O 3 HOH 101 217 217 HOH HOH B . 
O 3 HOH 102 237 237 HOH HOH B . 
O 3 HOH 103 358 358 HOH HOH B . 
O 3 HOH 104 361 361 HOH HOH B . 
O 3 HOH 105 381 381 HOH HOH B . 
O 3 HOH 106 382 382 HOH HOH B . 
# 
loop_
_pdbx_unobs_or_zero_occ_atoms.id 
_pdbx_unobs_or_zero_occ_atoms.PDB_model_num 
_pdbx_unobs_or_zero_occ_atoms.polymer_flag 
_pdbx_unobs_or_zero_occ_atoms.occupancy_flag 
_pdbx_unobs_or_zero_occ_atoms.auth_asym_id 
_pdbx_unobs_or_zero_occ_atoms.auth_comp_id 
_pdbx_unobs_or_zero_occ_atoms.auth_seq_id 
_pdbx_unobs_or_zero_occ_atoms.PDB_ins_code 
_pdbx_unobs_or_zero_occ_atoms.auth_atom_id 
_pdbx_unobs_or_zero_occ_atoms.label_alt_id 
_pdbx_unobs_or_zero_occ_atoms.label_asym_id 
_pdbx_unobs_or_zero_occ_atoms.label_comp_id 
_pdbx_unobs_or_zero_occ_atoms.label_seq_id 
_pdbx_unobs_or_zero_occ_atoms.label_atom_id 
1  1 Y 1 A MET 18 ? CG  ? A MET 8  CG  
2  1 Y 1 A MET 18 ? SD  ? A MET 8  SD  
3  1 Y 1 A MET 18 ? CE  ? A MET 8  CE  
4  1 Y 1 A LYS 26 ? CD  ? A LYS 16 CD  
5  1 Y 1 A LYS 26 ? CE  ? A LYS 16 CE  
6  1 Y 1 A LYS 26 ? NZ  ? A LYS 16 NZ  
7  1 Y 1 A LYS 36 ? CG  ? A LYS 26 CG  
8  1 Y 1 A LYS 36 ? CD  ? A LYS 26 CD  
9  1 Y 1 A LYS 36 ? CE  ? A LYS 26 CE  
10 1 Y 1 A LYS 36 ? NZ  ? A LYS 26 NZ  
11 1 Y 1 A ARG 43 ? NE  ? A ARG 33 NE  
12 1 Y 1 A ARG 43 ? CZ  ? A ARG 33 CZ  
13 1 Y 1 A ARG 43 ? NH1 ? A ARG 33 NH1 
14 1 Y 1 A ARG 43 ? NH2 ? A ARG 33 NH2 
15 1 Y 1 B LYS 26 ? CD  ? B LYS 16 CD  
16 1 Y 1 B LYS 26 ? CE  ? B LYS 16 CE  
17 1 Y 1 B LYS 26 ? NZ  ? B LYS 16 NZ  
18 1 Y 1 B LYS 36 ? CG  ? B LYS 26 CG  
19 1 Y 1 B LYS 36 ? CD  ? B LYS 26 CD  
20 1 Y 1 B LYS 36 ? CE  ? B LYS 26 CE  
21 1 Y 1 B LYS 36 ? NZ  ? B LYS 26 NZ  
22 1 Y 0 B ARG 49 ? N   A B ARG 39 N   
23 1 Y 0 B ARG 49 ? CA  A B ARG 39 CA  
24 1 Y 0 B ARG 49 ? C   A B ARG 39 C   
25 1 Y 0 B ARG 49 ? O   A B ARG 39 O   
26 1 Y 0 B ARG 49 ? CB  A B ARG 39 CB  
27 1 Y 0 B ARG 49 ? CG  A B ARG 39 CG  
28 1 Y 0 B ARG 49 ? CD  A B ARG 39 CD  
29 1 Y 0 B ARG 49 ? NE  A B ARG 39 NE  
30 1 Y 0 B ARG 49 ? CZ  A B ARG 39 CZ  
31 1 Y 0 B ARG 49 ? NH1 A B ARG 39 NH1 
32 1 Y 0 B ARG 49 ? NH2 A B ARG 39 NH2 
# 
loop_
_software.name 
_software.classification 
_software.version 
_software.citation_id 
_software.pdbx_ordinal 
SBC-Collect 'data collection' .        ? 1 
SOLVE       phasing           .        ? 2 
REFMAC      refinement        5.5.0102 ? 3 
Coot        'model building'  0.6      ? 4 
HKL-3000    'data reduction'  .        ? 5 
HKL-3000    'data scaling'    .        ? 6 
# 
_cell.entry_id           3RCO 
_cell.length_a           99.788 
_cell.length_b           99.788 
_cell.length_c           99.788 
_cell.angle_alpha        90.00 
_cell.angle_beta         90.00 
_cell.angle_gamma        90.00 
_cell.Z_PDB              48 
_cell.pdbx_unique_axis   ? 
_cell.length_a_esd       ? 
_cell.length_b_esd       ? 
_cell.length_c_esd       ? 
_cell.angle_alpha_esd    ? 
_cell.angle_beta_esd     ? 
_cell.angle_gamma_esd    ? 
# 
_symmetry.entry_id                         3RCO 
_symmetry.space_group_name_H-M             'I 2 3' 
_symmetry.pdbx_full_space_group_name_H-M   ? 
_symmetry.cell_setting                     ? 
_symmetry.Int_Tables_number                197 
_symmetry.space_group_name_Hall            ? 
# 
_exptl.entry_id          3RCO 
_exptl.method            'X-RAY DIFFRACTION' 
_exptl.crystals_number   1 
# 
_exptl_crystal.id                    1 
_exptl_crystal.density_meas          ? 
_exptl_crystal.density_Matthews      2.07 
_exptl_crystal.density_percent_sol   40.63 
_exptl_crystal.description           ? 
_exptl_crystal.F_000                 ? 
_exptl_crystal.preparation           ? 
# 
_exptl_crystal_grow.crystal_id      1 
_exptl_crystal_grow.method          'VAPOR DIFFUSION, SITTING DROP' 
_exptl_crystal_grow.temp            297 
_exptl_crystal_grow.temp_details    ? 
_exptl_crystal_grow.pH              4.6 
_exptl_crystal_grow.pdbx_details    '0.1M NaOAc, 2.2-2.4M NaCl, VAPOR DIFFUSION, SITTING DROP, temperature 297K, pH 4.6' 
_exptl_crystal_grow.pdbx_pH_range   ? 
# 
_diffrn.id                     1 
_diffrn.ambient_temp           100 
_diffrn.ambient_temp_details   ? 
_diffrn.crystal_id             1 
# 
_diffrn_detector.diffrn_id              1 
_diffrn_detector.detector               CCD 
_diffrn_detector.type                   'ADSC QUANTUM 315' 
_diffrn_detector.pdbx_collection_date   2010-07-21 
_diffrn_detector.details                'Si 111' 
# 
_diffrn_radiation.diffrn_id                        1 
_diffrn_radiation.wavelength_id                    1 
_diffrn_radiation.pdbx_monochromatic_or_laue_m_l   M 
_diffrn_radiation.monochromator                    ? 
_diffrn_radiation.pdbx_diffrn_protocol             'SINGLE WAVELENGTH' 
_diffrn_radiation.pdbx_scattering_type             x-ray 
# 
_diffrn_radiation_wavelength.id           1 
_diffrn_radiation_wavelength.wavelength   0.97934 
_diffrn_radiation_wavelength.wt           1.0 
# 
_diffrn_source.diffrn_id                   1 
_diffrn_source.source                      SYNCHROTRON 
_diffrn_source.type                        'APS BEAMLINE 19-ID' 
_diffrn_source.pdbx_synchrotron_site       APS 
_diffrn_source.pdbx_synchrotron_beamline   19-ID 
_diffrn_source.pdbx_wavelength             ? 
_diffrn_source.pdbx_wavelength_list        0.97934 
# 
_reflns.entry_id                     3RCO 
_reflns.observed_criterion_sigma_I   0 
_reflns.observed_criterion_sigma_F   0 
_reflns.d_resolution_low             50 
_reflns.d_resolution_high            1.8 
_reflns.number_obs                   15460 
_reflns.number_all                   15460 
_reflns.percent_possible_obs         100 
_reflns.pdbx_Rmerge_I_obs            0.076 
_reflns.pdbx_Rsym_value              0.076 
_reflns.pdbx_netI_over_sigmaI        47.9 
_reflns.B_iso_Wilson_estimate        18.9 
_reflns.pdbx_redundancy              22.3 
_reflns.R_free_details               ? 
_reflns.limit_h_max                  ? 
_reflns.limit_h_min                  ? 
_reflns.limit_k_max                  ? 
_reflns.limit_k_min                  ? 
_reflns.limit_l_max                  ? 
_reflns.limit_l_min                  ? 
_reflns.observed_criterion_F_max     ? 
_reflns.observed_criterion_F_min     ? 
_reflns.pdbx_chi_squared             ? 
_reflns.pdbx_scaling_rejects         ? 
_reflns.pdbx_ordinal                 1 
_reflns.pdbx_diffrn_id               1 
# 
_reflns_shell.d_res_high             1.8 
_reflns_shell.d_res_low              1.86 
_reflns_shell.percent_possible_all   100 
_reflns_shell.Rmerge_I_obs           0.414 
_reflns_shell.pdbx_Rsym_value        ? 
_reflns_shell.meanI_over_sigI_obs    8.75 
_reflns_shell.pdbx_redundancy        21.6 
_reflns_shell.percent_possible_obs   ? 
_reflns_shell.number_unique_all      1500 
_reflns_shell.number_measured_all    ? 
_reflns_shell.number_measured_obs    ? 
_reflns_shell.number_unique_obs      ? 
_reflns_shell.pdbx_chi_squared       ? 
_reflns_shell.pdbx_ordinal           1 
_reflns_shell.pdbx_diffrn_id         1 
# 
_refine.entry_id                                 3RCO 
_refine.ls_number_reflns_obs                     14272 
_refine.ls_number_reflns_all                     15460 
_refine.pdbx_ls_sigma_I                          0 
_refine.pdbx_ls_sigma_F                          0 
_refine.pdbx_data_cutoff_high_absF               ? 
_refine.pdbx_data_cutoff_low_absF                ? 
_refine.pdbx_data_cutoff_high_rms_absF           ? 
_refine.ls_d_res_low                             50 
_refine.ls_d_res_high                            1.80 
_refine.ls_percent_reflns_obs                    99.95 
_refine.ls_R_factor_obs                          0.17794 
_refine.ls_R_factor_all                          0.17794 
_refine.ls_R_factor_R_work                       0.17364 
_refine.ls_R_factor_R_free                       0.23024 
_refine.ls_R_factor_R_free_error                 ? 
_refine.ls_R_factor_R_free_error_details         ? 
_refine.ls_percent_reflns_R_free                 7.6 
_refine.ls_number_reflns_R_free                  1180 
_refine.ls_number_parameters                     ? 
_refine.ls_number_restraints                     ? 
_refine.occupancy_min                            ? 
_refine.occupancy_max                            ? 
_refine.correlation_coeff_Fo_to_Fc               0.957 
_refine.correlation_coeff_Fo_to_Fc_free          0.929 
_refine.B_iso_mean                               20.087 
_refine.aniso_B[1][1]                            ? 
_refine.aniso_B[2][2]                            ? 
_refine.aniso_B[3][3]                            ? 
_refine.aniso_B[1][2]                            ? 
_refine.aniso_B[1][3]                            ? 
_refine.aniso_B[2][3]                            ? 
_refine.solvent_model_details                    MASK 
_refine.solvent_model_param_ksol                 ? 
_refine.solvent_model_param_bsol                 ? 
_refine.pdbx_solvent_vdw_probe_radii             1.40 
_refine.pdbx_solvent_ion_probe_radii             0.80 
_refine.pdbx_solvent_shrinkage_radii             0.80 
_refine.pdbx_ls_cross_valid_method               THROUGHOUT 
_refine.details                                  'HYDROGENS HAVE BEEN ADDED IN THE RIDING POSITIONS' 
_refine.pdbx_starting_model                      ? 
_refine.pdbx_method_to_determine_struct          SAD 
_refine.pdbx_isotropic_thermal_model             ? 
_refine.pdbx_stereochemistry_target_values       'MAXIMUM LIKELIHOOD' 
_refine.pdbx_stereochem_target_val_spec_case     ? 
_refine.pdbx_R_Free_selection_details            RANDOM 
_refine.pdbx_overall_ESU_R_Free                  0.133 
_refine.overall_SU_ML                            0.085 
_refine.overall_SU_B                             2.671 
_refine.overall_SU_R_Cruickshank_DPI             ? 
_refine.ls_redundancy_reflns_obs                 ? 
_refine.B_iso_min                                ? 
_refine.B_iso_max                                ? 
_refine.overall_SU_R_free                        ? 
_refine.ls_wR_factor_R_free                      ? 
_refine.ls_wR_factor_R_work                      ? 
_refine.overall_FOM_free_R_set                   ? 
_refine.overall_FOM_work_R_set                   ? 
_refine.pdbx_overall_phase_error                 ? 
_refine.pdbx_refine_id                           'X-RAY DIFFRACTION' 
_refine.pdbx_diffrn_id                           1 
_refine.pdbx_overall_ESU_R                       ? 
_refine.pdbx_TLS_residual_ADP_flag               ? 
_refine.pdbx_overall_SU_R_free_Cruickshank_DPI   ? 
_refine.pdbx_overall_SU_R_Blow_DPI               ? 
_refine.pdbx_overall_SU_R_free_Blow_DPI          ? 
# 
_refine_hist.pdbx_refine_id                   'X-RAY DIFFRACTION' 
_refine_hist.cycle_id                         LAST 
_refine_hist.pdbx_number_atoms_protein        1175 
_refine_hist.pdbx_number_atoms_nucleic_acid   0 
_refine_hist.pdbx_number_atoms_ligand         11 
_refine_hist.number_atoms_solvent             176 
_refine_hist.number_atoms_total               1362 
_refine_hist.d_res_high                       1.80 
_refine_hist.d_res_low                        50 
# 
loop_
_refine_ls_restr.type 
_refine_ls_restr.dev_ideal 
_refine_ls_restr.dev_ideal_target 
_refine_ls_restr.weight 
_refine_ls_restr.number 
_refine_ls_restr.pdbx_restraint_function 
_refine_ls_restr.pdbx_refine_id 
r_bond_refined_d             0.016  0.022  ? 1234 ? 'X-RAY DIFFRACTION' 
r_bond_other_d               ?      ?      ? ?    ? 'X-RAY DIFFRACTION' 
r_angle_refined_deg          1.207  1.981  ? 1676 ? 'X-RAY DIFFRACTION' 
r_angle_other_deg            ?      ?      ? ?    ? 'X-RAY DIFFRACTION' 
r_dihedral_angle_1_deg       6.174  5.000  ? 159  ? 'X-RAY DIFFRACTION' 
r_dihedral_angle_2_deg       20.030 21.837 ? 49   ? 'X-RAY DIFFRACTION' 
r_dihedral_angle_3_deg       12.636 15.000 ? 207  ? 'X-RAY DIFFRACTION' 
r_dihedral_angle_4_deg       17.878 15.000 ? 13   ? 'X-RAY DIFFRACTION' 
r_chiral_restr               0.111  0.200  ? 191  ? 'X-RAY DIFFRACTION' 
r_gen_planes_refined         0.013  0.021  ? 929  ? 'X-RAY DIFFRACTION' 
r_gen_planes_other           ?      ?      ? ?    ? 'X-RAY DIFFRACTION' 
r_nbd_refined                ?      ?      ? ?    ? 'X-RAY DIFFRACTION' 
r_nbd_other                  ?      ?      ? ?    ? 'X-RAY DIFFRACTION' 
r_nbtor_refined              ?      ?      ? ?    ? 'X-RAY DIFFRACTION' 
r_nbtor_other                ?      ?      ? ?    ? 'X-RAY DIFFRACTION' 
r_xyhbond_nbd_refined        ?      ?      ? ?    ? 'X-RAY DIFFRACTION' 
r_xyhbond_nbd_other          ?      ?      ? ?    ? 'X-RAY DIFFRACTION' 
r_metal_ion_refined          ?      ?      ? ?    ? 'X-RAY DIFFRACTION' 
r_metal_ion_other            ?      ?      ? ?    ? 'X-RAY DIFFRACTION' 
r_symmetry_vdw_refined       ?      ?      ? ?    ? 'X-RAY DIFFRACTION' 
r_symmetry_vdw_other         ?      ?      ? ?    ? 'X-RAY DIFFRACTION' 
r_symmetry_hbond_refined     ?      ?      ? ?    ? 'X-RAY DIFFRACTION' 
r_symmetry_hbond_other       ?      ?      ? ?    ? 'X-RAY DIFFRACTION' 
r_symmetry_metal_ion_refined ?      ?      ? ?    ? 'X-RAY DIFFRACTION' 
r_symmetry_metal_ion_other   ?      ?      ? ?    ? 'X-RAY DIFFRACTION' 
r_mcbond_it                  1.629  1.500  ? 786  ? 'X-RAY DIFFRACTION' 
r_mcbond_other               ?      ?      ? ?    ? 'X-RAY DIFFRACTION' 
r_mcangle_it                 2.784  2.000  ? 1263 ? 'X-RAY DIFFRACTION' 
r_scbond_it                  3.633  3.000  ? 448  ? 'X-RAY DIFFRACTION' 
r_scangle_it                 5.510  4.500  ? 413  ? 'X-RAY DIFFRACTION' 
r_rigid_bond_restr           ?      ?      ? ?    ? 'X-RAY DIFFRACTION' 
r_sphericity_free            ?      ?      ? ?    ? 'X-RAY DIFFRACTION' 
r_sphericity_bonded          ?      ?      ? ?    ? 'X-RAY DIFFRACTION' 
# 
_refine_ls_shell.pdbx_total_number_of_bins_used   20 
_refine_ls_shell.d_res_high                       1.801 
_refine_ls_shell.d_res_low                        1.848 
_refine_ls_shell.number_reflns_R_work             1035 
_refine_ls_shell.R_factor_R_work                  0.204 
_refine_ls_shell.percent_reflns_obs               99.91 
_refine_ls_shell.R_factor_R_free                  0.314 
_refine_ls_shell.R_factor_R_free_error            ? 
_refine_ls_shell.percent_reflns_R_free            ? 
_refine_ls_shell.number_reflns_R_free             88 
_refine_ls_shell.number_reflns_all                ? 
_refine_ls_shell.R_factor_all                     ? 
_refine_ls_shell.number_reflns_obs                ? 
_refine_ls_shell.redundancy_reflns_obs            ? 
_refine_ls_shell.pdbx_refine_id                   'X-RAY DIFFRACTION' 
# 
_struct.entry_id                  3RCO 
_struct.title                     'Crystal structure of a conserved motif in human TDRD7' 
_struct.pdbx_model_details        ? 
_struct.pdbx_CASP_flag            ? 
_struct.pdbx_model_type_details   ? 
# 
_struct_keywords.entry_id        3RCO 
_struct_keywords.pdbx_keywords   'DNA BINDING PROTEIN' 
_struct_keywords.text            'Structural Genomics, Structural Genomics Consortium, SGC, HLH motif, DNA BINDING PROTEIN' 
# 
loop_
_struct_asym.id 
_struct_asym.pdbx_blank_PDB_chainid_flag 
_struct_asym.pdbx_modified 
_struct_asym.entity_id 
_struct_asym.details 
A N N 1 ? 
B N N 1 ? 
C N N 2 ? 
D N N 2 ? 
E N N 2 ? 
F N N 2 ? 
G N N 2 ? 
H N N 2 ? 
I N N 2 ? 
J N N 2 ? 
K N N 2 ? 
L N N 2 ? 
M N N 2 ? 
N N N 3 ? 
O N N 3 ? 
# 
_struct_ref.id                         1 
_struct_ref.db_name                    UNP 
_struct_ref.db_code                    TDRD7_HUMAN 
_struct_ref.pdbx_db_accession          Q8NHU6 
_struct_ref.entity_id                  1 
_struct_ref.pdbx_seq_one_letter_code   
;MLEGDLVSKMLRAVLQSHKNGVALPRLQGEYRSLTGDWIPFKQLGFPTLEAYLRSVPAVVRIETSRSGEITCYAMACTET
AR
;
_struct_ref.pdbx_align_begin           1 
_struct_ref.pdbx_db_isoform            ? 
# 
loop_
_struct_ref_seq.align_id 
_struct_ref_seq.ref_id 
_struct_ref_seq.pdbx_PDB_id_code 
_struct_ref_seq.pdbx_strand_id 
_struct_ref_seq.seq_align_beg 
_struct_ref_seq.pdbx_seq_align_beg_ins_code 
_struct_ref_seq.seq_align_end 
_struct_ref_seq.pdbx_seq_align_end_ins_code 
_struct_ref_seq.pdbx_db_accession 
_struct_ref_seq.db_align_beg 
_struct_ref_seq.pdbx_db_align_beg_ins_code 
_struct_ref_seq.db_align_end 
_struct_ref_seq.pdbx_db_align_end_ins_code 
_struct_ref_seq.pdbx_auth_seq_align_beg 
_struct_ref_seq.pdbx_auth_seq_align_end 
1 1 3RCO A 8 ? 89 ? Q8NHU6 1 ? 82 ? 18 99 
2 1 3RCO B 8 ? 89 ? Q8NHU6 1 ? 82 ? 18 99 
# 
loop_
_struct_ref_seq_dif.align_id 
_struct_ref_seq_dif.pdbx_pdb_id_code 
_struct_ref_seq_dif.mon_id 
_struct_ref_seq_dif.pdbx_pdb_strand_id 
_struct_ref_seq_dif.seq_num 
_struct_ref_seq_dif.pdbx_pdb_ins_code 
_struct_ref_seq_dif.pdbx_seq_db_name 
_struct_ref_seq_dif.pdbx_seq_db_accession_code 
_struct_ref_seq_dif.db_mon_id 
_struct_ref_seq_dif.pdbx_seq_db_seq_num 
_struct_ref_seq_dif.details 
_struct_ref_seq_dif.pdbx_auth_seq_num 
_struct_ref_seq_dif.pdbx_ordinal 
1 3RCO GLU A 1 ? UNP Q8NHU6 ? ? 'expression tag' 11 1  
1 3RCO ASN A 2 ? UNP Q8NHU6 ? ? 'expression tag' 12 2  
1 3RCO LEU A 3 ? UNP Q8NHU6 ? ? 'expression tag' 13 3  
1 3RCO TYR A 4 ? UNP Q8NHU6 ? ? 'expression tag' 14 4  
1 3RCO PHE A 5 ? UNP Q8NHU6 ? ? 'expression tag' 15 5  
1 3RCO GLN A 6 ? UNP Q8NHU6 ? ? 'expression tag' 16 6  
1 3RCO GLY A 7 ? UNP Q8NHU6 ? ? 'expression tag' 17 7  
2 3RCO GLU B 1 ? UNP Q8NHU6 ? ? 'expression tag' 11 8  
2 3RCO ASN B 2 ? UNP Q8NHU6 ? ? 'expression tag' 12 9  
2 3RCO LEU B 3 ? UNP Q8NHU6 ? ? 'expression tag' 13 10 
2 3RCO TYR B 4 ? UNP Q8NHU6 ? ? 'expression tag' 14 11 
2 3RCO PHE B 5 ? UNP Q8NHU6 ? ? 'expression tag' 15 12 
2 3RCO GLN B 6 ? UNP Q8NHU6 ? ? 'expression tag' 16 13 
2 3RCO GLY B 7 ? UNP Q8NHU6 ? ? 'expression tag' 17 14 
# 
loop_
_pdbx_struct_assembly.id 
_pdbx_struct_assembly.details 
_pdbx_struct_assembly.method_details 
_pdbx_struct_assembly.oligomeric_details 
_pdbx_struct_assembly.oligomeric_count 
1 software_defined_assembly PISA 24-meric    24 
2 software_defined_assembly PISA dodecameric 12 
3 software_defined_assembly PISA trimeric    3  
4 software_defined_assembly PISA trimeric    3  
# 
loop_
_pdbx_struct_assembly_prop.biol_id 
_pdbx_struct_assembly_prop.type 
_pdbx_struct_assembly_prop.value 
_pdbx_struct_assembly_prop.details 
1 'ABSA (A^2)' 66610 ? 
1 MORE         -1505 ? 
1 'SSA (A^2)'  64790 ? 
2 'ABSA (A^2)' 31970 ? 
2 MORE         -951  ? 
2 'SSA (A^2)'  37800 ? 
3 'ABSA (A^2)' 3990  ? 
3 MORE         -110  ? 
3 'SSA (A^2)'  11420 ? 
4 'ABSA (A^2)' 6810  ? 
4 MORE         -312  ? 
4 'SSA (A^2)'  11000 ? 
# 
loop_
_pdbx_struct_assembly_gen.assembly_id 
_pdbx_struct_assembly_gen.oper_expression 
_pdbx_struct_assembly_gen.asym_id_list 
1 1,2,3,4,5,6,7,8,9,10,11,12          B,F,G,H,I,J,K,L,M,O 
1 13,14,15,16,17,18,19,20,21,22,23,24 A,C,D,E,N           
2 1,2,3,4,5,6,7,8,9,10,11,12          B,F,G,H,I,J,K,L,M,O 
3 1,5,9                               A,C,D,E,N           
4 1,5,9                               B,F,G,H,I,J,K,L,M,O 
# 
loop_
_pdbx_struct_oper_list.id 
_pdbx_struct_oper_list.type 
_pdbx_struct_oper_list.name 
_pdbx_struct_oper_list.symmetry_operation 
_pdbx_struct_oper_list.matrix[1][1] 
_pdbx_struct_oper_list.matrix[1][2] 
_pdbx_struct_oper_list.matrix[1][3] 
_pdbx_struct_oper_list.vector[1] 
_pdbx_struct_oper_list.matrix[2][1] 
_pdbx_struct_oper_list.matrix[2][2] 
_pdbx_struct_oper_list.matrix[2][3] 
_pdbx_struct_oper_list.vector[2] 
_pdbx_struct_oper_list.matrix[3][1] 
_pdbx_struct_oper_list.matrix[3][2] 
_pdbx_struct_oper_list.matrix[3][3] 
_pdbx_struct_oper_list.vector[3] 
1  'identity operation'         1_555  x,y,z               1.0000000000  0.0000000000  0.0000000000  0.0000000000   0.0000000000  1.0000000000  0.0000000000  0.0000000000   0.0000000000  0.0000000000  1.0000000000  0.0000000000   
2  'crystal symmetry operation' 2_555  -x,-y,z             -0.7387354153 0.3957647575  0.5455641510  -23.9741098516 0.3957647575  -0.4004937811 0.8264230079  -52.1142466058 0.5455641510  0.8264230079  0.1392291964  49.2858043822  
3  'crystal symmetry operation' 3_555  -x,y,-z             -0.2813220809 -0.9068870052 0.3137098127  -55.5741351568 -0.9068870052 0.1443847353  -0.3958648860 -36.8214903643 0.3137098127  -0.3958648860 -0.8630626544 20.8695183330  
4  'crystal symmetry operation' 4_555  x,-y,-z             0.0200574962  0.5111222477  -0.8592739637 13.8934848091  0.5111222477  -0.7438909541 -0.4305581218 -42.1147027138 -0.8592739637 -0.4305581218 -0.2761665420 -8.5579320384  
5  'crystal symmetry operation' 5_555  z,x,y               -0.3866429761 0.4498897661  0.8050505620  -20.4176186017 0.3413575820  0.8807533586  -0.3282507007 6.7509530135   -0.8567276173 0.1478942854  -0.4941103825 13.7916664505  
6  'crystal symmetry operation' 6_555  z,-x,-y             0.9028841001  0.3321145898  0.2729472495  5.0837008828   -0.0826836105 -0.4889128736 0.8684052180  -63.5106887083 0.4218574668  -0.8066375278 -0.4139712265 2.2709215449   
7  'crystal symmetry operation' 7_555  -z,-x,y             -0.0466757150 0.0969074565  -0.9941983316 1.3051361862   -0.9977506669 -0.0524624885 0.0417288162  -51.5007847078 -0.0481142851 0.9939097706  0.0991382035  45.6460291565  
8  'crystal symmetry operation' 8_555  -z,x,-y             -0.4695654090 -0.8789118123 -0.0837994800 -51.6259786667 0.7390766954  -0.3393779965 -0.5818833335 -22.7899192812 0.4829844356  -0.3351665282 0.8089434055  -0.1112264752  
9  'crystal symmetry operation' 9_555  y,z,x               -0.3866429761 0.3413575820  -0.8567276173 1.6168837188   0.4498897661  0.8807533586  0.1478942854  1.2000444622   0.8050505620  -0.3282507007 -0.4941103825 25.4678259725  
10 'crystal symmetry operation' 10_555 -y,z,-x             -0.0466757150 -0.9977506669 -0.0481142851 -49.1277980616 0.0969074565  -0.0524624885 0.9939097706  -48.1963711222 -0.9941983316 0.0417288162  0.0991382035  -1.0786343281  
11 'crystal symmetry operation' 11_555 y,-z,-x             -0.4695654090 0.7390766954  0.4829844356  -7.3445549004  -0.8789118123 -0.3393779965 -0.3351665282 -53.1463590114 -0.0837994800 -0.5818833335 0.8089434055  -17.4973284423 
12 'crystal symmetry operation' 12_555 -y,-z,x             0.9028841001  -0.0826836105 0.4218574668  -10.7992909561 0.3321145898  -0.4889128736 -0.8066375278 -30.9077540125 0.2729472495  0.8684052180  -0.4139712265 54.7055274746  
13 'crystal symmetry operation' 13_444 x-1/2,y-1/2,z-1/2   1.0000000000  0.0000000000  0.0000000000  -23.7567779356 0.0000000000  1.0000000000  0.0000000000  -82.9127604786 0.0000000000  0.0000000000  1.0000000000  5.4151047940   
14 'crystal symmetry operation' 14_554 -x+1/2,-y+1/2,z-1/2 -0.7387354153 0.3957647575  0.5455641510  -36.2837981343 0.3957647575  -0.4004937811 0.8264230079  -23.8351299245 0.5455641510  0.8264230079  0.1392291964  -31.4421142217 
15 'crystal symmetry operation' 15_545 -x+1/2,y-1/2,-z+1/2 -0.2813220809 -0.9068870052 0.3137098127  28.0004476018  -0.9068870052 0.1443847353  -0.3958648860 -29.3917639832 0.3137098127  -0.3958648860 -0.8630626544 41.5654597374  
16 'crystal symmetry operation' 16_455 x-1/2,-y+1/2,-z+1/2 0.0200574962  0.5111222477  -0.8592739637 -33.6146317313 0.5111222477  -0.7438909541 -0.4305581218 5.0892147025   -0.8592739637 -0.4305581218 -0.2761665420 46.0589403670  
17 'crystal symmetry operation' 17_444 z-1/2,x-1/2,y-1/2   -0.3866429761 0.4498897661  0.8050505620  -44.1743965373 0.3413575820  0.8807533586  -0.3282507007 -76.1618074652 -0.8567276173 0.1478942854  -0.4941103825 19.2067712445  
18 'crystal symmetry operation' 18_455 z-1/2,-x+1/2,-y+1/2 0.9028841001  0.3321145898  0.2729472495  -42.4244156576 -0.0826836105 -0.4889128736 0.8684052180  -16.3067712921 0.4218574668  -0.8066375278 -0.4139712265 56.8877939504  
19 'crystal symmetry operation' 19_554 -z+1/2,-x+1/2,y-1/2 -0.0466757150 0.0969074565  -0.9941983316 -11.0045520964 -0.9977506669 -0.0524624885 0.0417288162  -23.2216680264 -0.0481142851 0.9939097706  0.0991382035  -35.0818894473 
20 'crystal symmetry operation' 20_545 -z+1/2,x-1/2,-y+1/2 -0.4695654090 -0.8789118123 -0.0837994800 31.9486040920  0.7390766954  -0.3393779965 -0.5818833335 -15.3601929002 0.4829844356  -0.3351665282 0.8089434055  20.5847149292  
21 'crystal symmetry operation' 21_444 y-1/2,z-1/2,x-1/2   -0.3866429761 0.3413575820  -0.8567276173 -22.1398942169 0.4498897661  0.8807533586  0.1478942854  -81.7127160164 0.8050505620  -0.3282507007 -0.4941103825 30.8829307665  
22 'crystal symmetry operation' 22_545 -y+1/2,z-1/2,-x+1/2 -0.0466757150 -0.9977506669 -0.0481142851 34.4467846971  0.0969074565  -0.0524624885 0.9939097706  -40.7666447411 -0.9941983316 0.0417288162  0.0991382035  19.6173070763  
23 'crystal symmetry operation' 23_455 y-1/2,-z+1/2,-x+1/2 -0.4695654090 0.7390766954  0.4829844356  -54.8526714408 -0.8789118123 -0.3393779965 -0.3351665282 -5.9424415952  -0.0837994800 -0.5818833335 0.8089434055  37.1195439631  
24 'crystal symmetry operation' 24_554 -y+1/2,-z+1/2,x-1/2 0.9028841001  -0.0826836105 0.4218574668  -23.1089792388 0.3321145898  -0.4889128736 -0.8066375278 -2.6286373312  0.2729472495  0.8684052180  -0.4139712265 -26.0223911292 
# 
_struct_biol.id        1 
_struct_biol.details   ? 
# 
loop_
_struct_conf.conf_type_id 
_struct_conf.id 
_struct_conf.pdbx_PDB_helix_id 
_struct_conf.beg_label_comp_id 
_struct_conf.beg_label_asym_id 
_struct_conf.beg_label_seq_id 
_struct_conf.pdbx_beg_PDB_ins_code 
_struct_conf.end_label_comp_id 
_struct_conf.end_label_asym_id 
_struct_conf.end_label_seq_id 
_struct_conf.pdbx_end_PDB_ins_code 
_struct_conf.beg_auth_comp_id 
_struct_conf.beg_auth_asym_id 
_struct_conf.beg_auth_seq_id 
_struct_conf.end_auth_comp_id 
_struct_conf.end_auth_asym_id 
_struct_conf.end_auth_seq_id 
_struct_conf.pdbx_PDB_helix_class 
_struct_conf.details 
_struct_conf.pdbx_PDB_helix_length 
HELX_P HELX_P1 1 LEU A 9  ? SER A 24 ? LEU A 19 SER A 34 1 ? 16 
HELX_P HELX_P2 2 LEU A 31 ? GLY A 43 ? LEU A 41 GLY A 53 1 ? 13 
HELX_P HELX_P3 3 THR A 55 ? SER A 62 ? THR A 65 SER A 72 1 ? 8  
HELX_P HELX_P4 4 LEU B 9  ? SER B 24 ? LEU B 19 SER B 34 1 ? 16 
HELX_P HELX_P5 5 LEU B 31 ? GLY B 43 ? LEU B 41 GLY B 53 1 ? 13 
HELX_P HELX_P6 6 THR B 55 ? SER B 62 ? THR B 65 SER B 72 1 ? 8  
# 
_struct_conf_type.id          HELX_P 
_struct_conf_type.criteria    ? 
_struct_conf_type.reference   ? 
# 
loop_
_struct_sheet.id 
_struct_sheet.type 
_struct_sheet.number_strands 
_struct_sheet.details 
A ? 3 ? 
B ? 3 ? 
# 
loop_
_struct_sheet_order.sheet_id 
_struct_sheet_order.range_id_1 
_struct_sheet_order.range_id_2 
_struct_sheet_order.offset 
_struct_sheet_order.sense 
A 1 2 ? anti-parallel 
A 2 3 ? anti-parallel 
B 1 2 ? anti-parallel 
B 2 3 ? anti-parallel 
# 
loop_
_struct_sheet_range.sheet_id 
_struct_sheet_range.id 
_struct_sheet_range.beg_label_comp_id 
_struct_sheet_range.beg_label_asym_id 
_struct_sheet_range.beg_label_seq_id 
_struct_sheet_range.pdbx_beg_PDB_ins_code 
_struct_sheet_range.end_label_comp_id 
_struct_sheet_range.end_label_asym_id 
_struct_sheet_range.end_label_seq_id 
_struct_sheet_range.pdbx_end_PDB_ins_code 
_struct_sheet_range.beg_auth_comp_id 
_struct_sheet_range.beg_auth_asym_id 
_struct_sheet_range.beg_auth_seq_id 
_struct_sheet_range.end_auth_comp_id 
_struct_sheet_range.end_auth_asym_id 
_struct_sheet_range.end_auth_seq_id 
A 1 VAL A 29 ? ALA A 30 ? VAL A 39 ALA A 40 
A 2 ILE A 77 ? ALA A 81 ? ILE A 87 ALA A 91 
A 3 VAL A 67 ? THR A 71 ? VAL A 77 THR A 81 
B 1 VAL B 29 ? ALA B 30 ? VAL B 39 ALA B 40 
B 2 ILE B 77 ? ALA B 81 ? ILE B 87 ALA B 91 
B 3 VAL B 67 ? THR B 71 ? VAL B 77 THR B 81 
# 
loop_
_pdbx_struct_sheet_hbond.sheet_id 
_pdbx_struct_sheet_hbond.range_id_1 
_pdbx_struct_sheet_hbond.range_id_2 
_pdbx_struct_sheet_hbond.range_1_label_atom_id 
_pdbx_struct_sheet_hbond.range_1_label_comp_id 
_pdbx_struct_sheet_hbond.range_1_label_asym_id 
_pdbx_struct_sheet_hbond.range_1_label_seq_id 
_pdbx_struct_sheet_hbond.range_1_PDB_ins_code 
_pdbx_struct_sheet_hbond.range_1_auth_atom_id 
_pdbx_struct_sheet_hbond.range_1_auth_comp_id 
_pdbx_struct_sheet_hbond.range_1_auth_asym_id 
_pdbx_struct_sheet_hbond.range_1_auth_seq_id 
_pdbx_struct_sheet_hbond.range_2_label_atom_id 
_pdbx_struct_sheet_hbond.range_2_label_comp_id 
_pdbx_struct_sheet_hbond.range_2_label_asym_id 
_pdbx_struct_sheet_hbond.range_2_label_seq_id 
_pdbx_struct_sheet_hbond.range_2_PDB_ins_code 
_pdbx_struct_sheet_hbond.range_2_auth_atom_id 
_pdbx_struct_sheet_hbond.range_2_auth_comp_id 
_pdbx_struct_sheet_hbond.range_2_auth_asym_id 
_pdbx_struct_sheet_hbond.range_2_auth_seq_id 
A 1 2 N VAL A 29 ? N VAL A 39 O CYS A 79 ? O CYS A 89 
A 2 3 O TYR A 80 ? O TYR A 90 N ARG A 68 ? N ARG A 78 
B 1 2 N VAL B 29 ? N VAL B 39 O CYS B 79 ? O CYS B 89 
B 2 3 O TYR B 80 ? O TYR B 90 N ARG B 68 ? N ARG B 78 
# 
loop_
_struct_site.id 
_struct_site.pdbx_evidence_code 
_struct_site.pdbx_auth_asym_id 
_struct_site.pdbx_auth_comp_id 
_struct_site.pdbx_auth_seq_id 
_struct_site.pdbx_auth_ins_code 
_struct_site.pdbx_num_residues 
_struct_site.details 
AC1 Software A CL 2   ? 9 'BINDING SITE FOR RESIDUE CL A 2'   
AC2 Software A CL 3   ? 3 'BINDING SITE FOR RESIDUE CL A 3'   
AC3 Software A CL 6   ? 5 'BINDING SITE FOR RESIDUE CL A 6'   
AC4 Software B CL 1   ? 4 'BINDING SITE FOR RESIDUE CL B 1'   
AC5 Software B CL 4   ? 4 'BINDING SITE FOR RESIDUE CL B 4'   
AC6 Software B CL 5   ? 8 'BINDING SITE FOR RESIDUE CL B 5'   
AC7 Software B CL 7   ? 3 'BINDING SITE FOR RESIDUE CL B 7'   
AC8 Software B CL 8   ? 3 'BINDING SITE FOR RESIDUE CL B 8'   
AC9 Software B CL 9   ? 5 'BINDING SITE FOR RESIDUE CL B 9'   
BC1 Software B CL 10  ? 5 'BINDING SITE FOR RESIDUE CL B 10'  
BC2 Software B CL 100 ? 1 'BINDING SITE FOR RESIDUE CL B 100' 
# 
loop_
_struct_site_gen.id 
_struct_site_gen.site_id 
_struct_site_gen.pdbx_num_res 
_struct_site_gen.label_comp_id 
_struct_site_gen.label_asym_id 
_struct_site_gen.label_seq_id 
_struct_site_gen.pdbx_auth_ins_code 
_struct_site_gen.auth_comp_id 
_struct_site_gen.auth_asym_id 
_struct_site_gen.auth_seq_id 
_struct_site_gen.label_atom_id 
_struct_site_gen.label_alt_id 
_struct_site_gen.symmetry 
_struct_site_gen.details 
1  AC1 9 PRO A 47 ? PRO A 57  . ? 1_555  ? 
2  AC1 9 PHE A 48 ? PHE A 58  . ? 1_555  ? 
3  AC1 9 LYS A 49 ? LYS A 59  . ? 1_555  ? 
4  AC1 9 GLN A 50 ? GLN A 60  . ? 1_555  ? 
5  AC1 9 GLN A 50 ? GLN A 60  . ? 5_555  ? 
6  AC1 9 HOH N .  ? HOH A 100 . ? 5_555  ? 
7  AC1 9 HOH N .  ? HOH A 102 . ? 1_555  ? 
8  AC1 9 HOH N .  ? HOH A 102 . ? 9_555  ? 
9  AC1 9 HOH N .  ? HOH A 102 . ? 5_555  ? 
10 AC2 3 GLU A 57 ? GLU A 67  . ? 1_555  ? 
11 AC2 3 HOH N .  ? HOH A 101 . ? 1_555  ? 
12 AC2 3 SER B 74 ? SER B 84  . ? 23_555 ? 
13 AC3 5 PRO A 32 ? PRO A 42  . ? 1_555  ? 
14 AC3 5 GLU A 76 ? GLU A 86  . ? 1_555  ? 
15 AC3 5 ILE A 77 ? ILE A 87  . ? 1_555  ? 
16 AC3 5 ARG B 73 ? ARG B 83  . ? 23_555 ? 
17 AC3 5 HOH O .  ? HOH B 126 . ? 23_555 ? 
18 AC4 4 PRO B 32 ? PRO B 42  . ? 1_555  ? 
19 AC4 4 GLU B 76 ? GLU B 86  . ? 1_555  ? 
20 AC4 4 ILE B 77 ? ILE B 87  . ? 1_555  ? 
21 AC4 4 HOH O .  ? HOH B 135 . ? 4_555  ? 
22 AC5 4 VAL B 63 ? VAL B 73  . ? 1_555  ? 
23 AC5 4 PRO B 64 ? PRO B 74  . ? 1_555  ? 
24 AC5 4 ALA B 65 ? ALA B 75  . ? 1_555  ? 
25 AC5 4 HOH O .  ? HOH B 382 . ? 4_555  ? 
26 AC6 8 HOH O .  ? HOH B 6   . ? 5_555  ? 
27 AC6 8 HOH O .  ? HOH B 6   . ? 9_555  ? 
28 AC6 8 PRO B 47 ? PRO B 57  . ? 1_555  ? 
29 AC6 8 PHE B 48 ? PHE B 58  . ? 1_555  ? 
30 AC6 8 LYS B 49 ? LYS B 59  . ? 1_555  ? 
31 AC6 8 GLN B 50 ? GLN B 60  . ? 9_555  ? 
32 AC6 8 GLN B 50 ? GLN B 60  . ? 1_555  ? 
33 AC6 8 HOH O .  ? HOH B 146 . ? 1_555  ? 
34 AC7 3 ALA B 30 ? ALA B 40  . ? 1_555  ? 
35 AC7 3 ARG B 33 ? ARG B 43  . ? 1_555  ? 
36 AC7 3 HOH O .  ? HOH B 199 . ? 1_555  ? 
37 AC8 3 HOH O .  ? HOH B 177 . ? 9_555  ? 
38 AC8 3 HOH O .  ? HOH B 177 . ? 1_555  ? 
39 AC8 3 HOH O .  ? HOH B 177 . ? 5_555  ? 
40 AC9 5 CL  L .  ? CL  B 10  . ? 1_555  ? 
41 AC9 5 THR B 55 ? THR B 65  . ? 1_555  ? 
42 AC9 5 LEU B 56 ? LEU B 66  . ? 1_555  ? 
43 AC9 5 HOH O .  ? HOH B 166 . ? 9_555  ? 
44 AC9 5 HOH O .  ? HOH B 192 . ? 1_555  ? 
45 BC1 5 CL  K .  ? CL  B 9   . ? 1_555  ? 
46 BC1 5 LEU B 56 ? LEU B 66  . ? 1_555  ? 
47 BC1 5 GLU B 57 ? GLU B 67  . ? 1_555  ? 
48 BC1 5 HOH O .  ? HOH B 153 . ? 1_555  ? 
49 BC1 5 HOH O .  ? HOH B 179 . ? 1_555  ? 
50 BC2 1 GLY B 11 ? GLY B 21  . ? 1_555  ? 
# 
loop_
_pdbx_validate_close_contact.id 
_pdbx_validate_close_contact.PDB_model_num 
_pdbx_validate_close_contact.auth_atom_id_1 
_pdbx_validate_close_contact.auth_asym_id_1 
_pdbx_validate_close_contact.auth_comp_id_1 
_pdbx_validate_close_contact.auth_seq_id_1 
_pdbx_validate_close_contact.PDB_ins_code_1 
_pdbx_validate_close_contact.label_alt_id_1 
_pdbx_validate_close_contact.auth_atom_id_2 
_pdbx_validate_close_contact.auth_asym_id_2 
_pdbx_validate_close_contact.auth_comp_id_2 
_pdbx_validate_close_contact.auth_seq_id_2 
_pdbx_validate_close_contact.PDB_ins_code_2 
_pdbx_validate_close_contact.label_alt_id_2 
_pdbx_validate_close_contact.dist 
1 1 O   A HOH 141 ? ? O B HOH 163 ? ? 1.84 
2 1 O   A HOH 111 ? ? O A HOH 140 ? ? 2.08 
3 1 O   B HOH 164 ? ? O B HOH 189 ? ? 2.11 
4 1 O   A HOH 121 ? ? O A HOH 172 ? ? 2.12 
5 1 NH2 B ARG 49  ? A O B HOH 358 ? ? 2.13 
# 
loop_
_pdbx_validate_symm_contact.id 
_pdbx_validate_symm_contact.PDB_model_num 
_pdbx_validate_symm_contact.auth_atom_id_1 
_pdbx_validate_symm_contact.auth_asym_id_1 
_pdbx_validate_symm_contact.auth_comp_id_1 
_pdbx_validate_symm_contact.auth_seq_id_1 
_pdbx_validate_symm_contact.PDB_ins_code_1 
_pdbx_validate_symm_contact.label_alt_id_1 
_pdbx_validate_symm_contact.site_symmetry_1 
_pdbx_validate_symm_contact.auth_atom_id_2 
_pdbx_validate_symm_contact.auth_asym_id_2 
_pdbx_validate_symm_contact.auth_comp_id_2 
_pdbx_validate_symm_contact.auth_seq_id_2 
_pdbx_validate_symm_contact.PDB_ins_code_2 
_pdbx_validate_symm_contact.label_alt_id_2 
_pdbx_validate_symm_contact.site_symmetry_2 
_pdbx_validate_symm_contact.dist 
1 1 NH2 B ARG 83  ? A 1_555 O  B ALA 93  ? ? 4_555  1.62 
2 1 NH1 B ARG 49  ? A 1_555 O  B HOH 158 ? ? 9_555  1.82 
3 1 O   A HOH 110 ? ? 1_555 O  A HOH 115 ? ? 9_555  2.11 
4 1 OE1 A GLU 67  ? ? 1_555 OG B SER 84  ? A 23_555 2.15 
5 1 O   B HOH 196 ? ? 1_555 O  B HOH 237 ? ? 4_555  2.18 
# 
_pdbx_SG_project.id                    1 
_pdbx_SG_project.project_name          ? 
_pdbx_SG_project.full_name_of_center   'Structural Genomics Consortium' 
_pdbx_SG_project.initial_of_center     SGC 
# 
loop_
_pdbx_struct_special_symmetry.id 
_pdbx_struct_special_symmetry.PDB_model_num 
_pdbx_struct_special_symmetry.auth_asym_id 
_pdbx_struct_special_symmetry.auth_comp_id 
_pdbx_struct_special_symmetry.auth_seq_id 
_pdbx_struct_special_symmetry.PDB_ins_code 
_pdbx_struct_special_symmetry.label_asym_id 
_pdbx_struct_special_symmetry.label_comp_id 
_pdbx_struct_special_symmetry.label_seq_id 
1 1 B CL  8   ? J CL  . 
2 1 A HOH 102 ? N HOH . 
3 1 A HOH 104 ? N HOH . 
4 1 B HOH 6   ? O HOH . 
5 1 B HOH 101 ? O HOH . 
# 
loop_
_pdbx_unobs_or_zero_occ_residues.id 
_pdbx_unobs_or_zero_occ_residues.PDB_model_num 
_pdbx_unobs_or_zero_occ_residues.polymer_flag 
_pdbx_unobs_or_zero_occ_residues.occupancy_flag 
_pdbx_unobs_or_zero_occ_residues.auth_asym_id 
_pdbx_unobs_or_zero_occ_residues.auth_comp_id 
_pdbx_unobs_or_zero_occ_residues.auth_seq_id 
_pdbx_unobs_or_zero_occ_residues.PDB_ins_code 
_pdbx_unobs_or_zero_occ_residues.label_asym_id 
_pdbx_unobs_or_zero_occ_residues.label_comp_id 
_pdbx_unobs_or_zero_occ_residues.label_seq_id 
1  1 Y 1 A GLU 11 ? A GLU 1  
2  1 Y 1 A ASN 12 ? A ASN 2  
3  1 Y 1 A LEU 13 ? A LEU 3  
4  1 Y 1 A TYR 14 ? A TYR 4  
5  1 Y 1 A PHE 15 ? A PHE 5  
6  1 Y 1 A GLN 16 ? A GLN 6  
7  1 Y 1 A GLY 17 ? A GLY 7  
8  1 Y 1 A CYS 94 ? A CYS 84 
9  1 Y 1 A THR 95 ? A THR 85 
10 1 Y 1 A GLU 96 ? A GLU 86 
11 1 Y 1 A THR 97 ? A THR 87 
12 1 Y 1 A ALA 98 ? A ALA 88 
13 1 Y 1 A ARG 99 ? A ARG 89 
14 1 Y 1 B GLU 11 ? B GLU 1  
15 1 Y 1 B ASN 12 ? B ASN 2  
16 1 Y 1 B LEU 13 ? B LEU 3  
17 1 Y 1 B TYR 14 ? B TYR 4  
18 1 Y 1 B PHE 15 ? B PHE 5  
19 1 Y 1 B GLN 16 ? B GLN 6  
20 1 Y 1 B THR 95 ? B THR 85 
21 1 Y 1 B GLU 96 ? B GLU 86 
22 1 Y 1 B THR 97 ? B THR 87 
23 1 Y 1 B ALA 98 ? B ALA 88 
24 1 Y 1 B ARG 99 ? B ARG 89 
# 
loop_
_chem_comp_atom.comp_id 
_chem_comp_atom.atom_id 
_chem_comp_atom.type_symbol 
_chem_comp_atom.pdbx_aromatic_flag 
_chem_comp_atom.pdbx_stereo_config 
_chem_comp_atom.pdbx_ordinal 
ALA N    N  N N 1   
ALA CA   C  N S 2   
ALA C    C  N N 3   
ALA O    O  N N 4   
ALA CB   C  N N 5   
ALA OXT  O  N N 6   
ALA H    H  N N 7   
ALA H2   H  N N 8   
ALA HA   H  N N 9   
ALA HB1  H  N N 10  
ALA HB2  H  N N 11  
ALA HB3  H  N N 12  
ALA HXT  H  N N 13  
ARG N    N  N N 14  
ARG CA   C  N S 15  
ARG C    C  N N 16  
ARG O    O  N N 17  
ARG CB   C  N N 18  
ARG CG   C  N N 19  
ARG CD   C  N N 20  
ARG NE   N  N N 21  
ARG CZ   C  N N 22  
ARG NH1  N  N N 23  
ARG NH2  N  N N 24  
ARG OXT  O  N N 25  
ARG H    H  N N 26  
ARG H2   H  N N 27  
ARG HA   H  N N 28  
ARG HB2  H  N N 29  
ARG HB3  H  N N 30  
ARG HG2  H  N N 31  
ARG HG3  H  N N 32  
ARG HD2  H  N N 33  
ARG HD3  H  N N 34  
ARG HE   H  N N 35  
ARG HH11 H  N N 36  
ARG HH12 H  N N 37  
ARG HH21 H  N N 38  
ARG HH22 H  N N 39  
ARG HXT  H  N N 40  
ASN N    N  N N 41  
ASN CA   C  N S 42  
ASN C    C  N N 43  
ASN O    O  N N 44  
ASN CB   C  N N 45  
ASN CG   C  N N 46  
ASN OD1  O  N N 47  
ASN ND2  N  N N 48  
ASN OXT  O  N N 49  
ASN H    H  N N 50  
ASN H2   H  N N 51  
ASN HA   H  N N 52  
ASN HB2  H  N N 53  
ASN HB3  H  N N 54  
ASN HD21 H  N N 55  
ASN HD22 H  N N 56  
ASN HXT  H  N N 57  
ASP N    N  N N 58  
ASP CA   C  N S 59  
ASP C    C  N N 60  
ASP O    O  N N 61  
ASP CB   C  N N 62  
ASP CG   C  N N 63  
ASP OD1  O  N N 64  
ASP OD2  O  N N 65  
ASP OXT  O  N N 66  
ASP H    H  N N 67  
ASP H2   H  N N 68  
ASP HA   H  N N 69  
ASP HB2  H  N N 70  
ASP HB3  H  N N 71  
ASP HD2  H  N N 72  
ASP HXT  H  N N 73  
CL  CL   CL N N 74  
CYS N    N  N N 75  
CYS CA   C  N R 76  
CYS C    C  N N 77  
CYS O    O  N N 78  
CYS CB   C  N N 79  
CYS SG   S  N N 80  
CYS OXT  O  N N 81  
CYS H    H  N N 82  
CYS H2   H  N N 83  
CYS HA   H  N N 84  
CYS HB2  H  N N 85  
CYS HB3  H  N N 86  
CYS HG   H  N N 87  
CYS HXT  H  N N 88  
GLN N    N  N N 89  
GLN CA   C  N S 90  
GLN C    C  N N 91  
GLN O    O  N N 92  
GLN CB   C  N N 93  
GLN CG   C  N N 94  
GLN CD   C  N N 95  
GLN OE1  O  N N 96  
GLN NE2  N  N N 97  
GLN OXT  O  N N 98  
GLN H    H  N N 99  
GLN H2   H  N N 100 
GLN HA   H  N N 101 
GLN HB2  H  N N 102 
GLN HB3  H  N N 103 
GLN HG2  H  N N 104 
GLN HG3  H  N N 105 
GLN HE21 H  N N 106 
GLN HE22 H  N N 107 
GLN HXT  H  N N 108 
GLU N    N  N N 109 
GLU CA   C  N S 110 
GLU C    C  N N 111 
GLU O    O  N N 112 
GLU CB   C  N N 113 
GLU CG   C  N N 114 
GLU CD   C  N N 115 
GLU OE1  O  N N 116 
GLU OE2  O  N N 117 
GLU OXT  O  N N 118 
GLU H    H  N N 119 
GLU H2   H  N N 120 
GLU HA   H  N N 121 
GLU HB2  H  N N 122 
GLU HB3  H  N N 123 
GLU HG2  H  N N 124 
GLU HG3  H  N N 125 
GLU HE2  H  N N 126 
GLU HXT  H  N N 127 
GLY N    N  N N 128 
GLY CA   C  N N 129 
GLY C    C  N N 130 
GLY O    O  N N 131 
GLY OXT  O  N N 132 
GLY H    H  N N 133 
GLY H2   H  N N 134 
GLY HA2  H  N N 135 
GLY HA3  H  N N 136 
GLY HXT  H  N N 137 
HIS N    N  N N 138 
HIS CA   C  N S 139 
HIS C    C  N N 140 
HIS O    O  N N 141 
HIS CB   C  N N 142 
HIS CG   C  Y N 143 
HIS ND1  N  Y N 144 
HIS CD2  C  Y N 145 
HIS CE1  C  Y N 146 
HIS NE2  N  Y N 147 
HIS OXT  O  N N 148 
HIS H    H  N N 149 
HIS H2   H  N N 150 
HIS HA   H  N N 151 
HIS HB2  H  N N 152 
HIS HB3  H  N N 153 
HIS HD1  H  N N 154 
HIS HD2  H  N N 155 
HIS HE1  H  N N 156 
HIS HE2  H  N N 157 
HIS HXT  H  N N 158 
HOH O    O  N N 159 
HOH H1   H  N N 160 
HOH H2   H  N N 161 
ILE N    N  N N 162 
ILE CA   C  N S 163 
ILE C    C  N N 164 
ILE O    O  N N 165 
ILE CB   C  N S 166 
ILE CG1  C  N N 167 
ILE CG2  C  N N 168 
ILE CD1  C  N N 169 
ILE OXT  O  N N 170 
ILE H    H  N N 171 
ILE H2   H  N N 172 
ILE HA   H  N N 173 
ILE HB   H  N N 174 
ILE HG12 H  N N 175 
ILE HG13 H  N N 176 
ILE HG21 H  N N 177 
ILE HG22 H  N N 178 
ILE HG23 H  N N 179 
ILE HD11 H  N N 180 
ILE HD12 H  N N 181 
ILE HD13 H  N N 182 
ILE HXT  H  N N 183 
LEU N    N  N N 184 
LEU CA   C  N S 185 
LEU C    C  N N 186 
LEU O    O  N N 187 
LEU CB   C  N N 188 
LEU CG   C  N N 189 
LEU CD1  C  N N 190 
LEU CD2  C  N N 191 
LEU OXT  O  N N 192 
LEU H    H  N N 193 
LEU H2   H  N N 194 
LEU HA   H  N N 195 
LEU HB2  H  N N 196 
LEU HB3  H  N N 197 
LEU HG   H  N N 198 
LEU HD11 H  N N 199 
LEU HD12 H  N N 200 
LEU HD13 H  N N 201 
LEU HD21 H  N N 202 
LEU HD22 H  N N 203 
LEU HD23 H  N N 204 
LEU HXT  H  N N 205 
LYS N    N  N N 206 
LYS CA   C  N S 207 
LYS C    C  N N 208 
LYS O    O  N N 209 
LYS CB   C  N N 210 
LYS CG   C  N N 211 
LYS CD   C  N N 212 
LYS CE   C  N N 213 
LYS NZ   N  N N 214 
LYS OXT  O  N N 215 
LYS H    H  N N 216 
LYS H2   H  N N 217 
LYS HA   H  N N 218 
LYS HB2  H  N N 219 
LYS HB3  H  N N 220 
LYS HG2  H  N N 221 
LYS HG3  H  N N 222 
LYS HD2  H  N N 223 
LYS HD3  H  N N 224 
LYS HE2  H  N N 225 
LYS HE3  H  N N 226 
LYS HZ1  H  N N 227 
LYS HZ2  H  N N 228 
LYS HZ3  H  N N 229 
LYS HXT  H  N N 230 
MET N    N  N N 231 
MET CA   C  N S 232 
MET C    C  N N 233 
MET O    O  N N 234 
MET CB   C  N N 235 
MET CG   C  N N 236 
MET SD   S  N N 237 
MET CE   C  N N 238 
MET OXT  O  N N 239 
MET H    H  N N 240 
MET H2   H  N N 241 
MET HA   H  N N 242 
MET HB2  H  N N 243 
MET HB3  H  N N 244 
MET HG2  H  N N 245 
MET HG3  H  N N 246 
MET HE1  H  N N 247 
MET HE2  H  N N 248 
MET HE3  H  N N 249 
MET HXT  H  N N 250 
PHE N    N  N N 251 
PHE CA   C  N S 252 
PHE C    C  N N 253 
PHE O    O  N N 254 
PHE CB   C  N N 255 
PHE CG   C  Y N 256 
PHE CD1  C  Y N 257 
PHE CD2  C  Y N 258 
PHE CE1  C  Y N 259 
PHE CE2  C  Y N 260 
PHE CZ   C  Y N 261 
PHE OXT  O  N N 262 
PHE H    H  N N 263 
PHE H2   H  N N 264 
PHE HA   H  N N 265 
PHE HB2  H  N N 266 
PHE HB3  H  N N 267 
PHE HD1  H  N N 268 
PHE HD2  H  N N 269 
PHE HE1  H  N N 270 
PHE HE2  H  N N 271 
PHE HZ   H  N N 272 
PHE HXT  H  N N 273 
PRO N    N  N N 274 
PRO CA   C  N S 275 
PRO C    C  N N 276 
PRO O    O  N N 277 
PRO CB   C  N N 278 
PRO CG   C  N N 279 
PRO CD   C  N N 280 
PRO OXT  O  N N 281 
PRO H    H  N N 282 
PRO HA   H  N N 283 
PRO HB2  H  N N 284 
PRO HB3  H  N N 285 
PRO HG2  H  N N 286 
PRO HG3  H  N N 287 
PRO HD2  H  N N 288 
PRO HD3  H  N N 289 
PRO HXT  H  N N 290 
SER N    N  N N 291 
SER CA   C  N S 292 
SER C    C  N N 293 
SER O    O  N N 294 
SER CB   C  N N 295 
SER OG   O  N N 296 
SER OXT  O  N N 297 
SER H    H  N N 298 
SER H2   H  N N 299 
SER HA   H  N N 300 
SER HB2  H  N N 301 
SER HB3  H  N N 302 
SER HG   H  N N 303 
SER HXT  H  N N 304 
THR N    N  N N 305 
THR CA   C  N S 306 
THR C    C  N N 307 
THR O    O  N N 308 
THR CB   C  N R 309 
THR OG1  O  N N 310 
THR CG2  C  N N 311 
THR OXT  O  N N 312 
THR H    H  N N 313 
THR H2   H  N N 314 
THR HA   H  N N 315 
THR HB   H  N N 316 
THR HG1  H  N N 317 
THR HG21 H  N N 318 
THR HG22 H  N N 319 
THR HG23 H  N N 320 
THR HXT  H  N N 321 
TRP N    N  N N 322 
TRP CA   C  N S 323 
TRP C    C  N N 324 
TRP O    O  N N 325 
TRP CB   C  N N 326 
TRP CG   C  Y N 327 
TRP CD1  C  Y N 328 
TRP CD2  C  Y N 329 
TRP NE1  N  Y N 330 
TRP CE2  C  Y N 331 
TRP CE3  C  Y N 332 
TRP CZ2  C  Y N 333 
TRP CZ3  C  Y N 334 
TRP CH2  C  Y N 335 
TRP OXT  O  N N 336 
TRP H    H  N N 337 
TRP H2   H  N N 338 
TRP HA   H  N N 339 
TRP HB2  H  N N 340 
TRP HB3  H  N N 341 
TRP HD1  H  N N 342 
TRP HE1  H  N N 343 
TRP HE3  H  N N 344 
TRP HZ2  H  N N 345 
TRP HZ3  H  N N 346 
TRP HH2  H  N N 347 
TRP HXT  H  N N 348 
TYR N    N  N N 349 
TYR CA   C  N S 350 
TYR C    C  N N 351 
TYR O    O  N N 352 
TYR CB   C  N N 353 
TYR CG   C  Y N 354 
TYR CD1  C  Y N 355 
TYR CD2  C  Y N 356 
TYR CE1  C  Y N 357 
TYR CE2  C  Y N 358 
TYR CZ   C  Y N 359 
TYR OH   O  N N 360 
TYR OXT  O  N N 361 
TYR H    H  N N 362 
TYR H2   H  N N 363 
TYR HA   H  N N 364 
TYR HB2  H  N N 365 
TYR HB3  H  N N 366 
TYR HD1  H  N N 367 
TYR HD2  H  N N 368 
TYR HE1  H  N N 369 
TYR HE2  H  N N 370 
TYR HH   H  N N 371 
TYR HXT  H  N N 372 
VAL N    N  N N 373 
VAL CA   C  N S 374 
VAL C    C  N N 375 
VAL O    O  N N 376 
VAL CB   C  N N 377 
VAL CG1  C  N N 378 
VAL CG2  C  N N 379 
VAL OXT  O  N N 380 
VAL H    H  N N 381 
VAL H2   H  N N 382 
VAL HA   H  N N 383 
VAL HB   H  N N 384 
VAL HG11 H  N N 385 
VAL HG12 H  N N 386 
VAL HG13 H  N N 387 
VAL HG21 H  N N 388 
VAL HG22 H  N N 389 
VAL HG23 H  N N 390 
VAL HXT  H  N N 391 
# 
loop_
_chem_comp_bond.comp_id 
_chem_comp_bond.atom_id_1 
_chem_comp_bond.atom_id_2 
_chem_comp_bond.value_order 
_chem_comp_bond.pdbx_aromatic_flag 
_chem_comp_bond.pdbx_stereo_config 
_chem_comp_bond.pdbx_ordinal 
ALA N   CA   sing N N 1   
ALA N   H    sing N N 2   
ALA N   H2   sing N N 3   
ALA CA  C    sing N N 4   
ALA CA  CB   sing N N 5   
ALA CA  HA   sing N N 6   
ALA C   O    doub N N 7   
ALA C   OXT  sing N N 8   
ALA CB  HB1  sing N N 9   
ALA CB  HB2  sing N N 10  
ALA CB  HB3  sing N N 11  
ALA OXT HXT  sing N N 12  
ARG N   CA   sing N N 13  
ARG N   H    sing N N 14  
ARG N   H2   sing N N 15  
ARG CA  C    sing N N 16  
ARG CA  CB   sing N N 17  
ARG CA  HA   sing N N 18  
ARG C   O    doub N N 19  
ARG C   OXT  sing N N 20  
ARG CB  CG   sing N N 21  
ARG CB  HB2  sing N N 22  
ARG CB  HB3  sing N N 23  
ARG CG  CD   sing N N 24  
ARG CG  HG2  sing N N 25  
ARG CG  HG3  sing N N 26  
ARG CD  NE   sing N N 27  
ARG CD  HD2  sing N N 28  
ARG CD  HD3  sing N N 29  
ARG NE  CZ   sing N N 30  
ARG NE  HE   sing N N 31  
ARG CZ  NH1  sing N N 32  
ARG CZ  NH2  doub N N 33  
ARG NH1 HH11 sing N N 34  
ARG NH1 HH12 sing N N 35  
ARG NH2 HH21 sing N N 36  
ARG NH2 HH22 sing N N 37  
ARG OXT HXT  sing N N 38  
ASN N   CA   sing N N 39  
ASN N   H    sing N N 40  
ASN N   H2   sing N N 41  
ASN CA  C    sing N N 42  
ASN CA  CB   sing N N 43  
ASN CA  HA   sing N N 44  
ASN C   O    doub N N 45  
ASN C   OXT  sing N N 46  
ASN CB  CG   sing N N 47  
ASN CB  HB2  sing N N 48  
ASN CB  HB3  sing N N 49  
ASN CG  OD1  doub N N 50  
ASN CG  ND2  sing N N 51  
ASN ND2 HD21 sing N N 52  
ASN ND2 HD22 sing N N 53  
ASN OXT HXT  sing N N 54  
ASP N   CA   sing N N 55  
ASP N   H    sing N N 56  
ASP N   H2   sing N N 57  
ASP CA  C    sing N N 58  
ASP CA  CB   sing N N 59  
ASP CA  HA   sing N N 60  
ASP C   O    doub N N 61  
ASP C   OXT  sing N N 62  
ASP CB  CG   sing N N 63  
ASP CB  HB2  sing N N 64  
ASP CB  HB3  sing N N 65  
ASP CG  OD1  doub N N 66  
ASP CG  OD2  sing N N 67  
ASP OD2 HD2  sing N N 68  
ASP OXT HXT  sing N N 69  
CYS N   CA   sing N N 70  
CYS N   H    sing N N 71  
CYS N   H2   sing N N 72  
CYS CA  C    sing N N 73  
CYS CA  CB   sing N N 74  
CYS CA  HA   sing N N 75  
CYS C   O    doub N N 76  
CYS C   OXT  sing N N 77  
CYS CB  SG   sing N N 78  
CYS CB  HB2  sing N N 79  
CYS CB  HB3  sing N N 80  
CYS SG  HG   sing N N 81  
CYS OXT HXT  sing N N 82  
GLN N   CA   sing N N 83  
GLN N   H    sing N N 84  
GLN N   H2   sing N N 85  
GLN CA  C    sing N N 86  
GLN CA  CB   sing N N 87  
GLN CA  HA   sing N N 88  
GLN C   O    doub N N 89  
GLN C   OXT  sing N N 90  
GLN CB  CG   sing N N 91  
GLN CB  HB2  sing N N 92  
GLN CB  HB3  sing N N 93  
GLN CG  CD   sing N N 94  
GLN CG  HG2  sing N N 95  
GLN CG  HG3  sing N N 96  
GLN CD  OE1  doub N N 97  
GLN CD  NE2  sing N N 98  
GLN NE2 HE21 sing N N 99  
GLN NE2 HE22 sing N N 100 
GLN OXT HXT  sing N N 101 
GLU N   CA   sing N N 102 
GLU N   H    sing N N 103 
GLU N   H2   sing N N 104 
GLU CA  C    sing N N 105 
GLU CA  CB   sing N N 106 
GLU CA  HA   sing N N 107 
GLU C   O    doub N N 108 
GLU C   OXT  sing N N 109 
GLU CB  CG   sing N N 110 
GLU CB  HB2  sing N N 111 
GLU CB  HB3  sing N N 112 
GLU CG  CD   sing N N 113 
GLU CG  HG2  sing N N 114 
GLU CG  HG3  sing N N 115 
GLU CD  OE1  doub N N 116 
GLU CD  OE2  sing N N 117 
GLU OE2 HE2  sing N N 118 
GLU OXT HXT  sing N N 119 
GLY N   CA   sing N N 120 
GLY N   H    sing N N 121 
GLY N   H2   sing N N 122 
GLY CA  C    sing N N 123 
GLY CA  HA2  sing N N 124 
GLY CA  HA3  sing N N 125 
GLY C   O    doub N N 126 
GLY C   OXT  sing N N 127 
GLY OXT HXT  sing N N 128 
HIS N   CA   sing N N 129 
HIS N   H    sing N N 130 
HIS N   H2   sing N N 131 
HIS CA  C    sing N N 132 
HIS CA  CB   sing N N 133 
HIS CA  HA   sing N N 134 
HIS C   O    doub N N 135 
HIS C   OXT  sing N N 136 
HIS CB  CG   sing N N 137 
HIS CB  HB2  sing N N 138 
HIS CB  HB3  sing N N 139 
HIS CG  ND1  sing Y N 140 
HIS CG  CD2  doub Y N 141 
HIS ND1 CE1  doub Y N 142 
HIS ND1 HD1  sing N N 143 
HIS CD2 NE2  sing Y N 144 
HIS CD2 HD2  sing N N 145 
HIS CE1 NE2  sing Y N 146 
HIS CE1 HE1  sing N N 147 
HIS NE2 HE2  sing N N 148 
HIS OXT HXT  sing N N 149 
HOH O   H1   sing N N 150 
HOH O   H2   sing N N 151 
ILE N   CA   sing N N 152 
ILE N   H    sing N N 153 
ILE N   H2   sing N N 154 
ILE CA  C    sing N N 155 
ILE CA  CB   sing N N 156 
ILE CA  HA   sing N N 157 
ILE C   O    doub N N 158 
ILE C   OXT  sing N N 159 
ILE CB  CG1  sing N N 160 
ILE CB  CG2  sing N N 161 
ILE CB  HB   sing N N 162 
ILE CG1 CD1  sing N N 163 
ILE CG1 HG12 sing N N 164 
ILE CG1 HG13 sing N N 165 
ILE CG2 HG21 sing N N 166 
ILE CG2 HG22 sing N N 167 
ILE CG2 HG23 sing N N 168 
ILE CD1 HD11 sing N N 169 
ILE CD1 HD12 sing N N 170 
ILE CD1 HD13 sing N N 171 
ILE OXT HXT  sing N N 172 
LEU N   CA   sing N N 173 
LEU N   H    sing N N 174 
LEU N   H2   sing N N 175 
LEU CA  C    sing N N 176 
LEU CA  CB   sing N N 177 
LEU CA  HA   sing N N 178 
LEU C   O    doub N N 179 
LEU C   OXT  sing N N 180 
LEU CB  CG   sing N N 181 
LEU CB  HB2  sing N N 182 
LEU CB  HB3  sing N N 183 
LEU CG  CD1  sing N N 184 
LEU CG  CD2  sing N N 185 
LEU CG  HG   sing N N 186 
LEU CD1 HD11 sing N N 187 
LEU CD1 HD12 sing N N 188 
LEU CD1 HD13 sing N N 189 
LEU CD2 HD21 sing N N 190 
LEU CD2 HD22 sing N N 191 
LEU CD2 HD23 sing N N 192 
LEU OXT HXT  sing N N 193 
LYS N   CA   sing N N 194 
LYS N   H    sing N N 195 
LYS N   H2   sing N N 196 
LYS CA  C    sing N N 197 
LYS CA  CB   sing N N 198 
LYS CA  HA   sing N N 199 
LYS C   O    doub N N 200 
LYS C   OXT  sing N N 201 
LYS CB  CG   sing N N 202 
LYS CB  HB2  sing N N 203 
LYS CB  HB3  sing N N 204 
LYS CG  CD   sing N N 205 
LYS CG  HG2  sing N N 206 
LYS CG  HG3  sing N N 207 
LYS CD  CE   sing N N 208 
LYS CD  HD2  sing N N 209 
LYS CD  HD3  sing N N 210 
LYS CE  NZ   sing N N 211 
LYS CE  HE2  sing N N 212 
LYS CE  HE3  sing N N 213 
LYS NZ  HZ1  sing N N 214 
LYS NZ  HZ2  sing N N 215 
LYS NZ  HZ3  sing N N 216 
LYS OXT HXT  sing N N 217 
MET N   CA   sing N N 218 
MET N   H    sing N N 219 
MET N   H2   sing N N 220 
MET CA  C    sing N N 221 
MET CA  CB   sing N N 222 
MET CA  HA   sing N N 223 
MET C   O    doub N N 224 
MET C   OXT  sing N N 225 
MET CB  CG   sing N N 226 
MET CB  HB2  sing N N 227 
MET CB  HB3  sing N N 228 
MET CG  SD   sing N N 229 
MET CG  HG2  sing N N 230 
MET CG  HG3  sing N N 231 
MET SD  CE   sing N N 232 
MET CE  HE1  sing N N 233 
MET CE  HE2  sing N N 234 
MET CE  HE3  sing N N 235 
MET OXT HXT  sing N N 236 
PHE N   CA   sing N N 237 
PHE N   H    sing N N 238 
PHE N   H2   sing N N 239 
PHE CA  C    sing N N 240 
PHE CA  CB   sing N N 241 
PHE CA  HA   sing N N 242 
PHE C   O    doub N N 243 
PHE C   OXT  sing N N 244 
PHE CB  CG   sing N N 245 
PHE CB  HB2  sing N N 246 
PHE CB  HB3  sing N N 247 
PHE CG  CD1  doub Y N 248 
PHE CG  CD2  sing Y N 249 
PHE CD1 CE1  sing Y N 250 
PHE CD1 HD1  sing N N 251 
PHE CD2 CE2  doub Y N 252 
PHE CD2 HD2  sing N N 253 
PHE CE1 CZ   doub Y N 254 
PHE CE1 HE1  sing N N 255 
PHE CE2 CZ   sing Y N 256 
PHE CE2 HE2  sing N N 257 
PHE CZ  HZ   sing N N 258 
PHE OXT HXT  sing N N 259 
PRO N   CA   sing N N 260 
PRO N   CD   sing N N 261 
PRO N   H    sing N N 262 
PRO CA  C    sing N N 263 
PRO CA  CB   sing N N 264 
PRO CA  HA   sing N N 265 
PRO C   O    doub N N 266 
PRO C   OXT  sing N N 267 
PRO CB  CG   sing N N 268 
PRO CB  HB2  sing N N 269 
PRO CB  HB3  sing N N 270 
PRO CG  CD   sing N N 271 
PRO CG  HG2  sing N N 272 
PRO CG  HG3  sing N N 273 
PRO CD  HD2  sing N N 274 
PRO CD  HD3  sing N N 275 
PRO OXT HXT  sing N N 276 
SER N   CA   sing N N 277 
SER N   H    sing N N 278 
SER N   H2   sing N N 279 
SER CA  C    sing N N 280 
SER CA  CB   sing N N 281 
SER CA  HA   sing N N 282 
SER C   O    doub N N 283 
SER C   OXT  sing N N 284 
SER CB  OG   sing N N 285 
SER CB  HB2  sing N N 286 
SER CB  HB3  sing N N 287 
SER OG  HG   sing N N 288 
SER OXT HXT  sing N N 289 
THR N   CA   sing N N 290 
THR N   H    sing N N 291 
THR N   H2   sing N N 292 
THR CA  C    sing N N 293 
THR CA  CB   sing N N 294 
THR CA  HA   sing N N 295 
THR C   O    doub N N 296 
THR C   OXT  sing N N 297 
THR CB  OG1  sing N N 298 
THR CB  CG2  sing N N 299 
THR CB  HB   sing N N 300 
THR OG1 HG1  sing N N 301 
THR CG2 HG21 sing N N 302 
THR CG2 HG22 sing N N 303 
THR CG2 HG23 sing N N 304 
THR OXT HXT  sing N N 305 
TRP N   CA   sing N N 306 
TRP N   H    sing N N 307 
TRP N   H2   sing N N 308 
TRP CA  C    sing N N 309 
TRP CA  CB   sing N N 310 
TRP CA  HA   sing N N 311 
TRP C   O    doub N N 312 
TRP C   OXT  sing N N 313 
TRP CB  CG   sing N N 314 
TRP CB  HB2  sing N N 315 
TRP CB  HB3  sing N N 316 
TRP CG  CD1  doub Y N 317 
TRP CG  CD2  sing Y N 318 
TRP CD1 NE1  sing Y N 319 
TRP CD1 HD1  sing N N 320 
TRP CD2 CE2  doub Y N 321 
TRP CD2 CE3  sing Y N 322 
TRP NE1 CE2  sing Y N 323 
TRP NE1 HE1  sing N N 324 
TRP CE2 CZ2  sing Y N 325 
TRP CE3 CZ3  doub Y N 326 
TRP CE3 HE3  sing N N 327 
TRP CZ2 CH2  doub Y N 328 
TRP CZ2 HZ2  sing N N 329 
TRP CZ3 CH2  sing Y N 330 
TRP CZ3 HZ3  sing N N 331 
TRP CH2 HH2  sing N N 332 
TRP OXT HXT  sing N N 333 
TYR N   CA   sing N N 334 
TYR N   H    sing N N 335 
TYR N   H2   sing N N 336 
TYR CA  C    sing N N 337 
TYR CA  CB   sing N N 338 
TYR CA  HA   sing N N 339 
TYR C   O    doub N N 340 
TYR C   OXT  sing N N 341 
TYR CB  CG   sing N N 342 
TYR CB  HB2  sing N N 343 
TYR CB  HB3  sing N N 344 
TYR CG  CD1  doub Y N 345 
TYR CG  CD2  sing Y N 346 
TYR CD1 CE1  sing Y N 347 
TYR CD1 HD1  sing N N 348 
TYR CD2 CE2  doub Y N 349 
TYR CD2 HD2  sing N N 350 
TYR CE1 CZ   doub Y N 351 
TYR CE1 HE1  sing N N 352 
TYR CE2 CZ   sing Y N 353 
TYR CE2 HE2  sing N N 354 
TYR CZ  OH   sing N N 355 
TYR OH  HH   sing N N 356 
TYR OXT HXT  sing N N 357 
VAL N   CA   sing N N 358 
VAL N   H    sing N N 359 
VAL N   H2   sing N N 360 
VAL CA  C    sing N N 361 
VAL CA  CB   sing N N 362 
VAL CA  HA   sing N N 363 
VAL C   O    doub N N 364 
VAL C   OXT  sing N N 365 
VAL CB  CG1  sing N N 366 
VAL CB  CG2  sing N N 367 
VAL CB  HB   sing N N 368 
VAL CG1 HG11 sing N N 369 
VAL CG1 HG12 sing N N 370 
VAL CG1 HG13 sing N N 371 
VAL CG2 HG21 sing N N 372 
VAL CG2 HG22 sing N N 373 
VAL CG2 HG23 sing N N 374 
VAL OXT HXT  sing N N 375 
# 
_atom_sites.entry_id                    3RCO 
_atom_sites.fract_transf_matrix[1][1]   0.00715663 
_atom_sites.fract_transf_matrix[1][2]   0.00358599 
_atom_sites.fract_transf_matrix[1][3]   -0.00602859 
_atom_sites.fract_transf_matrix[2][1]   -0.00600708 
_atom_sites.fract_transf_matrix[2][2]   0.00758022 
_atom_sites.fract_transf_matrix[2][3]   -0.00262215 
_atom_sites.fract_transf_matrix[3][1]   0.00362190 
_atom_sites.fract_transf_matrix[3][2]   0.00548647 
_atom_sites.fract_transf_matrix[3][3]   0.00756313 
_atom_sites.fract_transf_vector[1]      0.327789 
_atom_sites.fract_transf_vector[2]      0.190129 
_atom_sites.fract_transf_vector[3]      0.122732 
# 
loop_
_atom_type.symbol 
C  
CL 
N  
O  
S  
# 
loop_
_atom_site.group_PDB 
_atom_site.id 
_atom_site.type_symbol 
_atom_site.label_atom_id 
_atom_site.label_alt_id 
_atom_site.label_comp_id 
_atom_site.label_asym_id 
_atom_site.label_entity_id 
_atom_site.label_seq_id 
_atom_site.pdbx_PDB_ins_code 
_atom_site.Cartn_x 
_atom_site.Cartn_y 
_atom_site.Cartn_z 
_atom_site.occupancy 
_atom_site.B_iso_or_equiv 
_atom_site.pdbx_formal_charge 
_atom_site.auth_seq_id 
_atom_site.auth_comp_id 
_atom_site.auth_asym_id 
_atom_site.auth_atom_id 
_atom_site.pdbx_PDB_model_num 
ATOM   1    N  N   . MET A 1 8  ? 13.188  5.399   8.601   1.00 33.46 ? 18  MET A N   1 
ATOM   2    C  CA  . MET A 1 8  ? 12.279  5.240   9.778   1.00 32.14 ? 18  MET A CA  1 
ATOM   3    C  C   . MET A 1 8  ? 11.769  6.622   10.222  1.00 31.26 ? 18  MET A C   1 
ATOM   4    O  O   . MET A 1 8  ? 11.005  6.739   11.184  1.00 31.51 ? 18  MET A O   1 
ATOM   5    C  CB  . MET A 1 8  ? 13.005  4.526   10.935  1.00 33.60 ? 18  MET A CB  1 
ATOM   6    N  N   . LEU A 1 9  ? 12.181  7.664   9.499   1.00 29.58 ? 19  LEU A N   1 
ATOM   7    C  CA  . LEU A 1 9  ? 11.691  9.006   9.759   1.00 27.90 ? 19  LEU A CA  1 
ATOM   8    C  C   . LEU A 1 9  ? 10.230  9.104   9.373   1.00 24.47 ? 19  LEU A C   1 
ATOM   9    O  O   . LEU A 1 9  ? 9.737   8.307   8.570   1.00 23.87 ? 19  LEU A O   1 
ATOM   10   C  CB  . LEU A 1 9  ? 12.516  10.048  8.996   1.00 28.72 ? 19  LEU A CB  1 
ATOM   11   C  CG  . LEU A 1 9  ? 14.016  9.954   9.337   1.00 34.04 ? 19  LEU A CG  1 
ATOM   12   C  CD1 . LEU A 1 9  ? 14.808  10.965  8.548   1.00 38.81 ? 19  LEU A CD1 1 
ATOM   13   C  CD2 . LEU A 1 9  ? 14.234  10.171  10.815  1.00 36.49 ? 19  LEU A CD2 1 
ATOM   14   N  N   . GLU A 1 10 ? 9.522   10.051  9.984   1.00 22.33 ? 20  GLU A N   1 
ATOM   15   C  CA  . GLU A 1 10 ? 8.121   10.244  9.643   1.00 20.68 ? 20  GLU A CA  1 
ATOM   16   C  C   . GLU A 1 10 ? 7.973   10.464  8.133   1.00 19.69 ? 20  GLU A C   1 
ATOM   17   O  O   . GLU A 1 10 ? 7.126   9.843   7.479   1.00 20.04 ? 20  GLU A O   1 
ATOM   18   C  CB  . GLU A 1 10 ? 7.526   11.424  10.415  1.00 17.69 ? 20  GLU A CB  1 
ATOM   19   C  CG  . GLU A 1 10 ? 6.052   11.592  10.150  1.00 16.24 ? 20  GLU A CG  1 
ATOM   20   C  CD  . GLU A 1 10 ? 5.398   12.655  10.997  1.00 17.77 ? 20  GLU A CD  1 
ATOM   21   O  OE1 . GLU A 1 10 ? 6.059   13.209  11.890  1.00 20.66 ? 20  GLU A OE1 1 
ATOM   22   O  OE2 . GLU A 1 10 ? 4.194   12.956  10.741  1.00 18.24 ? 20  GLU A OE2 1 
ATOM   23   N  N   . GLY A 1 11 ? 8.809   11.350  7.586   1.00 22.04 ? 21  GLY A N   1 
ATOM   24   C  CA  . GLY A 1 11 ? 8.724   11.701  6.172   1.00 22.52 ? 21  GLY A CA  1 
ATOM   25   C  C   . GLY A 1 11 ? 8.976   10.511  5.273   1.00 22.88 ? 21  GLY A C   1 
ATOM   26   O  O   . GLY A 1 11 ? 8.319   10.375  4.238   1.00 19.60 ? 21  GLY A O   1 
ATOM   27   N  N   . ASP A 1 12 ? 9.925   9.638   5.659   1.00 24.24 ? 22  ASP A N   1 
ATOM   28   C  CA  . ASP A 1 12 ? 10.180  8.395   4.905   1.00 25.39 ? 22  ASP A CA  1 
ATOM   29   C  C   . ASP A 1 12 ? 8.972   7.449   4.907   1.00 23.45 ? 22  ASP A C   1 
ATOM   30   O  O   . ASP A 1 12 ? 8.632   6.854   3.884   1.00 23.74 ? 22  ASP A O   1 
ATOM   31   C  CB  . ASP A 1 12 ? 11.437  7.629   5.416   1.00 26.80 ? 22  ASP A CB  1 
ATOM   32   C  CG  . ASP A 1 12 ? 12.724  8.448   5.335   1.00 33.45 ? 22  ASP A CG  1 
ATOM   33   O  OD1 . ASP A 1 12 ? 12.802  9.453   4.575   1.00 39.97 ? 22  ASP A OD1 1 
ATOM   34   O  OD2 . ASP A 1 12 ? 13.668  8.094   6.083   1.00 41.60 ? 22  ASP A OD2 1 
ATOM   35   N  N   . LEU A 1 13 ? 8.377   7.230   6.075   1.00 22.58 ? 23  LEU A N   1 
ATOM   36   C  CA  . LEU A 1 13 ? 7.188   6.414   6.145   1.00 20.83 ? 23  LEU A CA  1 
ATOM   37   C  C   . LEU A 1 13 ? 6.015   7.010   5.343   1.00 20.29 ? 23  LEU A C   1 
ATOM   38   O  O   . LEU A 1 13 ? 5.351   6.305   4.600   1.00 19.20 ? 23  LEU A O   1 
ATOM   39   C  CB  . LEU A 1 13 ? 6.773   6.151   7.600   1.00 23.47 ? 23  LEU A CB  1 
ATOM   40   C  CG  . LEU A 1 13 ? 7.948   5.704   8.484   1.00 26.26 ? 23  LEU A CG  1 
ATOM   41   C  CD1 . LEU A 1 13 ? 7.570   5.765   9.988   1.00 21.87 ? 23  LEU A CD1 1 
ATOM   42   C  CD2 . LEU A 1 13 ? 8.467   4.308   8.076   1.00 33.13 ? 23  LEU A CD2 1 
ATOM   43   N  N   . VAL A 1 14 ? 5.783   8.315   5.467   1.00 18.82 ? 24  VAL A N   1 
ATOM   44   C  CA  . VAL A 1 14 ? 4.679   8.928   4.730   1.00 17.16 ? 24  VAL A CA  1 
ATOM   45   C  C   . VAL A 1 14 ? 4.920   8.780   3.221   1.00 17.50 ? 24  VAL A C   1 
ATOM   46   O  O   . VAL A 1 14 ? 4.023   8.423   2.475   1.00 17.63 ? 24  VAL A O   1 
ATOM   47   C  CB  . VAL A 1 14 ? 4.469   10.422  5.155   1.00 17.05 ? 24  VAL A CB  1 
ATOM   48   C  CG1 . VAL A 1 14 ? 3.504   11.138  4.234   1.00 15.79 ? 24  VAL A CG1 1 
ATOM   49   C  CG2 . VAL A 1 14 ? 3.985   10.483  6.653   1.00 15.66 ? 24  VAL A CG2 1 
ATOM   50   N  N   . SER A 1 15 ? 6.163   9.008   2.801   1.00 20.23 ? 25  SER A N   1 
ATOM   51   C  CA  . SER A 1 15 ? 6.528   8.885   1.396   1.00 22.04 ? 25  SER A CA  1 
ATOM   52   C  C   . SER A 1 15 ? 6.244   7.494   0.835   1.00 23.00 ? 25  SER A C   1 
ATOM   53   O  O   . SER A 1 15 ? 5.668   7.356   -0.254  1.00 20.70 ? 25  SER A O   1 
ATOM   54   C  CB  . SER A 1 15 ? 7.995   9.266   1.188   1.00 24.15 ? 25  SER A CB  1 
ATOM   55   O  OG  . SER A 1 15 ? 8.412   8.845   -0.102  1.00 32.10 ? 25  SER A OG  1 
ATOM   56   N  N   . LYS A 1 16 ? 6.623   6.461   1.589   1.00 24.02 ? 26  LYS A N   1 
ATOM   57   C  CA  . LYS A 1 16 ? 6.359   5.084   1.185   1.00 24.58 ? 26  LYS A CA  1 
ATOM   58   C  C   . LYS A 1 16 ? 4.888   4.750   1.121   1.00 23.83 ? 26  LYS A C   1 
ATOM   59   O  O   . LYS A 1 16 ? 4.436   4.046   0.219   1.00 24.73 ? 26  LYS A O   1 
ATOM   60   C  CB  . LYS A 1 16 ? 7.113   4.093   2.080   1.00 26.06 ? 26  LYS A CB  1 
ATOM   61   C  CG  . LYS A 1 16 ? 8.647   4.214   1.993   1.00 31.26 ? 26  LYS A CG  1 
ATOM   62   N  N   . MET A 1 17 ? 4.121   5.237   2.085   1.00 21.37 ? 27  MET A N   1 
ATOM   63   C  CA  . MET A 1 17 ? 2.703   5.003   2.069   1.00 19.24 ? 27  MET A CA  1 
ATOM   64   C  C   . MET A 1 17 ? 2.016   5.752   0.926   1.00 18.70 ? 27  MET A C   1 
ATOM   65   O  O   . MET A 1 17 ? 1.119   5.232   0.283   1.00 18.21 ? 27  MET A O   1 
ATOM   66   C  CB  . MET A 1 17 ? 2.090   5.368   3.420   1.00 20.08 ? 27  MET A CB  1 
ATOM   67   C  CG  . MET A 1 17 ? 2.610   4.458   4.534   1.00 22.03 ? 27  MET A CG  1 
ATOM   68   S  SD  . MET A 1 17 ? 1.720   4.717   6.059   1.00 27.67 ? 27  MET A SD  1 
ATOM   69   C  CE  . MET A 1 17 ? 2.558   6.186   6.674   1.00 18.57 ? 27  MET A CE  1 
ATOM   70   N  N   . LEU A 1 18 ? 2.454   6.973   0.663   1.00 18.16 ? 28  LEU A N   1 
ATOM   71   C  CA  . LEU A 1 18 ? 1.905   7.711   -0.467  1.00 17.28 ? 28  LEU A CA  1 
ATOM   72   C  C   . LEU A 1 18 ? 2.148   6.940   -1.789  1.00 15.95 ? 28  LEU A C   1 
ATOM   73   O  O   . LEU A 1 18 ? 1.274   6.862   -2.664  1.00 15.76 ? 28  LEU A O   1 
ATOM   74   C  CB  . LEU A 1 18 ? 2.579   9.087   -0.531  1.00 18.32 ? 28  LEU A CB  1 
ATOM   75   C  CG  . LEU A 1 18 ? 2.276   9.958   -1.746  1.00 19.75 ? 28  LEU A CG  1 
ATOM   76   C  CD1 . LEU A 1 18 ? 0.794   10.193  -1.892  1.00 21.40 ? 28  LEU A CD1 1 
ATOM   77   C  CD2 . LEU A 1 18 ? 3.025   11.306  -1.644  1.00 20.49 ? 28  LEU A CD2 1 
ATOM   78   N  N   . ARG A 1 19 ? 3.366   6.461   -1.959  1.00 17.21 ? 29  ARG A N   1 
ATOM   79   C  CA  . ARG A 1 19 ? 3.709   5.710   -3.172  1.00 19.18 ? 29  ARG A CA  1 
ATOM   80   C  C   . ARG A 1 19 ? 2.789   4.510   -3.318  1.00 19.97 ? 29  ARG A C   1 
ATOM   81   O  O   . ARG A 1 19 ? 2.200   4.277   -4.393  1.00 20.47 ? 29  ARG A O   1 
ATOM   82   C  CB  . ARG A 1 19 ? 5.176   5.263   -3.141  1.00 21.24 ? 29  ARG A CB  1 
ATOM   83   C  CG  . ARG A 1 19 ? 5.645   4.635   -4.465  1.00 25.28 ? 29  ARG A CG  1 
ATOM   84   C  CD  . ARG A 1 19 ? 7.076   4.073   -4.376  1.00 30.53 ? 29  ARG A CD  1 
ATOM   85   N  NE  . ARG A 1 19 ? 8.100   5.094   -4.133  1.00 40.03 ? 29  ARG A NE  1 
ATOM   86   C  CZ  . ARG A 1 19 ? 8.667   5.833   -5.084  1.00 42.63 ? 29  ARG A CZ  1 
ATOM   87   N  NH1 . ARG A 1 19 ? 8.264   5.719   -6.347  1.00 48.82 ? 29  ARG A NH1 1 
ATOM   88   N  NH2 . ARG A 1 19 ? 9.613   6.713   -4.775  1.00 44.11 ? 29  ARG A NH2 1 
ATOM   89   N  N   . ALA A 1 20 ? 2.574   3.796   -2.217  1.00 19.56 ? 30  ALA A N   1 
ATOM   90   C  CA  . ALA A 1 20 ? 1.645   2.679   -2.249  1.00 19.76 ? 30  ALA A CA  1 
ATOM   91   C  C   . ALA A 1 20 ? 0.254   3.051   -2.674  1.00 19.37 ? 30  ALA A C   1 
ATOM   92   O  O   . ALA A 1 20 ? -0.361  2.320   -3.432  1.00 20.00 ? 30  ALA A O   1 
ATOM   93   C  CB  . ALA A 1 20 ? 1.629   1.922   -0.900  1.00 20.59 ? 30  ALA A CB  1 
ATOM   94   N  N   . VAL A 1 21 ? -0.266  4.203   -2.203  1.00 16.82 ? 31  VAL A N   1 
ATOM   95   C  CA  . VAL A 1 21 ? -1.590  4.641   -2.582  1.00 18.05 ? 31  VAL A CA  1 
ATOM   96   C  C   . VAL A 1 21 ? -1.637  4.970   -4.081  1.00 18.66 ? 31  VAL A C   1 
ATOM   97   O  O   . VAL A 1 21 ? -2.563  4.581   -4.757  1.00 18.13 ? 31  VAL A O   1 
ATOM   98   C  CB  . VAL A 1 21 ? -2.063  5.861   -1.746  1.00 17.31 ? 31  VAL A CB  1 
ATOM   99   C  CG1 . VAL A 1 21 ? -3.378  6.402   -2.276  1.00 20.01 ? 31  VAL A CG1 1 
ATOM   100  C  CG2 . VAL A 1 21 ? -2.212  5.471   -0.299  1.00 16.21 ? 31  VAL A CG2 1 
ATOM   101  N  N   . LEU A 1 22 ? -0.604  5.651   -4.590  1.00 20.59 ? 32  LEU A N   1 
ATOM   102  C  CA  . LEU A 1 22 ? -0.653  6.177   -5.960  1.00 22.89 ? 32  LEU A CA  1 
ATOM   103  C  C   . LEU A 1 22 ? -0.534  5.023   -6.954  1.00 25.37 ? 32  LEU A C   1 
ATOM   104  O  O   . LEU A 1 22 ? -1.240  4.979   -7.980  1.00 23.35 ? 32  LEU A O   1 
ATOM   105  C  CB  . LEU A 1 22 ? 0.467   7.190   -6.196  1.00 22.56 ? 32  LEU A CB  1 
ATOM   106  C  CG  . LEU A 1 22 ? 0.246   8.521   -5.453  1.00 21.34 ? 32  LEU A CG  1 
ATOM   107  C  CD1 . LEU A 1 22 ? 1.433   9.441   -5.607  1.00 21.96 ? 32  LEU A CD1 1 
ATOM   108  C  CD2 . LEU A 1 22 ? -1.065  9.188   -5.903  1.00 21.43 ? 32  LEU A CD2 1 
ATOM   109  N  N   . GLN A 1 23 ? 0.351   4.086   -6.629  1.00 28.78 ? 33  GLN A N   1 
ATOM   110  C  CA  . GLN A 1 23 ? 0.489   2.851   -7.408  1.00 32.84 ? 33  GLN A CA  1 
ATOM   111  C  C   . GLN A 1 23 ? -0.805  2.027   -7.507  1.00 34.76 ? 33  GLN A C   1 
ATOM   112  O  O   . GLN A 1 23 ? -1.013  1.322   -8.489  1.00 36.03 ? 33  GLN A O   1 
ATOM   113  C  CB  . GLN A 1 23 ? 1.641   2.008   -6.878  1.00 33.23 ? 33  GLN A CB  1 
ATOM   114  C  CG  . GLN A 1 23 ? 2.837   2.056   -7.777  1.00 37.45 ? 33  GLN A CG  1 
ATOM   115  C  CD  . GLN A 1 23 ? 4.144   1.976   -7.023  1.00 42.06 ? 33  GLN A CD  1 
ATOM   116  O  OE1 . GLN A 1 23 ? 4.214   1.374   -5.948  1.00 44.09 ? 33  GLN A OE1 1 
ATOM   117  N  NE2 . GLN A 1 23 ? 5.209   2.566   -7.599  1.00 38.59 ? 33  GLN A NE2 1 
ATOM   118  N  N   . SER A 1 24 ? -1.701  2.183   -6.535  1.00 37.76 ? 34  SER A N   1 
ATOM   119  C  CA  . SER A 1 24 ? -2.995  1.517   -6.579  1.00 40.44 ? 34  SER A CA  1 
ATOM   120  C  C   . SER A 1 24 ? -3.811  1.971   -7.782  1.00 42.16 ? 34  SER A C   1 
ATOM   121  O  O   . SER A 1 24 ? -4.762  1.296   -8.179  1.00 42.73 ? 34  SER A O   1 
ATOM   122  C  CB  . SER A 1 24 ? -3.795  1.763   -5.293  1.00 40.42 ? 34  SER A CB  1 
ATOM   123  O  OG  . SER A 1 24 ? -3.130  1.254   -4.150  1.00 44.36 ? 34  SER A OG  1 
ATOM   124  N  N   . HIS A 1 25 ? -3.441  3.118   -8.358  1.00 43.24 ? 35  HIS A N   1 
ATOM   125  C  CA  . HIS A 1 25 ? -4.293  3.806   -9.341  1.00 44.34 ? 35  HIS A CA  1 
ATOM   126  C  C   . HIS A 1 25 ? -3.544  4.075   -10.628 1.00 44.35 ? 35  HIS A C   1 
ATOM   127  O  O   . HIS A 1 25 ? -2.721  4.998   -10.694 1.00 45.92 ? 35  HIS A O   1 
ATOM   128  C  CB  . HIS A 1 25 ? -4.808  5.133   -8.765  1.00 44.30 ? 35  HIS A CB  1 
ATOM   129  C  CG  . HIS A 1 25 ? -5.637  4.964   -7.534  1.00 44.55 ? 35  HIS A CG  1 
ATOM   130  N  ND1 . HIS A 1 25 ? -5.085  4.766   -6.285  1.00 45.79 ? 35  HIS A ND1 1 
ATOM   131  C  CD2 . HIS A 1 25 ? -6.979  4.882   -7.371  1.00 47.70 ? 35  HIS A CD2 1 
ATOM   132  C  CE1 . HIS A 1 25 ? -6.052  4.585   -5.403  1.00 46.92 ? 35  HIS A CE1 1 
ATOM   133  N  NE2 . HIS A 1 25 ? -7.211  4.644   -6.037  1.00 48.12 ? 35  HIS A NE2 1 
ATOM   134  N  N   . LYS A 1 26 ? -3.831  3.286   -11.659 1.00 43.66 ? 36  LYS A N   1 
ATOM   135  C  CA  . LYS A 1 26 ? -3.136  3.438   -12.941 1.00 43.06 ? 36  LYS A CA  1 
ATOM   136  C  C   . LYS A 1 26 ? -3.439  4.794   -13.575 1.00 42.37 ? 36  LYS A C   1 
ATOM   137  O  O   . LYS A 1 26 ? -2.574  5.397   -14.225 1.00 42.15 ? 36  LYS A O   1 
ATOM   138  C  CB  . LYS A 1 26 ? -3.510  2.304   -13.905 1.00 43.34 ? 36  LYS A CB  1 
ATOM   139  N  N   . ASN A 1 27 ? -4.666  5.273   -13.370 1.00 41.01 ? 37  ASN A N   1 
ATOM   140  C  CA  . ASN A 1 27 ? -5.138  6.509   -14.009 1.00 41.07 ? 37  ASN A CA  1 
ATOM   141  C  C   . ASN A 1 27 ? -4.852  7.767   -13.182 1.00 38.15 ? 37  ASN A C   1 
ATOM   142  O  O   . ASN A 1 27 ? -5.410  8.834   -13.455 1.00 37.95 ? 37  ASN A O   1 
ATOM   143  C  CB  . ASN A 1 27 ? -6.646  6.428   -14.275 1.00 42.10 ? 37  ASN A CB  1 
ATOM   144  C  CG  . ASN A 1 27 ? -7.004  5.361   -15.287 1.00 47.67 ? 37  ASN A CG  1 
ATOM   145  O  OD1 . ASN A 1 27 ? -6.502  5.367   -16.418 1.00 50.89 ? 37  ASN A OD1 1 
ATOM   146  N  ND2 . ASN A 1 27 ? -7.868  4.415   -14.882 1.00 51.27 ? 37  ASN A ND2 1 
ATOM   147  N  N   . GLY A 1 28 ? -4.006  7.636   -12.166 1.00 34.80 ? 38  GLY A N   1 
ATOM   148  C  CA  . GLY A 1 28 ? -3.781  8.737   -11.222 1.00 30.25 ? 38  GLY A CA  1 
ATOM   149  C  C   . GLY A 1 28 ? -4.950  8.969   -10.282 1.00 27.99 ? 38  GLY A C   1 
ATOM   150  O  O   . GLY A 1 28 ? -5.959  8.271   -10.347 1.00 27.35 ? 38  GLY A O   1 
ATOM   151  N  N   . VAL A 1 29 ? -4.794  9.947   -9.387  1.00 24.45 ? 39  VAL A N   1 
ATOM   152  C  CA  . VAL A 1 29 ? -5.756  10.228  -8.326  1.00 23.06 ? 39  VAL A CA  1 
ATOM   153  C  C   . VAL A 1 29 ? -5.957  11.736  -8.340  1.00 21.29 ? 39  VAL A C   1 
ATOM   154  O  O   . VAL A 1 29 ? -4.982  12.483  -8.283  1.00 20.90 ? 39  VAL A O   1 
ATOM   155  C  CB  . VAL A 1 29 ? -5.199  9.875   -6.905  1.00 23.79 ? 39  VAL A CB  1 
ATOM   156  C  CG1 . VAL A 1 29 ? -6.215  10.293  -5.794  1.00 22.73 ? 39  VAL A CG1 1 
ATOM   157  C  CG2 . VAL A 1 29 ? -4.849  8.383   -6.798  1.00 26.07 ? 39  VAL A CG2 1 
ATOM   158  N  N   . ALA A 1 30 ? -7.206  12.177  -8.443  1.00 19.65 ? 40  ALA A N   1 
ATOM   159  C  CA  . ALA A 1 30 ? -7.489  13.620  -8.380  1.00 18.97 ? 40  ALA A CA  1 
ATOM   160  C  C   . ALA A 1 30 ? -7.116  14.133  -7.008  1.00 18.38 ? 40  ALA A C   1 
ATOM   161  O  O   . ALA A 1 30 ? -7.403  13.478  -5.997  1.00 18.96 ? 40  ALA A O   1 
ATOM   162  C  CB  . ALA A 1 30 ? -8.947  13.877  -8.656  1.00 18.26 ? 40  ALA A CB  1 
ATOM   163  N  N   . LEU A 1 31 ? -6.429  15.275  -6.965  1.00 17.20 ? 41  LEU A N   1 
ATOM   164  C  CA  . LEU A 1 31 ? -5.820  15.728  -5.734  1.00 17.65 ? 41  LEU A CA  1 
ATOM   165  C  C   . LEU A 1 31 ? -6.858  15.882  -4.587  1.00 17.73 ? 41  LEU A C   1 
ATOM   166  O  O   . LEU A 1 31 ? -6.564  15.534  -3.430  1.00 19.24 ? 41  LEU A O   1 
ATOM   167  C  CB  . LEU A 1 31 ? -5.020  17.027  -5.962  1.00 16.48 ? 41  LEU A CB  1 
ATOM   168  C  CG  . LEU A 1 31 ? -4.464  17.657  -4.676  1.00 17.65 ? 41  LEU A CG  1 
ATOM   169  C  CD1 . LEU A 1 31 ? -3.498  16.726  -3.993  1.00 20.41 ? 41  LEU A CD1 1 
ATOM   170  C  CD2 . LEU A 1 31 ? -3.789  18.972  -4.996  1.00 25.62 ? 41  LEU A CD2 1 
ATOM   171  N  N   . PRO A 1 32 ? -8.068  16.362  -4.894  1.00 18.68 ? 42  PRO A N   1 
ATOM   172  C  CA  . PRO A 1 32 ? -9.056  16.475  -3.798  1.00 20.00 ? 42  PRO A CA  1 
ATOM   173  C  C   . PRO A 1 32 ? -9.472  15.133  -3.197  1.00 19.55 ? 42  PRO A C   1 
ATOM   174  O  O   . PRO A 1 32 ? -10.069 15.096  -2.113  1.00 18.18 ? 42  PRO A O   1 
ATOM   175  C  CB  . PRO A 1 32 ? -10.262 17.132  -4.487  1.00 20.49 ? 42  PRO A CB  1 
ATOM   176  C  CG  . PRO A 1 32 ? -9.657  17.900  -5.612  1.00 21.01 ? 42  PRO A CG  1 
ATOM   177  C  CD  . PRO A 1 32 ? -8.584  16.973  -6.139  1.00 19.30 ? 42  PRO A CD  1 
ATOM   178  N  N   . ARG A 1 33 ? -9.194  14.042  -3.898  1.00 18.75 ? 43  ARG A N   1 
ATOM   179  C  CA  . ARG A 1 33 ? -9.620  12.716  -3.419  1.00 19.28 ? 43  ARG A CA  1 
ATOM   180  C  C   . ARG A 1 33 ? -8.467  11.993  -2.739  1.00 19.03 ? 43  ARG A C   1 
ATOM   181  O  O   . ARG A 1 33 ? -8.649  10.865  -2.206  1.00 18.58 ? 43  ARG A O   1 
ATOM   182  C  CB  . ARG A 1 33 ? -10.152 11.873  -4.596  1.00 21.14 ? 43  ARG A CB  1 
ATOM   183  C  CG  . ARG A 1 33 ? -11.533 12.330  -5.127  1.00 24.35 ? 43  ARG A CG  1 
ATOM   184  C  CD  . ARG A 1 33 ? -12.177 11.248  -5.986  1.00 33.13 ? 43  ARG A CD  1 
ATOM   185  N  N   . LEU A 1 34 ? -7.263  12.592  -2.795  1.00 14.25 ? 44  LEU A N   1 
ATOM   186  C  CA  . LEU A 1 34 ? -6.069  11.886  -2.350  1.00 14.73 ? 44  LEU A CA  1 
ATOM   187  C  C   . LEU A 1 34 ? -6.101  11.550  -0.837  1.00 14.25 ? 44  LEU A C   1 
ATOM   188  O  O   . LEU A 1 34 ? -5.793  10.404  -0.427  1.00 13.92 ? 44  LEU A O   1 
ATOM   189  C  CB  . LEU A 1 34 ? -4.796  12.634  -2.744  1.00 13.24 ? 44  LEU A CB  1 
ATOM   190  C  CG  . LEU A 1 34 ? -3.471  11.963  -2.377  1.00 14.50 ? 44  LEU A CG  1 
ATOM   191  C  CD1 . LEU A 1 34 ? -3.324  10.596  -3.036  1.00 17.82 ? 44  LEU A CD1 1 
ATOM   192  C  CD2 . LEU A 1 34 ? -2.255  12.878  -2.679  1.00 13.93 ? 44  LEU A CD2 1 
ATOM   193  N  N   . GLN A 1 35 ? -6.512  12.521  -0.007  1.00 13.22 ? 45  GLN A N   1 
ATOM   194  C  CA  . GLN A 1 35 ? -6.536  12.317  1.456   1.00 12.74 ? 45  GLN A CA  1 
ATOM   195  C  C   . GLN A 1 35 ? -7.418  11.129  1.834   1.00 13.66 ? 45  GLN A C   1 
ATOM   196  O  O   . GLN A 1 35 ? -7.001  10.233  2.595   1.00 14.50 ? 45  GLN A O   1 
ATOM   197  C  CB  . GLN A 1 35 ? -7.032  13.588  2.147   1.00 11.59 ? 45  GLN A CB  1 
ATOM   198  C  CG  . GLN A 1 35 ? -5.940  14.685  2.307   1.00 13.59 ? 45  GLN A CG  1 
ATOM   199  C  CD  . GLN A 1 35 ? -4.971  14.395  3.443   1.00 14.38 ? 45  GLN A CD  1 
ATOM   200  O  OE1 . GLN A 1 35 ? -4.709  13.239  3.742   1.00 18.05 ? 45  GLN A OE1 1 
ATOM   201  N  NE2 . GLN A 1 35 ? -4.259  15.431  3.902   1.00 16.15 ? 45  GLN A NE2 1 
ATOM   202  N  N   . GLY A 1 36 ? -8.595  11.071  1.238   1.00 15.23 ? 46  GLY A N   1 
ATOM   203  C  CA  . GLY A 1 36 ? -9.519  9.952   1.474   1.00 18.33 ? 46  GLY A CA  1 
ATOM   204  C  C   . GLY A 1 36 ? -8.996  8.587   1.038   1.00 20.14 ? 46  GLY A C   1 
ATOM   205  O  O   . GLY A 1 36 ? -9.095  7.600   1.790   1.00 21.43 ? 46  GLY A O   1 
ATOM   206  N  N   . GLU A 1 37 ? -8.448  8.510   -0.177  1.00 18.84 ? 47  GLU A N   1 
ATOM   207  C  CA  . GLU A 1 37 ? -7.846  7.261   -0.666  1.00 21.11 ? 47  GLU A CA  1 
ATOM   208  C  C   . GLU A 1 37 ? -6.683  6.843   0.208   1.00 20.12 ? 47  GLU A C   1 
ATOM   209  O  O   . GLU A 1 37 ? -6.485  5.651   0.492   1.00 22.25 ? 47  GLU A O   1 
ATOM   210  C  CB  . GLU A 1 37 ? -7.326  7.453   -2.089  1.00 20.32 ? 47  GLU A CB  1 
ATOM   211  C  CG  . GLU A 1 37 ? -8.323  8.027   -3.016  1.00 27.70 ? 47  GLU A CG  1 
ATOM   212  C  CD  . GLU A 1 37 ? -8.879  7.000   -3.922  1.00 41.18 ? 47  GLU A CD  1 
ATOM   213  O  OE1 . GLU A 1 37 ? -9.160  5.870   -3.427  1.00 45.01 ? 47  GLU A OE1 1 
ATOM   214  O  OE2 . GLU A 1 37 ? -9.032  7.313   -5.129  1.00 43.50 ? 47  GLU A OE2 1 
ATOM   215  N  N   . TYR A 1 38 ? -5.898  7.823   0.657   1.00 17.56 ? 48  TYR A N   1 
ATOM   216  C  CA  . TYR A 1 38 ? -4.737  7.523   1.458   1.00 16.16 ? 48  TYR A CA  1 
ATOM   217  C  C   . TYR A 1 38 ? -5.180  7.016   2.838   1.00 19.14 ? 48  TYR A C   1 
ATOM   218  O  O   . TYR A 1 38 ? -4.597  6.072   3.359   1.00 20.09 ? 48  TYR A O   1 
ATOM   219  C  CB  . TYR A 1 38 ? -3.799  8.763   1.587   1.00 16.22 ? 48  TYR A CB  1 
ATOM   220  C  CG  . TYR A 1 38 ? -2.636  8.643   2.527   1.00 13.57 ? 48  TYR A CG  1 
ATOM   221  C  CD1 . TYR A 1 38 ? -1.324  8.468   2.041   1.00 13.42 ? 48  TYR A CD1 1 
ATOM   222  C  CD2 . TYR A 1 38 ? -2.790  8.864   3.902   1.00 16.06 ? 48  TYR A CD2 1 
ATOM   223  C  CE1 . TYR A 1 38 ? -0.221  8.448   2.910   1.00 13.95 ? 48  TYR A CE1 1 
ATOM   224  C  CE2 . TYR A 1 38 ? -1.676  8.873   4.778   1.00 15.26 ? 48  TYR A CE2 1 
ATOM   225  C  CZ  . TYR A 1 38 ? -0.405  8.674   4.273   1.00 15.82 ? 48  TYR A CZ  1 
ATOM   226  O  OH  . TYR A 1 38 ? 0.684   8.687   5.130   1.00 16.92 ? 48  TYR A OH  1 
ATOM   227  N  N   A ARG A 1 39 ? -6.218  7.631   3.408   0.70 16.61 ? 49  ARG A N   1 
ATOM   228  N  N   B ARG A 1 39 ? -6.219  7.626   3.408   0.30 18.56 ? 49  ARG A N   1 
ATOM   229  C  CA  A ARG A 1 39 ? -6.739  7.158   4.708   0.70 18.46 ? 49  ARG A CA  1 
ATOM   230  C  CA  B ARG A 1 39 ? -6.747  7.168   4.703   0.30 19.83 ? 49  ARG A CA  1 
ATOM   231  C  C   A ARG A 1 39 ? -7.317  5.743   4.598   0.70 21.20 ? 49  ARG A C   1 
ATOM   232  C  C   B ARG A 1 39 ? -7.332  5.759   4.607   0.30 21.55 ? 49  ARG A C   1 
ATOM   233  O  O   A ARG A 1 39 ? -7.191  4.924   5.526   0.70 23.27 ? 49  ARG A O   1 
ATOM   234  O  O   B ARG A 1 39 ? -7.231  4.962   5.547   0.30 22.42 ? 49  ARG A O   1 
ATOM   235  C  CB  A ARG A 1 39 ? -7.804  8.107   5.223   0.70 17.91 ? 49  ARG A CB  1 
ATOM   236  C  CB  B ARG A 1 39 ? -7.806  8.134   5.221   0.30 19.51 ? 49  ARG A CB  1 
ATOM   237  C  CG  A ARG A 1 39 ? -8.282  7.826   6.637   0.70 18.10 ? 49  ARG A CG  1 
ATOM   238  C  CG  B ARG A 1 39 ? -8.456  7.706   6.528   0.30 19.11 ? 49  ARG A CG  1 
ATOM   239  C  CD  A ARG A 1 39 ? -9.472  8.695   6.921   0.70 18.52 ? 49  ARG A CD  1 
ATOM   240  C  CD  B ARG A 1 39 ? -9.643  8.588   6.831   0.30 17.88 ? 49  ARG A CD  1 
ATOM   241  N  NE  A ARG A 1 39 ? -10.127 8.307   8.151   0.70 17.76 ? 49  ARG A NE  1 
ATOM   242  N  NE  B ARG A 1 39 ? -10.213 8.310   8.141   0.30 17.58 ? 49  ARG A NE  1 
ATOM   243  C  CZ  A ARG A 1 39 ? -11.258 7.611   8.198   0.70 18.25 ? 49  ARG A CZ  1 
ATOM   244  C  CZ  B ARG A 1 39 ? -9.673  8.696   9.292   0.30 16.85 ? 49  ARG A CZ  1 
ATOM   245  N  NH1 A ARG A 1 39 ? -11.763 7.267   9.376   0.70 16.88 ? 49  ARG A NH1 1 
ATOM   246  N  NH1 B ARG A 1 39 ? -10.271 8.393   10.433  0.30 12.33 ? 49  ARG A NH1 1 
ATOM   247  N  NH2 A ARG A 1 39 ? -11.851 7.229   7.076   0.70 17.44 ? 49  ARG A NH2 1 
ATOM   248  N  NH2 B ARG A 1 39 ? -8.523  9.365   9.305   0.30 19.69 ? 49  ARG A NH2 1 
ATOM   249  N  N   . SER A 1 40 ? -7.945  5.465   3.469   1.00 22.01 ? 50  SER A N   1 
ATOM   250  C  CA  . SER A 1 40 ? -8.505  4.148   3.195   1.00 26.08 ? 50  SER A CA  1 
ATOM   251  C  C   . SER A 1 40 ? -7.458  3.052   3.333   1.00 25.94 ? 50  SER A C   1 
ATOM   252  O  O   . SER A 1 40 ? -7.770  1.960   3.794   1.00 27.71 ? 50  SER A O   1 
ATOM   253  C  CB  . SER A 1 40 ? -9.067  4.113   1.791   1.00 25.73 ? 50  SER A CB  1 
ATOM   254  O  OG  . SER A 1 40 ? -10.253 4.870   1.709   1.00 35.65 ? 50  SER A OG  1 
ATOM   255  N  N   . LEU A 1 41 ? -6.232  3.346   2.908   1.00 24.50 ? 51  LEU A N   1 
ATOM   256  C  CA  . LEU A 1 41 ? -5.123  2.400   2.961   1.00 23.45 ? 51  LEU A CA  1 
ATOM   257  C  C   . LEU A 1 41 ? -4.381  2.428   4.304   1.00 24.62 ? 51  LEU A C   1 
ATOM   258  O  O   . LEU A 1 41 ? -3.934  1.383   4.800   1.00 23.66 ? 51  LEU A O   1 
ATOM   259  C  CB  . LEU A 1 41 ? -4.135  2.666   1.798   1.00 21.36 ? 51  LEU A CB  1 
ATOM   260  C  CG  . LEU A 1 41 ? -2.844  1.826   1.706   1.00 25.86 ? 51  LEU A CG  1 
ATOM   261  C  CD1 . LEU A 1 41 ? -3.144  0.318   1.510   1.00 21.87 ? 51  LEU A CD1 1 
ATOM   262  C  CD2 . LEU A 1 41 ? -1.935  2.322   0.606   1.00 21.83 ? 51  LEU A CD2 1 
ATOM   263  N  N   . THR A 1 42 ? -4.239  3.600   4.904   1.00 21.75 ? 52  THR A N   1 
ATOM   264  C  CA  . THR A 1 42 ? -3.268  3.756   5.975   1.00 21.62 ? 52  THR A CA  1 
ATOM   265  C  C   . THR A 1 42 ? -3.931  3.896   7.352   1.00 21.78 ? 52  THR A C   1 
ATOM   266  O  O   . THR A 1 42 ? -3.235  3.863   8.350   1.00 25.44 ? 52  THR A O   1 
ATOM   267  C  CB  . THR A 1 42 ? -2.444  5.006   5.775   1.00 23.12 ? 52  THR A CB  1 
ATOM   268  O  OG1 . THR A 1 42 ? -3.362  6.109   5.722   1.00 25.84 ? 52  THR A OG1 1 
ATOM   269  C  CG2 . THR A 1 42 ? -1.630  4.893   4.453   1.00 19.21 ? 52  THR A CG2 1 
ATOM   270  N  N   . GLY A 1 43 ? -5.209  4.243   7.355   1.00 21.85 ? 53  GLY A N   1 
ATOM   271  C  CA  . GLY A 1 43 ? -5.955  4.570   8.564   1.00 22.27 ? 53  GLY A CA  1 
ATOM   272  C  C   . GLY A 1 43 ? -5.899  6.035   9.020   1.00 22.26 ? 53  GLY A C   1 
ATOM   273  O  O   . GLY A 1 43 ? -6.543  6.403   9.986   1.00 22.05 ? 53  GLY A O   1 
ATOM   274  N  N   . ASP A 1 44 ? -5.089  6.867   8.366   1.00 20.79 ? 54  ASP A N   1 
ATOM   275  C  CA  . ASP A 1 44 ? -5.027  8.278   8.773   1.00 20.29 ? 54  ASP A CA  1 
ATOM   276  C  C   . ASP A 1 44 ? -4.691  9.209   7.628   1.00 17.59 ? 54  ASP A C   1 
ATOM   277  O  O   . ASP A 1 44 ? -4.521  8.762   6.508   1.00 16.22 ? 54  ASP A O   1 
ATOM   278  C  CB  . ASP A 1 44 ? -4.116  8.518   9.996   1.00 23.77 ? 54  ASP A CB  1 
ATOM   279  C  CG  . ASP A 1 44 ? -2.624  8.246   9.727   1.00 28.55 ? 54  ASP A CG  1 
ATOM   280  O  OD1 . ASP A 1 44 ? -2.241  7.769   8.631   1.00 34.51 ? 54  ASP A OD1 1 
ATOM   281  O  OD2 . ASP A 1 44 ? -1.828  8.424   10.689  1.00 38.34 ? 54  ASP A OD2 1 
ATOM   282  N  N   . TRP A 1 45 ? -4.656  10.500  7.921   1.00 14.45 ? 55  TRP A N   1 
ATOM   283  C  CA  . TRP A 1 45 ? -4.447  11.497  6.896   1.00 12.75 ? 55  TRP A CA  1 
ATOM   284  C  C   . TRP A 1 45 ? -2.977  11.675  6.601   1.00 11.54 ? 55  TRP A C   1 
ATOM   285  O  O   . TRP A 1 45 ? -2.135  11.361  7.427   1.00 12.61 ? 55  TRP A O   1 
ATOM   286  C  CB  . TRP A 1 45 ? -5.024  12.842  7.385   1.00 10.98 ? 55  TRP A CB  1 
ATOM   287  C  CG  . TRP A 1 45 ? -6.483  12.752  7.777   1.00 12.09 ? 55  TRP A CG  1 
ATOM   288  C  CD1 . TRP A 1 45 ? -6.995  12.903  9.043   1.00 15.64 ? 55  TRP A CD1 1 
ATOM   289  C  CD2 . TRP A 1 45 ? -7.603  12.430  6.931   1.00 12.32 ? 55  TRP A CD2 1 
ATOM   290  N  NE1 . TRP A 1 45 ? -8.354  12.778  9.021   1.00 11.09 ? 55  TRP A NE1 1 
ATOM   291  C  CE2 . TRP A 1 45 ? -8.760  12.494  7.735   1.00 15.52 ? 55  TRP A CE2 1 
ATOM   292  C  CE3 . TRP A 1 45 ? -7.751  12.162  5.557   1.00 11.79 ? 55  TRP A CE3 1 
ATOM   293  C  CZ2 . TRP A 1 45 ? -10.038 12.241  7.231   1.00 14.08 ? 55  TRP A CZ2 1 
ATOM   294  C  CZ3 . TRP A 1 45 ? -9.035  11.902  5.056   1.00 14.94 ? 55  TRP A CZ3 1 
ATOM   295  C  CH2 . TRP A 1 45 ? -10.163 11.977  5.894   1.00 16.44 ? 55  TRP A CH2 1 
ATOM   296  N  N   . ILE A 1 46 ? -2.671  12.331  5.479   1.00 11.50 ? 56  ILE A N   1 
ATOM   297  C  CA  . ILE A 1 46 ? -1.287  12.699  5.141   1.00 11.55 ? 56  ILE A CA  1 
ATOM   298  C  C   . ILE A 1 46 ? -0.945  13.914  6.005   1.00 11.83 ? 56  ILE A C   1 
ATOM   299  O  O   . ILE A 1 46 ? -1.641  14.902  5.904   1.00 13.22 ? 56  ILE A O   1 
ATOM   300  C  CB  . ILE A 1 46 ? -1.186  13.123  3.645   1.00 11.54 ? 56  ILE A CB  1 
ATOM   301  C  CG1 . ILE A 1 46 ? -1.552  11.957  2.719   1.00 12.25 ? 56  ILE A CG1 1 
ATOM   302  C  CG2 . ILE A 1 46 ? 0.243   13.567  3.356   1.00 10.99 ? 56  ILE A CG2 1 
ATOM   303  C  CD1 . ILE A 1 46 ? -1.789  12.361  1.231   1.00 13.30 ? 56  ILE A CD1 1 
ATOM   304  N  N   . PRO A 1 47 ? 0.119   13.832  6.844   1.00 12.05 ? 57  PRO A N   1 
ATOM   305  C  CA  . PRO A 1 47 ? 0.394   14.834  7.876   1.00 13.63 ? 57  PRO A CA  1 
ATOM   306  C  C   . PRO A 1 47 ? 1.228   16.009  7.309   1.00 14.07 ? 57  PRO A C   1 
ATOM   307  O  O   . PRO A 1 47 ? 2.383   16.261  7.745   1.00 15.20 ? 57  PRO A O   1 
ATOM   308  C  CB  . PRO A 1 47 ? 1.205   14.058  8.903   1.00 14.37 ? 57  PRO A CB  1 
ATOM   309  C  CG  . PRO A 1 47 ? 1.977   13.068  8.072   1.00 12.05 ? 57  PRO A CG  1 
ATOM   310  C  CD  . PRO A 1 47 ? 1.002   12.645  7.001   1.00 9.99  ? 57  PRO A CD  1 
ATOM   311  N  N   . PHE A 1 48 ? 0.655   16.696  6.322   1.00 13.28 ? 58  PHE A N   1 
ATOM   312  C  CA  . PHE A 1 48 ? 1.428   17.700  5.583   1.00 13.97 ? 58  PHE A CA  1 
ATOM   313  C  C   . PHE A 1 48 ? 1.854   18.906  6.436   1.00 16.69 ? 58  PHE A C   1 
ATOM   314  O  O   . PHE A 1 48 ? 2.952   19.430  6.246   1.00 17.03 ? 58  PHE A O   1 
ATOM   315  C  CB  . PHE A 1 48 ? 0.693   18.141  4.312   1.00 14.36 ? 58  PHE A CB  1 
ATOM   316  C  CG  . PHE A 1 48 ? -0.594  18.856  4.562   1.00 14.10 ? 58  PHE A CG  1 
ATOM   317  C  CD1 . PHE A 1 48 ? -0.604  20.230  4.795   1.00 15.50 ? 58  PHE A CD1 1 
ATOM   318  C  CD2 . PHE A 1 48 ? -1.815  18.180  4.440   1.00 16.02 ? 58  PHE A CD2 1 
ATOM   319  C  CE1 . PHE A 1 48 ? -1.810  20.901  5.022   1.00 16.87 ? 58  PHE A CE1 1 
ATOM   320  C  CE2 . PHE A 1 48 ? -3.047  18.856  4.623   1.00 14.47 ? 58  PHE A CE2 1 
ATOM   321  C  CZ  . PHE A 1 48 ? -3.039  20.205  4.919   1.00 15.86 ? 58  PHE A CZ  1 
ATOM   322  N  N   . LYS A 1 49 ? 1.036   19.285  7.421   1.00 17.20 ? 59  LYS A N   1 
ATOM   323  C  CA  . LYS A 1 49 ? 1.456   20.348  8.357   1.00 19.78 ? 59  LYS A CA  1 
ATOM   324  C  C   . LYS A 1 49 ? 2.620   19.910  9.245   1.00 20.92 ? 59  LYS A C   1 
ATOM   325  O  O   . LYS A 1 49 ? 3.613   20.634  9.380   1.00 20.88 ? 59  LYS A O   1 
ATOM   326  C  CB  . LYS A 1 49 ? 0.308   20.830  9.222   1.00 20.29 ? 59  LYS A CB  1 
ATOM   327  C  CG  . LYS A 1 49 ? -0.842  21.426  8.492   1.00 23.76 ? 59  LYS A CG  1 
ATOM   328  C  CD  . LYS A 1 49 ? -0.543  22.862  8.060   1.00 27.50 ? 59  LYS A CD  1 
ATOM   329  C  CE  . LYS A 1 49 ? -1.828  23.623  7.792   1.00 29.14 ? 59  LYS A CE  1 
ATOM   330  N  NZ  . LYS A 1 49 ? -1.586  24.896  7.013   1.00 26.86 ? 59  LYS A NZ  1 
ATOM   331  N  N   . GLN A 1 50 ? 2.540   18.707  9.828   1.00 20.36 ? 60  GLN A N   1 
ATOM   332  C  CA  . GLN A 1 50 ? 3.675   18.185  10.625  1.00 20.63 ? 60  GLN A CA  1 
ATOM   333  C  C   . GLN A 1 50 ? 4.965   18.147  9.839   1.00 21.56 ? 60  GLN A C   1 
ATOM   334  O  O   . GLN A 1 50 ? 6.053   18.343  10.399  1.00 22.36 ? 60  GLN A O   1 
ATOM   335  C  CB  . GLN A 1 50 ? 3.374   16.774  11.132  1.00 21.13 ? 60  GLN A CB  1 
ATOM   336  C  CG  . GLN A 1 50 ? 2.264   16.770  12.105  1.00 18.86 ? 60  GLN A CG  1 
ATOM   337  C  CD  . GLN A 1 50 ? 2.163   15.468  12.878  1.00 20.14 ? 60  GLN A CD  1 
ATOM   338  O  OE1 . GLN A 1 50 ? 1.294   15.331  13.729  1.00 25.18 ? 60  GLN A OE1 1 
ATOM   339  N  NE2 . GLN A 1 50 ? 3.076   14.531  12.623  1.00 13.24 ? 60  GLN A NE2 1 
ATOM   340  N  N   . LEU A 1 51 ? 4.858   17.782  8.565   1.00 19.17 ? 61  LEU A N   1 
ATOM   341  C  CA  . LEU A 1 51 ? 6.036   17.631  7.741   1.00 21.08 ? 61  LEU A CA  1 
ATOM   342  C  C   . LEU A 1 51 ? 6.601   18.990  7.306   1.00 21.50 ? 61  LEU A C   1 
ATOM   343  O  O   . LEU A 1 51 ? 7.691   19.052  6.743   1.00 24.36 ? 61  LEU A O   1 
ATOM   344  C  CB  . LEU A 1 51 ? 5.750   16.723  6.550   1.00 20.59 ? 61  LEU A CB  1 
ATOM   345  C  CG  . LEU A 1 51 ? 5.435   15.266  6.929   1.00 19.01 ? 61  LEU A CG  1 
ATOM   346  C  CD1 . LEU A 1 51 ? 5.007   14.512  5.707   1.00 22.93 ? 61  LEU A CD1 1 
ATOM   347  C  CD2 . LEU A 1 51 ? 6.634   14.599  7.615   1.00 23.43 ? 61  LEU A CD2 1 
ATOM   348  N  N   . GLY A 1 52 ? 5.855   20.060  7.589   1.00 23.31 ? 62  GLY A N   1 
ATOM   349  C  CA  . GLY A 1 52 ? 6.349   21.447  7.426   1.00 24.22 ? 62  GLY A CA  1 
ATOM   350  C  C   . GLY A 1 52 ? 5.768   22.237  6.257   1.00 24.99 ? 62  GLY A C   1 
ATOM   351  O  O   . GLY A 1 52 ? 6.373   23.222  5.805   1.00 25.06 ? 62  GLY A O   1 
ATOM   352  N  N   . PHE A 1 53 ? 4.573   21.856  5.794   1.00 24.22 ? 63  PHE A N   1 
ATOM   353  C  CA  . PHE A 1 53 ? 3.977   22.452  4.580   1.00 22.44 ? 63  PHE A CA  1 
ATOM   354  C  C   . PHE A 1 53 ? 2.598   23.054  4.819   1.00 22.79 ? 63  PHE A C   1 
ATOM   355  O  O   . PHE A 1 53 ? 1.819   22.561  5.654   1.00 22.64 ? 63  PHE A O   1 
ATOM   356  C  CB  . PHE A 1 53 ? 3.933   21.416  3.448   1.00 22.98 ? 63  PHE A CB  1 
ATOM   357  C  CG  . PHE A 1 53 ? 5.272   20.832  3.118   1.00 23.97 ? 63  PHE A CG  1 
ATOM   358  C  CD1 . PHE A 1 53 ? 6.087   21.437  2.166   1.00 20.72 ? 63  PHE A CD1 1 
ATOM   359  C  CD2 . PHE A 1 53 ? 5.757   19.721  3.813   1.00 23.79 ? 63  PHE A CD2 1 
ATOM   360  C  CE1 . PHE A 1 53 ? 7.337   20.929  1.889   1.00 23.87 ? 63  PHE A CE1 1 
ATOM   361  C  CE2 . PHE A 1 53 ? 7.007   19.202  3.534   1.00 24.92 ? 63  PHE A CE2 1 
ATOM   362  C  CZ  . PHE A 1 53 ? 7.804   19.805  2.577   1.00 23.43 ? 63  PHE A CZ  1 
ATOM   363  N  N   . PRO A 1 54 ? 2.294   24.180  4.137   1.00 21.95 ? 64  PRO A N   1 
ATOM   364  C  CA  . PRO A 1 54 ? 1.032   24.849  4.400   1.00 21.28 ? 64  PRO A CA  1 
ATOM   365  C  C   . PRO A 1 54 ? -0.152  24.122  3.784   1.00 19.56 ? 64  PRO A C   1 
ATOM   366  O  O   . PRO A 1 54 ? -1.303  24.355  4.194   1.00 19.06 ? 64  PRO A O   1 
ATOM   367  C  CB  . PRO A 1 54 ? 1.212   26.225  3.687   1.00 21.29 ? 64  PRO A CB  1 
ATOM   368  C  CG  . PRO A 1 54 ? 2.186   25.949  2.612   1.00 22.75 ? 64  PRO A CG  1 
ATOM   369  C  CD  . PRO A 1 54 ? 3.160   24.991  3.248   1.00 20.40 ? 64  PRO A CD  1 
ATOM   370  N  N   . THR A 1 55 ? 0.119   23.333  2.745   1.00 18.40 ? 65  THR A N   1 
ATOM   371  C  CA  . THR A 1 55 ? -0.917  22.629  1.981   1.00 17.57 ? 65  THR A CA  1 
ATOM   372  C  C   . THR A 1 55 ? -0.429  21.227  1.600   1.00 15.21 ? 65  THR A C   1 
ATOM   373  O  O   . THR A 1 55 ? 0.769   20.935  1.604   1.00 15.73 ? 65  THR A O   1 
ATOM   374  C  CB  . THR A 1 55 ? -1.337  23.389  0.655   1.00 19.20 ? 65  THR A CB  1 
ATOM   375  O  OG1 . THR A 1 55 ? -0.274  23.318  -0.302  1.00 18.08 ? 65  THR A OG1 1 
ATOM   376  C  CG2 . THR A 1 55 ? -1.714  24.917  0.937   1.00 21.24 ? 65  THR A CG2 1 
ATOM   377  N  N   . LEU A 1 56 ? -1.381  20.361  1.265   1.00 14.53 ? 66  LEU A N   1 
ATOM   378  C  CA  . LEU A 1 56 ? -1.059  19.026  0.762   1.00 12.36 ? 66  LEU A CA  1 
ATOM   379  C  C   . LEU A 1 56 ? -0.270  19.141  -0.517  1.00 14.17 ? 66  LEU A C   1 
ATOM   380  O  O   . LEU A 1 56 ? 0.789   18.545  -0.647  1.00 14.03 ? 66  LEU A O   1 
ATOM   381  C  CB  . LEU A 1 56 ? -2.344  18.235  0.529   1.00 12.06 ? 66  LEU A CB  1 
ATOM   382  C  CG  . LEU A 1 56 ? -2.200  16.861  -0.128  1.00 14.03 ? 66  LEU A CG  1 
ATOM   383  C  CD1 . LEU A 1 56 ? -1.274  15.905  0.690   1.00 12.65 ? 66  LEU A CD1 1 
ATOM   384  C  CD2 . LEU A 1 56 ? -3.601  16.286  -0.358  1.00 14.99 ? 66  LEU A CD2 1 
ATOM   385  N  N   . GLU A 1 57 ? -0.744  19.983  -1.438  1.00 13.97 ? 67  GLU A N   1 
ATOM   386  C  CA  . GLU A 1 57 ? 0.006   20.161  -2.693  1.00 15.13 ? 67  GLU A CA  1 
ATOM   387  C  C   . GLU A 1 57 ? 1.456   20.636  -2.495  1.00 15.15 ? 67  GLU A C   1 
ATOM   388  O  O   . GLU A 1 57 ? 2.370   20.084  -3.125  1.00 14.01 ? 67  GLU A O   1 
ATOM   389  C  CB  . GLU A 1 57 ? -0.742  20.985  -3.735  1.00 13.38 ? 67  GLU A CB  1 
ATOM   390  C  CG  . GLU A 1 57 ? -0.179  20.624  -5.122  1.00 16.95 ? 67  GLU A CG  1 
ATOM   391  C  CD  . GLU A 1 57 ? -0.536  21.556  -6.211  1.00 20.71 ? 67  GLU A CD  1 
ATOM   392  O  OE1 . GLU A 1 57 ? -1.108  22.623  -5.923  1.00 17.52 ? 67  GLU A OE1 1 
ATOM   393  O  OE2 . GLU A 1 57 ? -0.261  21.182  -7.383  1.00 20.77 ? 67  GLU A OE2 1 
ATOM   394  N  N   . ALA A 1 58 ? 1.674   21.541  -1.526  1.00 16.05 ? 68  ALA A N   1 
ATOM   395  C  CA  . ALA A 1 58 ? 3.049   21.986  -1.167  1.00 16.17 ? 68  ALA A CA  1 
ATOM   396  C  C   . ALA A 1 58 ? 3.932   20.846  -0.667  1.00 17.19 ? 68  ALA A C   1 
ATOM   397  O  O   . ALA A 1 58 ? 5.119   20.735  -1.028  1.00 15.80 ? 68  ALA A O   1 
ATOM   398  C  CB  . ALA A 1 58 ? 3.014   23.105  -0.148  1.00 16.32 ? 68  ALA A CB  1 
ATOM   399  N  N   . TYR A 1 59 ? 3.355   19.962  0.139   1.00 16.07 ? 69  TYR A N   1 
ATOM   400  C  CA  . TYR A 1 59 ? 4.062   18.743  0.516   1.00 16.18 ? 69  TYR A CA  1 
ATOM   401  C  C   . TYR A 1 59 ? 4.399   17.861  -0.726  1.00 15.44 ? 69  TYR A C   1 
ATOM   402  O  O   . TYR A 1 59 ? 5.514   17.372  -0.886  1.00 16.06 ? 69  TYR A O   1 
ATOM   403  C  CB  . TYR A 1 59 ? 3.242   17.933  1.555   1.00 16.07 ? 69  TYR A CB  1 
ATOM   404  C  CG  . TYR A 1 59 ? 3.791   16.520  1.680   1.00 18.03 ? 69  TYR A CG  1 
ATOM   405  C  CD1 . TYR A 1 59 ? 5.101   16.303  2.126   1.00 16.19 ? 69  TYR A CD1 1 
ATOM   406  C  CD2 . TYR A 1 59 ? 3.054   15.418  1.222   1.00 20.35 ? 69  TYR A CD2 1 
ATOM   407  C  CE1 . TYR A 1 59 ? 5.667   15.037  2.141   1.00 20.47 ? 69  TYR A CE1 1 
ATOM   408  C  CE2 . TYR A 1 59 ? 3.601   14.135  1.245   1.00 20.61 ? 69  TYR A CE2 1 
ATOM   409  C  CZ  . TYR A 1 59 ? 4.921   13.954  1.696   1.00 20.61 ? 69  TYR A CZ  1 
ATOM   410  O  OH  . TYR A 1 59 ? 5.467   12.697  1.717   1.00 22.19 ? 69  TYR A OH  1 
ATOM   411  N  N   . LEU A 1 60 ? 3.446   17.699  -1.622  1.00 14.45 ? 70  LEU A N   1 
ATOM   412  C  CA  . LEU A 1 60 ? 3.665   16.807  -2.743  1.00 15.72 ? 70  LEU A CA  1 
ATOM   413  C  C   . LEU A 1 60 ? 4.799   17.332  -3.641  1.00 16.11 ? 70  LEU A C   1 
ATOM   414  O  O   . LEU A 1 60 ? 5.542   16.535  -4.239  1.00 15.94 ? 70  LEU A O   1 
ATOM   415  C  CB  . LEU A 1 60 ? 2.400   16.611  -3.552  1.00 12.92 ? 70  LEU A CB  1 
ATOM   416  C  CG  . LEU A 1 60 ? 1.198   15.952  -2.860  1.00 14.10 ? 70  LEU A CG  1 
ATOM   417  C  CD1 . LEU A 1 60 ? 0.003   15.964  -3.795  1.00 17.32 ? 70  LEU A CD1 1 
ATOM   418  C  CD2 . LEU A 1 60 ? 1.506   14.489  -2.339  1.00 14.13 ? 70  LEU A CD2 1 
ATOM   419  N  N   . ARG A 1 61 ? 4.947   18.650  -3.690  1.00 17.61 ? 71  ARG A N   1 
ATOM   420  C  CA  . ARG A 1 61 ? 6.046   19.287  -4.468  1.00 18.78 ? 71  ARG A CA  1 
ATOM   421  C  C   . ARG A 1 61 ? 7.414   18.965  -3.854  1.00 22.03 ? 71  ARG A C   1 
ATOM   422  O  O   . ARG A 1 61 ? 8.455   18.982  -4.556  1.00 21.45 ? 71  ARG A O   1 
ATOM   423  C  CB  . ARG A 1 61 ? 5.859   20.807  -4.510  1.00 20.93 ? 71  ARG A CB  1 
ATOM   424  C  CG  . ARG A 1 61 ? 4.685   21.227  -5.392  1.00 18.51 ? 71  ARG A CG  1 
ATOM   425  C  CD  . ARG A 1 61 ? 4.955   20.953  -6.816  1.00 18.00 ? 71  ARG A CD  1 
ATOM   426  N  NE  . ARG A 1 61 ? 3.799   21.325  -7.636  1.00 18.56 ? 71  ARG A NE  1 
ATOM   427  C  CZ  . ARG A 1 61 ? 3.607   20.944  -8.893  1.00 16.55 ? 71  ARG A CZ  1 
ATOM   428  N  NH1 . ARG A 1 61 ? 4.409   20.061  -9.478  1.00 19.79 ? 71  ARG A NH1 1 
ATOM   429  N  NH2 . ARG A 1 61 ? 2.522   21.364  -9.537  1.00 19.97 ? 71  ARG A NH2 1 
ATOM   430  N  N   . SER A 1 62 ? 7.421   18.676  -2.554  1.00 19.62 ? 72  SER A N   1 
ATOM   431  C  CA  . SER A 1 62 ? 8.670   18.333  -1.875  1.00 20.82 ? 72  SER A CA  1 
ATOM   432  C  C   . SER A 1 62 ? 9.152   16.904  -2.179  1.00 22.56 ? 72  SER A C   1 
ATOM   433  O  O   . SER A 1 62 ? 10.269  16.527  -1.760  1.00 22.81 ? 72  SER A O   1 
ATOM   434  C  CB  . SER A 1 62 ? 8.546   18.534  -0.368  1.00 22.28 ? 72  SER A CB  1 
ATOM   435  O  OG  . SER A 1 62 ? 7.957   17.402  0.253   1.00 22.56 ? 72  SER A OG  1 
ATOM   436  N  N   . VAL A 1 63 ? 8.300   16.081  -2.803  1.00 20.49 ? 73  VAL A N   1 
ATOM   437  C  CA  . VAL A 1 63 ? 8.679   14.686  -3.109  1.00 22.08 ? 73  VAL A CA  1 
ATOM   438  C  C   . VAL A 1 63 ? 8.546   14.322  -4.602  1.00 23.88 ? 73  VAL A C   1 
ATOM   439  O  O   . VAL A 1 63 ? 7.779   13.426  -4.970  1.00 22.47 ? 73  VAL A O   1 
ATOM   440  C  CB  . VAL A 1 63 ? 7.958   13.637  -2.177  1.00 20.42 ? 73  VAL A CB  1 
ATOM   441  C  CG1 . VAL A 1 63 ? 8.473   13.781  -0.738  1.00 20.44 ? 73  VAL A CG1 1 
ATOM   442  C  CG2 . VAL A 1 63 ? 6.401   13.792  -2.230  1.00 19.17 ? 73  VAL A CG2 1 
ATOM   443  N  N   . PRO A 1 64 ? 9.311   15.028  -5.477  1.00 25.24 ? 74  PRO A N   1 
ATOM   444  C  CA  . PRO A 1 64 ? 9.075   14.866  -6.933  1.00 27.24 ? 74  PRO A CA  1 
ATOM   445  C  C   . PRO A 1 64 ? 9.482   13.481  -7.430  1.00 28.73 ? 74  PRO A C   1 
ATOM   446  O  O   . PRO A 1 64 ? 8.922   12.984  -8.412  1.00 30.28 ? 74  PRO A O   1 
ATOM   447  C  CB  . PRO A 1 64 ? 9.953   15.958  -7.562  1.00 26.81 ? 74  PRO A CB  1 
ATOM   448  C  CG  . PRO A 1 64 ? 10.970  16.286  -6.525  1.00 26.84 ? 74  PRO A CG  1 
ATOM   449  C  CD  . PRO A 1 64 ? 10.253  16.115  -5.190  1.00 26.16 ? 74  PRO A CD  1 
ATOM   450  N  N   . ALA A 1 65 ? 10.376  12.811  -6.700  1.00 29.51 ? 75  ALA A N   1 
ATOM   451  C  CA  . ALA A 1 65 ? 10.738  11.437  -7.068  1.00 29.01 ? 75  ALA A CA  1 
ATOM   452  C  C   . ALA A 1 65 ? 9.602   10.447  -6.802  1.00 28.83 ? 75  ALA A C   1 
ATOM   453  O  O   . ALA A 1 65 ? 9.621   9.321   -7.302  1.00 29.62 ? 75  ALA A O   1 
ATOM   454  C  CB  . ALA A 1 65 ? 12.032  11.006  -6.376  1.00 31.29 ? 75  ALA A CB  1 
ATOM   455  N  N   . VAL A 1 66 ? 8.592   10.872  -6.031  1.00 26.02 ? 76  VAL A N   1 
ATOM   456  C  CA  . VAL A 1 66 ? 7.482   9.989   -5.649  1.00 22.86 ? 76  VAL A CA  1 
ATOM   457  C  C   . VAL A 1 66 ? 6.196   10.251  -6.413  1.00 21.83 ? 76  VAL A C   1 
ATOM   458  O  O   . VAL A 1 66 ? 5.446   9.341   -6.705  1.00 19.45 ? 76  VAL A O   1 
ATOM   459  C  CB  . VAL A 1 66 ? 7.186   10.111  -4.164  1.00 22.50 ? 76  VAL A CB  1 
ATOM   460  C  CG1 . VAL A 1 66 ? 6.065   9.151   -3.748  1.00 21.62 ? 76  VAL A CG1 1 
ATOM   461  C  CG2 . VAL A 1 66 ? 8.465   9.862   -3.376  1.00 26.28 ? 76  VAL A CG2 1 
ATOM   462  N  N   . VAL A 1 67 ? 5.896   11.514  -6.649  1.00 21.13 ? 77  VAL A N   1 
ATOM   463  C  CA  . VAL A 1 67 ? 4.617   11.859  -7.254  1.00 23.08 ? 77  VAL A CA  1 
ATOM   464  C  C   . VAL A 1 67 ? 4.802   12.825  -8.411  1.00 21.05 ? 77  VAL A C   1 
ATOM   465  O  O   . VAL A 1 67 ? 5.534   13.800  -8.297  1.00 22.24 ? 77  VAL A O   1 
ATOM   466  C  CB  . VAL A 1 67 ? 3.580   12.394  -6.200  1.00 23.39 ? 77  VAL A CB  1 
ATOM   467  C  CG1 . VAL A 1 67 ? 4.173   13.487  -5.322  1.00 27.25 ? 77  VAL A CG1 1 
ATOM   468  C  CG2 . VAL A 1 67 ? 2.293   12.828  -6.868  1.00 21.64 ? 77  VAL A CG2 1 
ATOM   469  N  N   . ARG A 1 68 ? 4.187   12.500  -9.537  1.00 22.06 ? 78  ARG A N   1 
ATOM   470  C  CA  . ARG A 1 68 ? 4.103   13.427  -10.659 1.00 21.15 ? 78  ARG A CA  1 
ATOM   471  C  C   . ARG A 1 68 ? 2.793   14.176  -10.571 1.00 21.57 ? 78  ARG A C   1 
ATOM   472  O  O   . ARG A 1 68 ? 1.756   13.576  -10.355 1.00 20.03 ? 78  ARG A O   1 
ATOM   473  C  CB  . ARG A 1 68 ? 4.160   12.659  -11.975 1.00 22.38 ? 78  ARG A CB  1 
ATOM   474  C  CG  . ARG A 1 68 ? 4.316   13.570  -13.199 1.00 25.75 ? 78  ARG A CG  1 
ATOM   475  C  CD  . ARG A 1 68 ? 4.653   12.764  -14.443 1.00 30.67 ? 78  ARG A CD  1 
ATOM   476  N  NE  . ARG A 1 68 ? 3.770   11.621  -14.635 1.00 28.29 ? 78  ARG A NE  1 
ATOM   477  C  CZ  . ARG A 1 68 ? 2.614   11.677  -15.296 1.00 32.67 ? 78  ARG A CZ  1 
ATOM   478  N  NH1 . ARG A 1 68 ? 1.870   10.587  -15.432 1.00 33.06 ? 78  ARG A NH1 1 
ATOM   479  N  NH2 . ARG A 1 68 ? 2.178   12.839  -15.776 1.00 31.72 ? 78  ARG A NH2 1 
ATOM   480  N  N   . ILE A 1 69 ? 2.840   15.495  -10.748 1.00 20.72 ? 79  ILE A N   1 
ATOM   481  C  CA  . ILE A 1 69 ? 1.633   16.306  -10.628 1.00 19.91 ? 79  ILE A CA  1 
ATOM   482  C  C   . ILE A 1 69 ? 1.303   16.908  -11.986 1.00 22.58 ? 79  ILE A C   1 
ATOM   483  O  O   . ILE A 1 69 ? 2.176   17.501  -12.624 1.00 25.66 ? 79  ILE A O   1 
ATOM   484  C  CB  . ILE A 1 69 ? 1.816   17.414  -9.585  1.00 18.22 ? 79  ILE A CB  1 
ATOM   485  C  CG1 . ILE A 1 69 ? 2.145   16.810  -8.216  1.00 15.48 ? 79  ILE A CG1 1 
ATOM   486  C  CG2 . ILE A 1 69 ? 0.552   18.258  -9.466  1.00 16.44 ? 79  ILE A CG2 1 
ATOM   487  C  CD1 . ILE A 1 69 ? 2.415   17.845  -7.151  1.00 19.15 ? 79  ILE A CD1 1 
ATOM   488  N  N   . GLU A 1 70 ? 0.082   16.686  -12.459 1.00 22.92 ? 80  GLU A N   1 
ATOM   489  C  CA  . GLU A 1 70 ? -0.395  17.340  -13.669 1.00 22.83 ? 80  GLU A CA  1 
ATOM   490  C  C   . GLU A 1 70 ? -1.493  18.317  -13.330 1.00 21.69 ? 80  GLU A C   1 
ATOM   491  O  O   . GLU A 1 70 ? -2.414  17.993  -12.597 1.00 19.93 ? 80  GLU A O   1 
ATOM   492  C  CB  . GLU A 1 70 ? -0.925  16.310  -14.657 1.00 24.56 ? 80  GLU A CB  1 
ATOM   493  C  CG  . GLU A 1 70 ? 0.165   15.519  -15.430 1.00 31.39 ? 80  GLU A CG  1 
ATOM   494  C  CD  . GLU A 1 70 ? -0.447  14.461  -16.353 1.00 39.68 ? 80  GLU A CD  1 
ATOM   495  O  OE1 . GLU A 1 70 ? -1.679  14.512  -16.598 1.00 42.43 ? 80  GLU A OE1 1 
ATOM   496  O  OE2 . GLU A 1 70 ? 0.285   13.553  -16.801 1.00 45.05 ? 80  GLU A OE2 1 
ATOM   497  N  N   . THR A 1 71 ? -1.408  19.529  -13.875 1.00 20.47 ? 81  THR A N   1 
ATOM   498  C  CA  . THR A 1 71 ? -2.480  20.481  -13.718 1.00 19.55 ? 81  THR A CA  1 
ATOM   499  C  C   . THR A 1 71 ? -3.065  20.827  -15.081 1.00 21.30 ? 81  THR A C   1 
ATOM   500  O  O   . THR A 1 71 ? -2.326  21.227  -15.993 1.00 20.64 ? 81  THR A O   1 
ATOM   501  C  CB  . THR A 1 71 ? -1.982  21.761  -13.054 1.00 19.54 ? 81  THR A CB  1 
ATOM   502  O  OG1 . THR A 1 71 ? -1.451  21.446  -11.763 1.00 16.76 ? 81  THR A OG1 1 
ATOM   503  C  CG2 . THR A 1 71 ? -3.127  22.795  -12.911 1.00 19.07 ? 81  THR A CG2 1 
ATOM   504  N  N   . SER A 1 72 ? -4.380  20.682  -15.196 1.00 20.78 ? 82  SER A N   1 
ATOM   505  C  CA  . SER A 1 72 ? -5.107  21.051  -16.414 1.00 24.53 ? 82  SER A CA  1 
ATOM   506  C  C   . SER A 1 72 ? -5.287  22.578  -16.590 1.00 24.44 ? 82  SER A C   1 
ATOM   507  O  O   . SER A 1 72 ? -5.072  23.384  -15.662 1.00 19.89 ? 82  SER A O   1 
ATOM   508  C  CB  . SER A 1 72 ? -6.480  20.360  -16.441 1.00 23.24 ? 82  SER A CB  1 
ATOM   509  O  OG  . SER A 1 72 ? -7.379  20.966  -15.516 1.00 26.96 ? 82  SER A OG  1 
ATOM   510  N  N   . ARG A 1 73 ? -5.712  22.972  -17.787 1.00 26.41 ? 83  ARG A N   1 
ATOM   511  C  CA  . ARG A 1 73 ? -5.967  24.386  -18.048 1.00 27.22 ? 83  ARG A CA  1 
ATOM   512  C  C   . ARG A 1 73 ? -7.205  24.961  -17.313 1.00 27.24 ? 83  ARG A C   1 
ATOM   513  O  O   . ARG A 1 73 ? -7.375  26.191  -17.252 1.00 26.97 ? 83  ARG A O   1 
ATOM   514  C  CB  . ARG A 1 73 ? -6.032  24.662  -19.566 1.00 29.14 ? 83  ARG A CB  1 
ATOM   515  C  CG  . ARG A 1 73 ? -4.647  24.579  -20.295 1.00 32.25 ? 83  ARG A CG  1 
ATOM   516  C  CD  . ARG A 1 73 ? -3.721  25.802  -20.003 1.00 35.49 ? 83  ARG A CD  1 
ATOM   517  N  NE  . ARG A 1 73 ? -4.413  27.084  -20.170 1.00 40.15 ? 83  ARG A NE  1 
ATOM   518  C  CZ  . ARG A 1 73 ? -4.646  27.671  -21.347 1.00 44.82 ? 83  ARG A CZ  1 
ATOM   519  N  NH1 . ARG A 1 73 ? -4.215  27.114  -22.476 1.00 42.73 ? 83  ARG A NH1 1 
ATOM   520  N  NH2 . ARG A 1 73 ? -5.322  28.812  -21.400 1.00 47.64 ? 83  ARG A NH2 1 
ATOM   521  N  N   . SER A 1 74 ? -8.050  24.094  -16.737 1.00 25.73 ? 84  SER A N   1 
ATOM   522  C  CA  . SER A 1 74 ? -9.148  24.562  -15.847 1.00 24.85 ? 84  SER A CA  1 
ATOM   523  C  C   . SER A 1 74 ? -8.763  24.548  -14.376 1.00 21.75 ? 84  SER A C   1 
ATOM   524  O  O   . SER A 1 74 ? -9.570  24.905  -13.506 1.00 21.47 ? 84  SER A O   1 
ATOM   525  C  CB  . SER A 1 74 ? -10.441 23.757  -16.060 1.00 26.09 ? 84  SER A CB  1 
ATOM   526  O  OG  . SER A 1 74 ? -10.168 22.361  -15.965 1.00 32.22 ? 84  SER A OG  1 
ATOM   527  N  N   . GLY A 1 75 ? -7.514  24.171  -14.114 1.00 19.95 ? 85  GLY A N   1 
ATOM   528  C  CA  . GLY A 1 75 ? -6.935  24.223  -12.768 1.00 17.26 ? 85  GLY A CA  1 
ATOM   529  C  C   . GLY A 1 75 ? -7.191  22.992  -11.910 1.00 14.72 ? 85  GLY A C   1 
ATOM   530  O  O   . GLY A 1 75 ? -7.039  23.058  -10.701 1.00 14.26 ? 85  GLY A O   1 
ATOM   531  N  N   . GLU A 1 76 ? -7.540  21.878  -12.524 0.50 9.67  ? 86  GLU A N   1 
ATOM   532  C  CA  . GLU A 1 76 ? -7.755  20.650  -11.755 0.50 9.97  ? 86  GLU A CA  1 
ATOM   533  C  C   . GLU A 1 76 ? -6.485  19.829  -11.719 0.50 9.43  ? 86  GLU A C   1 
ATOM   534  O  O   . GLU A 1 76 ? -5.742  19.797  -12.695 0.50 6.44  ? 86  GLU A O   1 
ATOM   535  C  CB  . GLU A 1 76 ? -8.906  19.859  -12.368 0.50 11.34 ? 86  GLU A CB  1 
ATOM   536  C  CG  . GLU A 1 76 ? -10.190 20.658  -12.447 0.50 12.36 ? 86  GLU A CG  1 
ATOM   537  C  CD  . GLU A 1 76 ? -10.693 21.046  -11.081 0.50 20.90 ? 86  GLU A CD  1 
ATOM   538  O  OE1 . GLU A 1 76 ? -10.138 20.539  -10.080 0.50 25.90 ? 86  GLU A OE1 1 
ATOM   539  O  OE2 . GLU A 1 76 ? -11.672 21.821  -10.997 0.50 25.69 ? 86  GLU A OE2 1 
ATOM   540  N  N   . ILE A 1 77 ? -6.214  19.172  -10.582 1.00 13.27 ? 87  ILE A N   1 
ATOM   541  C  CA  . ILE A 1 77 ? -4.882  18.558  -10.348 1.00 13.25 ? 87  ILE A CA  1 
ATOM   542  C  C   . ILE A 1 77 ? -4.983  17.027  -10.255 1.00 14.98 ? 87  ILE A C   1 
ATOM   543  O  O   . ILE A 1 77 ? -5.860  16.507  -9.573  1.00 15.63 ? 87  ILE A O   1 
ATOM   544  C  CB  . ILE A 1 77 ? -4.272  19.095  -9.043  1.00 14.47 ? 87  ILE A CB  1 
ATOM   545  C  CG1 . ILE A 1 77 ? -4.176  20.619  -9.114  1.00 14.09 ? 87  ILE A CG1 1 
ATOM   546  C  CG2 . ILE A 1 77 ? -2.864  18.539  -8.800  1.00 15.92 ? 87  ILE A CG2 1 
ATOM   547  C  CD1 . ILE A 1 77 ? -4.164  21.289  -7.725  1.00 16.75 ? 87  ILE A CD1 1 
ATOM   548  N  N   . THR A 1 78 ? -4.070  16.331  -10.944 1.00 15.53 ? 88  THR A N   1 
ATOM   549  C  CA  . THR A 1 78 ? -4.043  14.862  -10.917 1.00 16.89 ? 88  THR A CA  1 
ATOM   550  C  C   . THR A 1 78 ? -2.652  14.416  -10.514 1.00 17.06 ? 88  THR A C   1 
ATOM   551  O  O   . THR A 1 78 ? -1.659  15.046  -10.882 1.00 17.54 ? 88  THR A O   1 
ATOM   552  C  CB  . THR A 1 78 ? -4.412  14.226  -12.289 1.00 17.33 ? 88  THR A CB  1 
ATOM   553  O  OG1 . THR A 1 78 ? -5.701  14.714  -12.731 1.00 22.03 ? 88  THR A OG1 1 
ATOM   554  C  CG2 . THR A 1 78 ? -4.510  12.681  -12.120 1.00 16.47 ? 88  THR A CG2 1 
ATOM   555  N  N   . CYS A 1 79 ? -2.590  13.408  -9.638  1.00 17.32 ? 89  CYS A N   1 
ATOM   556  C  CA  . CYS A 1 79 ? -1.326  12.957  -9.045  1.00 16.14 ? 89  CYS A CA  1 
ATOM   557  C  C   . CYS A 1 79 ? -1.079  11.540  -9.516  1.00 18.16 ? 89  CYS A C   1 
ATOM   558  O  O   . CYS A 1 79 ? -1.985  10.717  -9.425  1.00 19.77 ? 89  CYS A O   1 
ATOM   559  C  CB  . CYS A 1 79 ? -1.466  12.895  -7.519  1.00 15.88 ? 89  CYS A CB  1 
ATOM   560  S  SG  . CYS A 1 79 ? -1.783  14.499  -6.742  1.00 17.93 ? 89  CYS A SG  1 
ATOM   561  N  N   . TYR A 1 80 ? 0.165   11.255  -9.884  1.00 19.63 ? 90  TYR A N   1 
ATOM   562  C  CA  . TYR A 1 80 ? 0.571   9.954   -10.419 1.00 21.42 ? 90  TYR A CA  1 
ATOM   563  C  C   . TYR A 1 80 ? 1.777   9.434   -9.699  1.00 22.51 ? 90  TYR A C   1 
ATOM   564  O  O   . TYR A 1 80 ? 2.722   10.192  -9.388  1.00 21.03 ? 90  TYR A O   1 
ATOM   565  C  CB  . TYR A 1 80 ? 0.931   10.072  -11.917 1.00 21.76 ? 90  TYR A CB  1 
ATOM   566  C  CG  . TYR A 1 80 ? -0.190  10.542  -12.778 1.00 22.24 ? 90  TYR A CG  1 
ATOM   567  C  CD1 . TYR A 1 80 ? -1.074  9.633   -13.351 1.00 25.47 ? 90  TYR A CD1 1 
ATOM   568  C  CD2 . TYR A 1 80 ? -0.370  11.910  -13.057 1.00 26.19 ? 90  TYR A CD2 1 
ATOM   569  C  CE1 . TYR A 1 80 ? -2.121  10.057  -14.186 1.00 30.20 ? 90  TYR A CE1 1 
ATOM   570  C  CE2 . TYR A 1 80 ? -1.413  12.336  -13.889 1.00 26.23 ? 90  TYR A CE2 1 
ATOM   571  C  CZ  . TYR A 1 80 ? -2.283  11.400  -14.434 1.00 28.26 ? 90  TYR A CZ  1 
ATOM   572  O  OH  . TYR A 1 80 ? -3.326  11.808  -15.229 1.00 32.79 ? 90  TYR A OH  1 
ATOM   573  N  N   . ALA A 1 81 ? 1.807   8.110   -9.503  1.00 24.32 ? 91  ALA A N   1 
ATOM   574  C  CA  . ALA A 1 81 ? 3.031   7.458   -9.042  1.00 27.88 ? 91  ALA A CA  1 
ATOM   575  C  C   . ALA A 1 81 ? 4.169   7.745   -10.018 1.00 30.44 ? 91  ALA A C   1 
ATOM   576  O  O   . ALA A 1 81 ? 3.976   7.721   -11.233 1.00 31.54 ? 91  ALA A O   1 
ATOM   577  C  CB  . ALA A 1 81 ? 2.814   5.945   -8.899  1.00 27.28 ? 91  ALA A CB  1 
ATOM   578  N  N   . MET A 1 82 ? 5.310   8.126   -9.474  1.00 34.70 ? 92  MET A N   1 
ATOM   579  C  CA  . MET A 1 82 ? 6.514   8.348   -10.261 1.00 39.90 ? 92  MET A CA  1 
ATOM   580  C  C   . MET A 1 82 ? 7.277   7.024   -10.296 1.00 42.48 ? 92  MET A C   1 
ATOM   581  O  O   . MET A 1 82 ? 7.418   6.370   -9.266  1.00 44.15 ? 92  MET A O   1 
ATOM   582  C  CB  . MET A 1 82 ? 7.360   9.444   -9.602  1.00 40.09 ? 92  MET A CB  1 
ATOM   583  C  CG  . MET A 1 82 ? 8.421   10.075  -10.489 1.00 43.45 ? 92  MET A CG  1 
ATOM   584  S  SD  . MET A 1 82 ? 7.697   10.818  -11.961 1.00 49.57 ? 92  MET A SD  1 
ATOM   585  C  CE  . MET A 1 82 ? 9.054   11.850  -12.502 1.00 48.04 ? 92  MET A CE  1 
ATOM   586  N  N   . ALA A 1 83 ? 7.686   6.592   -11.492 1.00 45.82 ? 93  ALA A N   1 
ATOM   587  C  CA  . ALA A 1 83 ? 8.436   5.336   -11.660 1.00 47.22 ? 93  ALA A CA  1 
ATOM   588  C  C   . ALA A 1 83 ? 9.849   5.423   -11.071 1.00 48.46 ? 93  ALA A C   1 
ATOM   589  O  O   . ALA A 1 83 ? 10.208  4.650   -10.171 1.00 49.93 ? 93  ALA A O   1 
ATOM   590  C  CB  . ALA A 1 83 ? 8.498   4.949   -13.131 1.00 47.50 ? 93  ALA A CB  1 
ATOM   591  N  N   . GLY B 1 7  ? -17.690 0.893   -0.406  1.00 34.85 ? 17  GLY B N   1 
ATOM   592  C  CA  . GLY B 1 7  ? -18.389 0.076   -1.453  1.00 32.03 ? 17  GLY B CA  1 
ATOM   593  C  C   . GLY B 1 7  ? -17.779 -1.310  -1.641  1.00 31.03 ? 17  GLY B C   1 
ATOM   594  O  O   . GLY B 1 7  ? -18.496 -2.295  -1.872  1.00 29.85 ? 17  GLY B O   1 
ATOM   595  N  N   . MET B 1 8  ? -16.461 -1.406  -1.490  1.00 27.26 ? 18  MET B N   1 
ATOM   596  C  CA  . MET B 1 8  ? -15.783 -2.652  -1.784  1.00 25.64 ? 18  MET B CA  1 
ATOM   597  C  C   . MET B 1 8  ? -16.028 -3.740  -0.732  1.00 22.98 ? 18  MET B C   1 
ATOM   598  O  O   . MET B 1 8  ? -16.156 -3.468  0.468   1.00 21.90 ? 18  MET B O   1 
ATOM   599  C  CB  . MET B 1 8  ? -14.291 -2.419  -1.936  1.00 27.51 ? 18  MET B CB  1 
ATOM   600  C  CG  . MET B 1 8  ? -13.709 -3.029  -3.169  1.00 34.21 ? 18  MET B CG  1 
ATOM   601  S  SD  . MET B 1 8  ? -11.933 -2.647  -3.255  1.00 44.46 ? 18  MET B SD  1 
ATOM   602  C  CE  . MET B 1 8  ? -11.973 -0.852  -3.412  1.00 40.68 ? 18  MET B CE  1 
ATOM   603  N  N   . LEU B 1 9  ? -16.069 -4.976  -1.210  1.00 21.32 ? 19  LEU B N   1 
ATOM   604  C  CA  . LEU B 1 9  ? -16.034 -6.128  -0.369  1.00 17.92 ? 19  LEU B CA  1 
ATOM   605  C  C   . LEU B 1 9  ? -14.782 -6.154  0.546   1.00 15.49 ? 19  LEU B C   1 
ATOM   606  O  O   . LEU B 1 9  ? -13.702 -5.697  0.166   1.00 14.54 ? 19  LEU B O   1 
ATOM   607  C  CB  . LEU B 1 9  ? -16.052 -7.370  -1.255  1.00 19.33 ? 19  LEU B CB  1 
ATOM   608  C  CG  . LEU B 1 9  ? -17.312 -7.558  -2.108  1.00 23.93 ? 19  LEU B CG  1 
ATOM   609  C  CD1 . LEU B 1 9  ? -17.017 -8.507  -3.261  1.00 25.64 ? 19  LEU B CD1 1 
ATOM   610  C  CD2 . LEU B 1 9  ? -18.417 -8.114  -1.245  1.00 22.32 ? 19  LEU B CD2 1 
ATOM   611  N  N   . GLU B 1 10 ? -14.951 -6.656  1.761   1.00 14.29 ? 20  GLU B N   1 
ATOM   612  C  CA  . GLU B 1 10 ? -13.819 -6.781  2.681   1.00 11.94 ? 20  GLU B CA  1 
ATOM   613  C  C   . GLU B 1 10 ? -12.657 -7.487  2.008   1.00 10.97 ? 20  GLU B C   1 
ATOM   614  O  O   . GLU B 1 10 ? -11.522 -7.010  2.047   1.00 10.87 ? 20  GLU B O   1 
ATOM   615  C  CB  . GLU B 1 10 ? -14.238 -7.520  3.974   1.00 12.92 ? 20  GLU B CB  1 
ATOM   616  C  CG  . GLU B 1 10 ? -13.062 -7.755  4.952   1.00 14.02 ? 20  GLU B CG  1 
ATOM   617  C  CD  . GLU B 1 10 ? -13.482 -8.369  6.275   1.00 17.66 ? 20  GLU B CD  1 
ATOM   618  O  OE1 . GLU B 1 10 ? -14.632 -8.799  6.379   1.00 16.43 ? 20  GLU B OE1 1 
ATOM   619  O  OE2 . GLU B 1 10 ? -12.633 -8.470  7.205   1.00 13.67 ? 20  GLU B OE2 1 
ATOM   620  N  N   . GLY B 1 11 ? -12.958 -8.594  1.338   1.00 11.64 ? 21  GLY B N   1 
ATOM   621  C  CA  . GLY B 1 11 ? -11.924 -9.371  0.645   1.00 13.06 ? 21  GLY B CA  1 
ATOM   622  C  C   . GLY B 1 11 ? -11.212 -8.546  -0.410  1.00 12.72 ? 21  GLY B C   1 
ATOM   623  O  O   . GLY B 1 11 ? -10.001 -8.616  -0.517  1.00 12.28 ? 21  GLY B O   1 
ATOM   624  N  N   . ASP B 1 12 ? -11.945 -7.713  -1.166  1.00 14.30 ? 22  ASP B N   1 
ATOM   625  C  CA  . ASP B 1 12 ? -11.283 -6.864  -2.188  1.00 15.21 ? 22  ASP B CA  1 
ATOM   626  C  C   . ASP B 1 12 ? -10.382 -5.813  -1.558  1.00 16.65 ? 22  ASP B C   1 
ATOM   627  O  O   . ASP B 1 12 ? -9.304  -5.506  -2.078  1.00 14.78 ? 22  ASP B O   1 
ATOM   628  C  CB  . ASP B 1 12 ? -12.302 -6.174  -3.136  1.00 16.79 ? 22  ASP B CB  1 
ATOM   629  C  CG  . ASP B 1 12 ? -13.019 -7.148  -4.065  1.00 25.03 ? 22  ASP B CG  1 
ATOM   630  O  OD1 . ASP B 1 12 ? -12.603 -8.325  -4.192  1.00 29.06 ? 22  ASP B OD1 1 
ATOM   631  O  OD2 . ASP B 1 12 ? -14.030 -6.728  -4.680  1.00 29.43 ? 22  ASP B OD2 1 
ATOM   632  N  N   . LEU B 1 13 ? -10.820 -5.231  -0.442  1.00 13.63 ? 23  LEU B N   1 
ATOM   633  C  CA  . LEU B 1 13 ? -9.998  -4.233  0.208   1.00 12.34 ? 23  LEU B CA  1 
ATOM   634  C  C   . LEU B 1 13 ? -8.710  -4.858  0.739   1.00 10.56 ? 23  LEU B C   1 
ATOM   635  O  O   . LEU B 1 13 ? -7.632  -4.292  0.616   1.00 13.11 ? 23  LEU B O   1 
ATOM   636  C  CB  . LEU B 1 13 ? -10.762 -3.548  1.325   1.00 11.19 ? 23  LEU B CB  1 
ATOM   637  C  CG  . LEU B 1 13 ? -11.823 -2.568  0.807   1.00 19.49 ? 23  LEU B CG  1 
ATOM   638  C  CD1 . LEU B 1 13 ? -12.961 -2.380  1.862   1.00 22.28 ? 23  LEU B CD1 1 
ATOM   639  C  CD2 . LEU B 1 13 ? -11.137 -1.222  0.468   1.00 19.89 ? 23  LEU B CD2 1 
ATOM   640  N  N   . VAL B 1 14 ? -8.839  -5.987  1.402   1.00 10.32 ? 24  VAL B N   1 
ATOM   641  C  CA  . VAL B 1 14 ? -7.639  -6.661  1.963   1.00 9.39  ? 24  VAL B CA  1 
ATOM   642  C  C   . VAL B 1 14 ? -6.656  -7.038  0.855   1.00 9.21  ? 24  VAL B C   1 
ATOM   643  O  O   . VAL B 1 14 ? -5.458  -6.873  1.000   1.00 9.59  ? 24  VAL B O   1 
ATOM   644  C  CB  . VAL B 1 14 ? -8.052  -7.906  2.788   1.00 8.03  ? 24  VAL B CB  1 
ATOM   645  C  CG1 . VAL B 1 14 ? -6.778  -8.755  3.174   1.00 7.75  ? 24  VAL B CG1 1 
ATOM   646  C  CG2 . VAL B 1 14 ? -8.810  -7.428  4.052   1.00 10.00 ? 24  VAL B CG2 1 
ATOM   647  N  N   A SER B 1 15 ? -7.189  -7.561  -0.250  0.50 11.96 ? 25  SER B N   1 
ATOM   648  N  N   B SER B 1 15 ? -7.185  -7.550  -0.251  0.50 12.04 ? 25  SER B N   1 
ATOM   649  C  CA  A SER B 1 15 ? -6.369  -7.900  -1.452  0.50 12.76 ? 25  SER B CA  1 
ATOM   650  C  CA  B SER B 1 15 ? -6.344  -7.909  -1.419  0.50 12.84 ? 25  SER B CA  1 
ATOM   651  C  C   A SER B 1 15 ? -5.550  -6.703  -1.923  0.50 13.76 ? 25  SER B C   1 
ATOM   652  C  C   B SER B 1 15 ? -5.544  -6.703  -1.923  0.50 13.84 ? 25  SER B C   1 
ATOM   653  O  O   A SER B 1 15 ? -4.344  -6.801  -2.155  0.50 14.39 ? 25  SER B O   1 
ATOM   654  O  O   B SER B 1 15 ? -4.341  -6.795  -2.170  0.50 14.42 ? 25  SER B O   1 
ATOM   655  C  CB  A SER B 1 15 ? -7.290  -8.365  -2.593  0.50 13.20 ? 25  SER B CB  1 
ATOM   656  C  CB  B SER B 1 15 ? -7.226  -8.446  -2.549  0.50 13.51 ? 25  SER B CB  1 
ATOM   657  O  OG  A SER B 1 15 ? -7.468  -9.762  -2.539  0.50 15.00 ? 25  SER B OG  1 
ATOM   658  O  OG  B SER B 1 15 ? -6.431  -8.737  -3.670  0.50 15.18 ? 25  SER B OG  1 
ATOM   659  N  N   . LYS B 1 16 ? -6.216  -5.566  -2.046  1.00 14.26 ? 26  LYS B N   1 
ATOM   660  C  CA  . LYS B 1 16 ? -5.565  -4.335  -2.471  1.00 14.65 ? 26  LYS B CA  1 
ATOM   661  C  C   . LYS B 1 16 ? -4.483  -3.858  -1.523  1.00 14.27 ? 26  LYS B C   1 
ATOM   662  O  O   . LYS B 1 16 ? -3.394  -3.427  -1.958  1.00 14.92 ? 26  LYS B O   1 
ATOM   663  C  CB  . LYS B 1 16 ? -6.636  -3.233  -2.707  1.00 15.74 ? 26  LYS B CB  1 
ATOM   664  C  CG  . LYS B 1 16 ? -7.431  -3.453  -3.988  1.00 24.75 ? 26  LYS B CG  1 
ATOM   665  N  N   . MET B 1 17 ? -4.735  -3.984  -0.221  1.00 11.40 ? 27  MET B N   1 
ATOM   666  C  CA  . MET B 1 17 ? -3.755  -3.596  0.777   1.00 12.76 ? 27  MET B CA  1 
ATOM   667  C  C   . MET B 1 17 ? -2.547  -4.539  0.791   1.00 11.61 ? 27  MET B C   1 
ATOM   668  O  O   . MET B 1 17 ? -1.419  -4.119  0.875   1.00 11.57 ? 27  MET B O   1 
ATOM   669  C  CB  . MET B 1 17 ? -4.427  -3.517  2.162   1.00 13.29 ? 27  MET B CB  1 
ATOM   670  C  CG  . MET B 1 17 ? -5.515  -2.433  2.178   1.00 15.18 ? 27  MET B CG  1 
ATOM   671  S  SD  . MET B 1 17 ? -6.130  -2.060  3.840   1.00 20.15 ? 27  MET B SD  1 
ATOM   672  C  CE  . MET B 1 17 ? -7.295  -3.361  3.994   1.00 15.35 ? 27  MET B CE  1 
ATOM   673  N  N   . LEU B 1 18 ? -2.821  -5.816  0.691   1.00 10.02 ? 28  LEU B N   1 
ATOM   674  C  CA  . LEU B 1 18 ? -1.772  -6.813  0.616   1.00 9.59  ? 28  LEU B CA  1 
ATOM   675  C  C   . LEU B 1 18 ? -0.912  -6.561  -0.629  1.00 11.20 ? 28  LEU B C   1 
ATOM   676  O  O   . LEU B 1 18 ? 0.318   -6.594  -0.540  1.00 11.27 ? 28  LEU B O   1 
ATOM   677  C  CB  . LEU B 1 18 ? -2.419  -8.204  0.529   1.00 10.73 ? 28  LEU B CB  1 
ATOM   678  C  CG  . LEU B 1 18 ? -1.429  -9.365  0.363   1.00 11.56 ? 28  LEU B CG  1 
ATOM   679  C  CD1 . LEU B 1 18 ? -0.527  -9.433  1.642   1.00 15.47 ? 28  LEU B CD1 1 
ATOM   680  C  CD2 . LEU B 1 18 ? -2.201  -10.681 0.147   1.00 15.88 ? 28  LEU B CD2 1 
ATOM   681  N  N   . ARG B 1 19 ? -1.542  -6.322  -1.782  1.00 11.67 ? 29  ARG B N   1 
ATOM   682  C  CA  . ARG B 1 19 ? -0.729  -6.006  -2.990  1.00 13.64 ? 29  ARG B CA  1 
ATOM   683  C  C   . ARG B 1 19 ? 0.195   -4.800  -2.733  1.00 14.04 ? 29  ARG B C   1 
ATOM   684  O  O   . ARG B 1 19 ? 1.405   -4.855  -3.045  1.00 13.64 ? 29  ARG B O   1 
ATOM   685  C  CB  . ARG B 1 19 ? -1.589  -5.776  -4.241  1.00 12.58 ? 29  ARG B CB  1 
ATOM   686  C  CG  . ARG B 1 19 ? -0.750  -5.260  -5.435  1.00 19.71 ? 29  ARG B CG  1 
ATOM   687  C  CD  . ARG B 1 19 ? -1.045  -5.901  -6.797  1.00 26.78 ? 29  ARG B CD  1 
ATOM   688  N  NE  . ARG B 1 19 ? -2.405  -6.350  -7.021  1.00 31.17 ? 29  ARG B NE  1 
ATOM   689  C  CZ  . ARG B 1 19 ? -2.713  -7.494  -7.626  1.00 31.59 ? 29  ARG B CZ  1 
ATOM   690  N  NH1 . ARG B 1 19 ? -3.974  -7.835  -7.801  1.00 36.02 ? 29  ARG B NH1 1 
ATOM   691  N  NH2 . ARG B 1 19 ? -1.748  -8.316  -8.032  1.00 34.01 ? 29  ARG B NH2 1 
ATOM   692  N  N   . ALA B 1 20 ? -0.354  -3.758  -2.095  1.00 12.51 ? 30  ALA B N   1 
ATOM   693  C  CA  . ALA B 1 20 ? 0.425   -2.564  -1.731  1.00 14.50 ? 30  ALA B CA  1 
ATOM   694  C  C   . ALA B 1 20 ? 1.603   -2.849  -0.806  1.00 14.49 ? 30  ALA B C   1 
ATOM   695  O  O   . ALA B 1 20 ? 2.729   -2.372  -1.032  1.00 13.12 ? 30  ALA B O   1 
ATOM   696  C  CB  . ALA B 1 20 ? -0.503  -1.436  -1.143  1.00 13.16 ? 30  ALA B CB  1 
ATOM   697  N  N   . VAL B 1 21 ? 1.381   -3.713  0.189   1.00 14.05 ? 31  VAL B N   1 
ATOM   698  C  CA  . VAL B 1 21 ? 2.478   -4.168  1.043   1.00 12.50 ? 31  VAL B CA  1 
ATOM   699  C  C   . VAL B 1 21 ? 3.571   -4.889  0.269   1.00 13.46 ? 31  VAL B C   1 
ATOM   700  O  O   . VAL B 1 21 ? 4.759   -4.587  0.434   1.00 13.75 ? 31  VAL B O   1 
ATOM   701  C  CB  . VAL B 1 21 ? 1.948   -5.026  2.218   1.00 13.12 ? 31  VAL B CB  1 
ATOM   702  C  CG1 . VAL B 1 21 ? 3.067   -5.503  3.075   1.00 13.81 ? 31  VAL B CG1 1 
ATOM   703  C  CG2 . VAL B 1 21 ? 0.970   -4.204  3.036   1.00 13.87 ? 31  VAL B CG2 1 
ATOM   704  N  N   . LEU B 1 22 ? 3.177   -5.868  -0.545  1.00 13.70 ? 32  LEU B N   1 
ATOM   705  C  CA  . LEU B 1 22 ? 4.164   -6.761  -1.183  1.00 11.28 ? 32  LEU B CA  1 
ATOM   706  C  C   . LEU B 1 22 ? 4.940   -6.007  -2.265  1.00 14.60 ? 32  LEU B C   1 
ATOM   707  O  O   . LEU B 1 22 ? 6.119   -6.258  -2.468  1.00 13.32 ? 32  LEU B O   1 
ATOM   708  C  CB  . LEU B 1 22 ? 3.508   -7.988  -1.781  1.00 9.57  ? 32  LEU B CB  1 
ATOM   709  C  CG  . LEU B 1 22 ? 2.781   -8.898  -0.764  1.00 9.04  ? 32  LEU B CG  1 
ATOM   710  C  CD1 . LEU B 1 22 ? 2.087   -10.023 -1.508  1.00 11.71 ? 32  LEU B CD1 1 
ATOM   711  C  CD2 . LEU B 1 22 ? 3.796   -9.469  0.240   1.00 11.12 ? 32  LEU B CD2 1 
ATOM   712  N  N   . GLN B 1 23 ? 4.285   -5.087  -2.945  1.00 15.26 ? 33  GLN B N   1 
ATOM   713  C  CA  . GLN B 1 23 ? 4.982   -4.386  -4.036  1.00 20.14 ? 33  GLN B CA  1 
ATOM   714  C  C   . GLN B 1 23 ? 6.170   -3.526  -3.587  1.00 23.98 ? 33  GLN B C   1 
ATOM   715  O  O   . GLN B 1 23 ? 7.139   -3.393  -4.348  1.00 26.22 ? 33  GLN B O   1 
ATOM   716  C  CB  . GLN B 1 23 ? 4.002   -3.610  -4.919  1.00 19.78 ? 33  GLN B CB  1 
ATOM   717  C  CG  . GLN B 1 23 ? 3.371   -4.498  -5.981  1.00 29.49 ? 33  GLN B CG  1 
ATOM   718  C  CD  . GLN B 1 23 ? 2.275   -3.811  -6.805  1.00 33.90 ? 33  GLN B CD  1 
ATOM   719  O  OE1 . GLN B 1 23 ? 1.792   -2.729  -6.449  1.00 40.33 ? 33  GLN B OE1 1 
ATOM   720  N  NE2 . GLN B 1 23 ? 1.855   -4.464  -7.891  1.00 35.15 ? 33  GLN B NE2 1 
ATOM   721  N  N   . SER B 1 24 ? 6.167   -3.080  -2.323  1.00 26.10 ? 34  SER B N   1 
ATOM   722  C  CA  . SER B 1 24 ? 7.322   -2.327  -1.726  1.00 29.73 ? 34  SER B CA  1 
ATOM   723  C  C   . SER B 1 24 ? 8.597   -3.187  -1.639  1.00 30.78 ? 34  SER B C   1 
ATOM   724  O  O   . SER B 1 24 ? 9.711   -2.672  -1.597  1.00 32.02 ? 34  SER B O   1 
ATOM   725  C  CB  . SER B 1 24 ? 7.003   -1.850  -0.299  1.00 30.12 ? 34  SER B CB  1 
ATOM   726  O  OG  . SER B 1 24 ? 5.677   -1.373  -0.152  1.00 37.16 ? 34  SER B OG  1 
ATOM   727  N  N   . HIS B 1 25 ? 8.428   -4.499  -1.553  1.00 28.69 ? 35  HIS B N   1 
ATOM   728  C  CA  . HIS B 1 25 ? 9.511   -5.358  -1.144  1.00 27.51 ? 35  HIS B CA  1 
ATOM   729  C  C   . HIS B 1 25 ? 9.990   -6.204  -2.309  1.00 27.61 ? 35  HIS B C   1 
ATOM   730  O  O   . HIS B 1 25 ? 9.373   -7.224  -2.641  1.00 27.29 ? 35  HIS B O   1 
ATOM   731  C  CB  . HIS B 1 25 ? 9.043   -6.261  0.014   1.00 25.71 ? 35  HIS B CB  1 
ATOM   732  C  CG  . HIS B 1 25 ? 8.728   -5.517  1.272   1.00 24.84 ? 35  HIS B CG  1 
ATOM   733  N  ND1 . HIS B 1 25 ? 7.487   -4.976  1.532   1.00 24.45 ? 35  HIS B ND1 1 
ATOM   734  C  CD2 . HIS B 1 25 ? 9.481   -5.265  2.366   1.00 23.98 ? 35  HIS B CD2 1 
ATOM   735  C  CE1 . HIS B 1 25 ? 7.494   -4.406  2.722   1.00 24.24 ? 35  HIS B CE1 1 
ATOM   736  N  NE2 . HIS B 1 25 ? 8.694   -4.563  3.248   1.00 28.83 ? 35  HIS B NE2 1 
ATOM   737  N  N   . LYS B 1 26 ? 11.120  -5.813  -2.912  1.00 28.42 ? 36  LYS B N   1 
ATOM   738  C  CA  . LYS B 1 26 ? 11.605  -6.472  -4.136  1.00 27.68 ? 36  LYS B CA  1 
ATOM   739  C  C   . LYS B 1 26 ? 12.000  -7.929  -3.951  1.00 27.55 ? 36  LYS B C   1 
ATOM   740  O  O   . LYS B 1 26 ? 11.936  -8.715  -4.905  1.00 28.95 ? 36  LYS B O   1 
ATOM   741  C  CB  . LYS B 1 26 ? 12.795  -5.705  -4.760  1.00 30.52 ? 36  LYS B CB  1 
ATOM   742  N  N   . ASN B 1 27 ? 12.488  -8.273  -2.759  1.00 24.28 ? 37  ASN B N   1 
ATOM   743  C  CA  . ASN B 1 27 ? 12.814  -9.663  -2.450  1.00 23.35 ? 37  ASN B CA  1 
ATOM   744  C  C   . ASN B 1 27 ? 11.715  -10.353 -1.639  1.00 20.80 ? 37  ASN B C   1 
ATOM   745  O  O   . ASN B 1 27 ? 11.968  -11.361 -0.974  1.00 18.98 ? 37  ASN B O   1 
ATOM   746  C  CB  . ASN B 1 27 ? 14.144  -9.758  -1.692  1.00 25.25 ? 37  ASN B CB  1 
ATOM   747  C  CG  . ASN B 1 27 ? 15.325  -9.228  -2.504  1.00 32.01 ? 37  ASN B CG  1 
ATOM   748  O  OD1 . ASN B 1 27 ? 15.506  -9.576  -3.686  1.00 35.65 ? 37  ASN B OD1 1 
ATOM   749  N  ND2 . ASN B 1 27 ? 16.155  -8.420  -1.859  1.00 37.21 ? 37  ASN B ND2 1 
ATOM   750  N  N   . GLY B 1 28 ? 10.501  -9.812  -1.692  1.00 18.20 ? 38  GLY B N   1 
ATOM   751  C  CA  . GLY B 1 28 ? 9.366   -10.465 -1.045  1.00 15.44 ? 38  GLY B CA  1 
ATOM   752  C  C   . GLY B 1 28 ? 9.364   -10.249 0.456   1.00 14.91 ? 38  GLY B C   1 
ATOM   753  O  O   . GLY B 1 28 ? 10.244  -9.552  1.010   1.00 13.51 ? 38  GLY B O   1 
ATOM   754  N  N   . VAL B 1 29 ? 8.370   -10.838 1.122   1.00 11.65 ? 39  VAL B N   1 
ATOM   755  C  CA  . VAL B 1 29 ? 8.234   -10.725 2.566   1.00 11.04 ? 39  VAL B CA  1 
ATOM   756  C  C   . VAL B 1 29 ? 8.110   -12.126 3.130   1.00 10.67 ? 39  VAL B C   1 
ATOM   757  O  O   . VAL B 1 29 ? 7.207   -12.867 2.755   1.00 9.61  ? 39  VAL B O   1 
ATOM   758  C  CB  . VAL B 1 29 ? 6.989   -9.901  2.956   1.00 12.69 ? 39  VAL B CB  1 
ATOM   759  C  CG1 . VAL B 1 29 ? 6.781   -9.864  4.478   1.00 11.90 ? 39  VAL B CG1 1 
ATOM   760  C  CG2 . VAL B 1 29 ? 7.058   -8.447  2.361   1.00 13.95 ? 39  VAL B CG2 1 
ATOM   761  N  N   . ALA B 1 30 ? 9.000   -12.473 4.064   1.00 11.29 ? 40  ALA B N   1 
ATOM   762  C  CA  . ALA B 1 30 ? 8.859   -13.732 4.797   1.00 11.44 ? 40  ALA B CA  1 
ATOM   763  C  C   . ALA B 1 30 ? 7.505   -13.818 5.486   1.00 10.00 ? 40  ALA B C   1 
ATOM   764  O  O   . ALA B 1 30 ? 7.068   -12.871 6.166   1.00 8.39  ? 40  ALA B O   1 
ATOM   765  C  CB  . ALA B 1 30 ? 9.982   -13.851 5.832   1.00 12.45 ? 40  ALA B CB  1 
ATOM   766  N  N   . LEU B 1 31 ? 6.836   -14.968 5.373   1.00 8.82  ? 41  LEU B N   1 
ATOM   767  C  CA  . LEU B 1 31 ? 5.497   -15.056 5.930   1.00 8.82  ? 41  LEU B CA  1 
ATOM   768  C  C   . LEU B 1 31 ? 5.455   -14.662 7.416   1.00 9.97  ? 41  LEU B C   1 
ATOM   769  O  O   . LEU B 1 31 ? 4.553   -13.894 7.825   1.00 9.39  ? 41  LEU B O   1 
ATOM   770  C  CB  . LEU B 1 31 ? 4.856   -16.424 5.680   1.00 9.66  ? 41  LEU B CB  1 
ATOM   771  C  CG  . LEU B 1 31 ? 3.416   -16.629 6.192   1.00 11.33 ? 41  LEU B CG  1 
ATOM   772  C  CD1 . LEU B 1 31 ? 2.511   -15.558 5.623   1.00 15.17 ? 41  LEU B CD1 1 
ATOM   773  C  CD2 . LEU B 1 31 ? 2.929   -18.028 5.771   1.00 11.21 ? 41  LEU B CD2 1 
ATOM   774  N  N   . PRO B 1 32 ? 6.447   -15.102 8.237   1.00 10.96 ? 42  PRO B N   1 
ATOM   775  C  CA  . PRO B 1 32 ? 6.388   -14.724 9.678   1.00 11.70 ? 42  PRO B CA  1 
ATOM   776  C  C   . PRO B 1 32 ? 6.382   -13.203 9.919   1.00 11.30 ? 42  PRO B C   1 
ATOM   777  O  O   . PRO B 1 32 ? 5.896   -12.745 10.975  1.00 12.10 ? 42  PRO B O   1 
ATOM   778  C  CB  . PRO B 1 32 ? 7.690   -15.305 10.255  1.00 12.73 ? 42  PRO B CB  1 
ATOM   779  C  CG  . PRO B 1 32 ? 7.917   -16.544 9.425   1.00 14.22 ? 42  PRO B CG  1 
ATOM   780  C  CD  . PRO B 1 32 ? 7.445   -16.182 8.001   1.00 13.02 ? 42  PRO B CD  1 
ATOM   781  N  N   . ARG B 1 33 ? 6.868   -12.444 8.935   1.00 10.91 ? 43  ARG B N   1 
ATOM   782  C  CA  . ARG B 1 33 ? 6.989   -10.980 9.034   1.00 11.24 ? 43  ARG B CA  1 
ATOM   783  C  C   . ARG B 1 33 ? 5.809   -10.264 8.396   1.00 10.66 ? 43  ARG B C   1 
ATOM   784  O  O   . ARG B 1 33 ? 5.675   -9.045  8.512   1.00 9.50  ? 43  ARG B O   1 
ATOM   785  C  CB  . ARG B 1 33 ? 8.266   -10.503 8.361   1.00 12.18 ? 43  ARG B CB  1 
ATOM   786  C  CG  . ARG B 1 33 ? 9.526   -11.008 9.040   1.00 14.97 ? 43  ARG B CG  1 
ATOM   787  C  CD  . ARG B 1 33 ? 10.766  -10.602 8.261   1.00 15.17 ? 43  ARG B CD  1 
ATOM   788  N  NE  . ARG B 1 33 ? 10.900  -9.162  8.177   1.00 22.18 ? 43  ARG B NE  1 
ATOM   789  C  CZ  . ARG B 1 33 ? 11.842  -8.480  8.805   1.00 32.07 ? 43  ARG B CZ  1 
ATOM   790  N  NH1 . ARG B 1 33 ? 11.923  -7.159  8.650   1.00 32.86 ? 43  ARG B NH1 1 
ATOM   791  N  NH2 . ARG B 1 33 ? 12.753  -9.134  9.531   1.00 33.83 ? 43  ARG B NH2 1 
ATOM   792  N  N   . LEU B 1 34 ? 4.941   -11.010 7.721   1.00 10.52 ? 44  LEU B N   1 
ATOM   793  C  CA  . LEU B 1 34 ? 3.930   -10.356 6.866   1.00 10.53 ? 44  LEU B CA  1 
ATOM   794  C  C   . LEU B 1 34 ? 2.858   -9.574  7.656   1.00 9.47  ? 44  LEU B C   1 
ATOM   795  O  O   . LEU B 1 34 ? 2.510   -8.442  7.279   1.00 9.73  ? 44  LEU B O   1 
ATOM   796  C  CB  . LEU B 1 34 ? 3.239   -11.399 5.968   1.00 10.36 ? 44  LEU B CB  1 
ATOM   797  C  CG  . LEU B 1 34 ? 2.173   -10.814 5.027   1.00 9.56  ? 44  LEU B CG  1 
ATOM   798  C  CD1 . LEU B 1 34 ? 2.824   -9.733  4.052   1.00 13.83 ? 44  LEU B CD1 1 
ATOM   799  C  CD2 . LEU B 1 34 ? 1.448   -11.922 4.207   1.00 7.34  ? 44  LEU B CD2 1 
ATOM   800  N  N   . GLN B 1 35 ? 2.351   -10.140 8.765   1.00 8.88  ? 45  GLN B N   1 
ATOM   801  C  CA  . GLN B 1 35 ? 1.308   -9.443  9.504   1.00 10.45 ? 45  GLN B CA  1 
ATOM   802  C  C   . GLN B 1 35 ? 1.889   -8.105  9.976   1.00 11.33 ? 45  GLN B C   1 
ATOM   803  O  O   . GLN B 1 35 ? 1.234   -7.050  9.898   1.00 10.88 ? 45  GLN B O   1 
ATOM   804  C  CB  . GLN B 1 35 ? 0.865   -10.295 10.710  1.00 9.48  ? 45  GLN B CB  1 
ATOM   805  C  CG  . GLN B 1 35 ? -0.128  -11.428 10.310  1.00 11.37 ? 45  GLN B CG  1 
ATOM   806  C  CD  . GLN B 1 35 ? -1.550  -10.906 10.106  1.00 14.17 ? 45  GLN B CD  1 
ATOM   807  O  OE1 . GLN B 1 35 ? -1.752  -9.740  9.735   1.00 11.35 ? 45  GLN B OE1 1 
ATOM   808  N  NE2 . GLN B 1 35 ? -2.521  -11.788 10.224  1.00 11.63 ? 45  GLN B NE2 1 
ATOM   809  N  N   . GLY B 1 36 ? 3.097   -8.145  10.513  1.00 12.20 ? 46  GLY B N   1 
ATOM   810  C  CA  . GLY B 1 36 ? 3.749   -6.896  10.976  1.00 12.77 ? 46  GLY B CA  1 
ATOM   811  C  C   . GLY B 1 36 ? 3.947   -5.864  9.842   1.00 13.86 ? 46  GLY B C   1 
ATOM   812  O  O   . GLY B 1 36 ? 3.735   -4.636  10.041  1.00 13.67 ? 46  GLY B O   1 
ATOM   813  N  N   . GLU B 1 37 ? 4.440   -6.328  8.694   1.00 12.47 ? 47  GLU B N   1 
ATOM   814  C  CA  . GLU B 1 37 ? 4.663   -5.410  7.554   1.00 14.03 ? 47  GLU B CA  1 
ATOM   815  C  C   . GLU B 1 37 ? 3.339   -4.862  7.015   1.00 12.36 ? 47  GLU B C   1 
ATOM   816  O  O   . GLU B 1 37 ? 3.260   -3.681  6.637   1.00 13.66 ? 47  GLU B O   1 
ATOM   817  C  CB  . GLU B 1 37 ? 5.461   -6.066  6.429   1.00 14.57 ? 47  GLU B CB  1 
ATOM   818  C  CG  . GLU B 1 37 ? 6.854   -6.448  6.823   1.00 20.73 ? 47  GLU B CG  1 
ATOM   819  C  CD  . GLU B 1 37 ? 7.788   -5.255  6.937   1.00 26.80 ? 47  GLU B CD  1 
ATOM   820  O  OE1 . GLU B 1 37 ? 7.519   -4.201  6.332   1.00 29.74 ? 47  GLU B OE1 1 
ATOM   821  O  OE2 . GLU B 1 37 ? 8.803   -5.385  7.640   1.00 36.64 ? 47  GLU B OE2 1 
ATOM   822  N  N   . TYR B 1 38 ? 2.276   -5.682  7.002   1.00 10.71 ? 48  TYR B N   1 
ATOM   823  C  CA  . TYR B 1 38 ? 0.962   -5.188  6.602   1.00 8.99  ? 48  TYR B CA  1 
ATOM   824  C  C   . TYR B 1 38 ? 0.427   -4.163  7.647   1.00 9.66  ? 48  TYR B C   1 
ATOM   825  O  O   . TYR B 1 38 ? -0.144  -3.100  7.274   1.00 12.14 ? 48  TYR B O   1 
ATOM   826  C  CB  . TYR B 1 38 ? 0.026   -6.405  6.487   1.00 9.87  ? 48  TYR B CB  1 
ATOM   827  C  CG  . TYR B 1 38 ? -1.394  -6.166  6.124   1.00 7.61  ? 48  TYR B CG  1 
ATOM   828  C  CD1 . TYR B 1 38 ? -1.829  -6.327  4.828   1.00 7.53  ? 48  TYR B CD1 1 
ATOM   829  C  CD2 . TYR B 1 38 ? -2.337  -5.886  7.109   1.00 9.30  ? 48  TYR B CD2 1 
ATOM   830  C  CE1 . TYR B 1 38 ? -3.180  -6.177  4.498   1.00 8.74  ? 48  TYR B CE1 1 
ATOM   831  C  CE2 . TYR B 1 38 ? -3.698  -5.776  6.791   1.00 11.20 ? 48  TYR B CE2 1 
ATOM   832  C  CZ  . TYR B 1 38 ? -4.090  -5.883  5.482   1.00 11.04 ? 48  TYR B CZ  1 
ATOM   833  O  OH  . TYR B 1 38 ? -5.430  -5.813  5.191   1.00 9.82  ? 48  TYR B OH  1 
ATOM   834  N  N   A ARG B 1 39 ? 0.656   -4.421  8.891   0.00 2.17  ? 49  ARG B N   1 
ATOM   835  N  N   B ARG B 1 39 ? 0.572   -4.474  8.940   0.50 2.14  ? 49  ARG B N   1 
ATOM   836  C  CA  A ARG B 1 39 ? 0.181   -3.481  9.904   0.00 3.20  ? 49  ARG B CA  1 
ATOM   837  C  CA  B ARG B 1 39 ? 0.138   -3.514  9.950   0.50 3.84  ? 49  ARG B CA  1 
ATOM   838  C  C   A ARG B 1 39 ? 0.941   -2.153  9.812   0.00 6.13  ? 49  ARG B C   1 
ATOM   839  C  C   B ARG B 1 39 ? 0.896   -2.190  9.836   0.50 6.54  ? 49  ARG B C   1 
ATOM   840  O  O   A ARG B 1 39 ? 0.421   -1.069  10.104  0.00 4.55  ? 49  ARG B O   1 
ATOM   841  O  O   B ARG B 1 39 ? 0.373   -1.112  10.125  0.50 5.05  ? 49  ARG B O   1 
ATOM   842  C  CB  A ARG B 1 39 ? 0.351   -4.065  11.288  0.00 2.00  ? 49  ARG B CB  1 
ATOM   843  C  CB  B ARG B 1 39 ? 0.295   -4.093  11.336  0.50 2.00  ? 49  ARG B CB  1 
ATOM   844  C  CG  A ARG B 1 39 ? -0.151  -3.141  12.392  0.00 3.71  ? 49  ARG B CG  1 
ATOM   845  C  CG  B ARG B 1 39 ? -0.409  -3.286  12.391  0.50 3.47  ? 49  ARG B CG  1 
ATOM   846  C  CD  A ARG B 1 39 ? 0.024   -3.785  13.728  0.00 2.00  ? 49  ARG B CD  1 
ATOM   847  C  CD  B ARG B 1 39 ? -0.143  -3.875  13.746  0.50 2.00  ? 49  ARG B CD  1 
ATOM   848  N  NE  A ARG B 1 39 ? -0.470  -2.860  14.729  0.00 8.25  ? 49  ARG B NE  1 
ATOM   849  N  NE  B ARG B 1 39 ? -0.721  -3.049  14.798  0.50 4.93  ? 49  ARG B NE  1 
ATOM   850  C  CZ  A ARG B 1 39 ? 0.191   -1.890  15.302  0.00 14.54 ? 49  ARG B CZ  1 
ATOM   851  C  CZ  B ARG B 1 39 ? -2.001  -3.028  15.136  0.50 9.22  ? 49  ARG B CZ  1 
ATOM   852  N  NH1 A ARG B 1 39 ? -0.476  -1.124  16.186  0.00 5.48  ? 49  ARG B NH1 1 
ATOM   853  N  NH1 B ARG B 1 39 ? -2.425  -2.203  16.104  0.50 6.15  ? 49  ARG B NH1 1 
ATOM   854  N  NH2 A ARG B 1 39 ? 1.515   -1.766  15.111  0.00 16.57 ? 49  ARG B NH2 1 
ATOM   855  N  NH2 B ARG B 1 39 ? -2.881  -3.810  14.512  0.50 12.27 ? 49  ARG B NH2 1 
ATOM   856  N  N   . SER B 1 40 ? 2.122   -2.258  9.393   1.00 12.60 ? 50  SER B N   1 
ATOM   857  C  CA  . SER B 1 40 ? 2.920   -1.024  9.285   1.00 16.77 ? 50  SER B CA  1 
ATOM   858  C  C   . SER B 1 40 ? 2.312   -0.080  8.239   1.00 19.52 ? 50  SER B C   1 
ATOM   859  O  O   . SER B 1 40 ? 2.274   1.150   8.414   1.00 19.01 ? 50  SER B O   1 
ATOM   860  C  CB  . SER B 1 40 ? 4.371   -1.341  8.940   1.00 20.02 ? 50  SER B CB  1 
ATOM   861  O  OG  . SER B 1 40 ? 5.090   -0.118  8.823   1.00 26.30 ? 50  SER B OG  1 
ATOM   862  N  N   . LEU B 1 41 ? 1.772   -0.654  7.179   1.00 17.92 ? 51  LEU B N   1 
ATOM   863  C  CA  . LEU B 1 41 ? 1.166   0.156   6.165   1.00 18.10 ? 51  LEU B CA  1 
ATOM   864  C  C   . LEU B 1 41 ? -0.246  0.549   6.562   1.00 19.77 ? 51  LEU B C   1 
ATOM   865  O  O   . LEU B 1 41 ? -0.607  1.718   6.473   1.00 20.30 ? 51  LEU B O   1 
ATOM   866  C  CB  . LEU B 1 41 ? 1.177   -0.574  4.821   1.00 18.24 ? 51  LEU B CB  1 
ATOM   867  C  CG  . LEU B 1 41 ? 0.443   0.156   3.690   1.00 20.57 ? 51  LEU B CG  1 
ATOM   868  C  CD1 . LEU B 1 41 ? 1.183   1.509   3.431   1.00 21.73 ? 51  LEU B CD1 1 
ATOM   869  C  CD2 . LEU B 1 41 ? 0.400   -0.727  2.392   1.00 22.54 ? 51  LEU B CD2 1 
ATOM   870  N  N   . THR B 1 42 ? -1.021  -0.401  7.099   1.00 17.20 ? 52  THR B N   1 
ATOM   871  C  CA  . THR B 1 42 ? -2.475  -0.276  7.127   1.00 15.65 ? 52  THR B CA  1 
ATOM   872  C  C   . THR B 1 42 ? -3.012  0.077   8.529   1.00 16.57 ? 52  THR B C   1 
ATOM   873  O  O   . THR B 1 42 ? -4.164  0.457   8.656   1.00 18.72 ? 52  THR B O   1 
ATOM   874  C  CB  . THR B 1 42 ? -3.150  -1.591  6.772   1.00 17.60 ? 52  THR B CB  1 
ATOM   875  O  OG1 . THR B 1 42 ? -2.854  -2.533  7.815   1.00 19.24 ? 52  THR B OG1 1 
ATOM   876  C  CG2 . THR B 1 42 ? -2.698  -2.130  5.389   1.00 14.10 ? 52  THR B CG2 1 
ATOM   877  N  N   . GLY B 1 43 ? -2.253  -0.223  9.578   1.00 14.39 ? 53  GLY B N   1 
ATOM   878  C  CA  . GLY B 1 43 ? -2.740  -0.015  10.942  1.00 15.86 ? 53  GLY B CA  1 
ATOM   879  C  C   . GLY B 1 43 ? -3.469  -1.200  11.567  1.00 17.71 ? 53  GLY B C   1 
ATOM   880  O  O   . GLY B 1 43 ? -3.720  -1.202  12.755  1.00 16.35 ? 53  GLY B O   1 
ATOM   881  N  N   . ASP B 1 44 ? -3.727  -2.256  10.793  1.00 15.62 ? 54  ASP B N   1 
ATOM   882  C  CA  . ASP B 1 44 ? -4.328  -3.434  11.408  1.00 14.10 ? 54  ASP B CA  1 
ATOM   883  C  C   . ASP B 1 44 ? -3.861  -4.725  10.771  1.00 11.83 ? 54  ASP B C   1 
ATOM   884  O  O   . ASP B 1 44 ? -2.927  -4.705  9.966   1.00 11.85 ? 54  ASP B O   1 
ATOM   885  C  CB  . ASP B 1 44 ? -5.856  -3.305  11.551  1.00 17.34 ? 54  ASP B CB  1 
ATOM   886  C  CG  . ASP B 1 44 ? -6.604  -3.445  10.258  1.00 19.97 ? 54  ASP B CG  1 
ATOM   887  O  OD1 . ASP B 1 44 ? -7.877  -3.590  10.328  1.00 28.35 ? 54  ASP B OD1 1 
ATOM   888  O  OD2 . ASP B 1 44 ? -5.981  -3.389  9.182   1.00 26.20 ? 54  ASP B OD2 1 
ATOM   889  N  N   . TRP B 1 45 ? -4.416  -5.851  11.237  1.00 10.93 ? 55  TRP B N   1 
ATOM   890  C  CA  . TRP B 1 45 ? -3.920  -7.172  10.834  1.00 9.58  ? 55  TRP B CA  1 
ATOM   891  C  C   . TRP B 1 45 ? -4.723  -7.698  9.647   1.00 9.89  ? 55  TRP B C   1 
ATOM   892  O  O   . TRP B 1 45 ? -5.846  -7.250  9.394   1.00 11.70 ? 55  TRP B O   1 
ATOM   893  C  CB  . TRP B 1 45 ? -4.090  -8.153  12.029  1.00 9.25  ? 55  TRP B CB  1 
ATOM   894  C  CG  . TRP B 1 45 ? -3.443  -7.690  13.320  1.00 7.17  ? 55  TRP B CG  1 
ATOM   895  C  CD1 . TRP B 1 45 ? -4.097  -7.347  14.513  1.00 10.11 ? 55  TRP B CD1 1 
ATOM   896  C  CD2 . TRP B 1 45 ? -2.059  -7.546  13.584  1.00 10.51 ? 55  TRP B CD2 1 
ATOM   897  N  NE1 . TRP B 1 45 ? -3.191  -7.061  15.466  1.00 9.24  ? 55  TRP B NE1 1 
ATOM   898  C  CE2 . TRP B 1 45 ? -1.930  -7.164  14.941  1.00 10.64 ? 55  TRP B CE2 1 
ATOM   899  C  CE3 . TRP B 1 45 ? -0.893  -7.717  12.816  1.00 10.16 ? 55  TRP B CE3 1 
ATOM   900  C  CZ2 . TRP B 1 45 ? -0.690  -6.892  15.524  1.00 10.92 ? 55  TRP B CZ2 1 
ATOM   901  C  CZ3 . TRP B 1 45 ? 0.346   -7.502  13.427  1.00 11.64 ? 55  TRP B CZ3 1 
ATOM   902  C  CH2 . TRP B 1 45 ? 0.433   -7.091  14.770  1.00 10.09 ? 55  TRP B CH2 1 
ATOM   903  N  N   . ILE B 1 46 ? -4.191  -8.699  8.942   1.00 9.94  ? 56  ILE B N   1 
ATOM   904  C  CA  . ILE B 1 46 ? -4.928  -9.320  7.842   1.00 9.55  ? 56  ILE B CA  1 
ATOM   905  C  C   . ILE B 1 46 ? -6.001  -10.252 8.452   1.00 10.46 ? 56  ILE B C   1 
ATOM   906  O  O   . ILE B 1 46 ? -5.665  -11.106 9.270   1.00 10.07 ? 56  ILE B O   1 
ATOM   907  C  CB  . ILE B 1 46 ? -3.971  -10.202 6.988   1.00 9.77  ? 56  ILE B CB  1 
ATOM   908  C  CG1 . ILE B 1 46 ? -2.804  -9.352  6.441   1.00 13.18 ? 56  ILE B CG1 1 
ATOM   909  C  CG2 . ILE B 1 46 ? -4.740  -10.902 5.902   1.00 10.15 ? 56  ILE B CG2 1 
ATOM   910  C  CD1 . ILE B 1 46 ? -1.635  -10.197 5.822   1.00 10.20 ? 56  ILE B CD1 1 
ATOM   911  N  N   . PRO B 1 47 ? -7.279  -10.035 8.115   1.00 9.39  ? 57  PRO B N   1 
ATOM   912  C  CA  . PRO B 1 47 ? -8.369  -10.668 8.889   1.00 9.84  ? 57  PRO B CA  1 
ATOM   913  C  C   . PRO B 1 47 ? -8.690  -12.059 8.334   1.00 8.99  ? 57  PRO B C   1 
ATOM   914  O  O   . PRO B 1 47 ? -9.773  -12.293 7.792   1.00 10.60 ? 57  PRO B O   1 
ATOM   915  C  CB  . PRO B 1 47 ? -9.561  -9.717  8.691   1.00 8.82  ? 57  PRO B CB  1 
ATOM   916  C  CG  . PRO B 1 47 ? -9.344  -9.112  7.329   1.00 8.18  ? 57  PRO B CG  1 
ATOM   917  C  CD  . PRO B 1 47 ? -7.786  -8.998  7.204   1.00 11.02 ? 57  PRO B CD  1 
ATOM   918  N  N   . PHE B 1 48 ? -7.681  -12.941 8.328   1.00 10.28 ? 58  PHE B N   1 
ATOM   919  C  CA  . PHE B 1 48 ? -7.850  -14.187 7.576   1.00 9.17  ? 58  PHE B CA  1 
ATOM   920  C  C   . PHE B 1 48 ? -8.964  -15.082 8.106   1.00 8.67  ? 58  PHE B C   1 
ATOM   921  O  O   . PHE B 1 48 ? -9.629  -15.755 7.321   1.00 11.47 ? 58  PHE B O   1 
ATOM   922  C  CB  . PHE B 1 48 ? -6.546  -14.963 7.457   1.00 8.67  ? 58  PHE B CB  1 
ATOM   923  C  CG  . PHE B 1 48 ? -6.017  -15.445 8.748   1.00 9.33  ? 58  PHE B CG  1 
ATOM   924  C  CD1 . PHE B 1 48 ? -6.337  -16.695 9.211   1.00 10.16 ? 58  PHE B CD1 1 
ATOM   925  C  CD2 . PHE B 1 48 ? -5.077  -14.684 9.456   1.00 10.77 ? 58  PHE B CD2 1 
ATOM   926  C  CE1 . PHE B 1 48 ? -5.853  -17.155 10.445  1.00 10.03 ? 58  PHE B CE1 1 
ATOM   927  C  CE2 . PHE B 1 48 ? -4.541  -15.144 10.705  1.00 12.96 ? 58  PHE B CE2 1 
ATOM   928  C  CZ  . PHE B 1 48 ? -4.892  -16.415 11.166  1.00 11.22 ? 58  PHE B CZ  1 
ATOM   929  N  N   . LYS B 1 49 ? -9.212  -15.048 9.412   1.00 8.02  ? 59  LYS B N   1 
ATOM   930  C  CA  . LYS B 1 49 ? -10.310 -15.876 9.968   1.00 11.76 ? 59  LYS B CA  1 
ATOM   931  C  C   . LYS B 1 49 ? -11.671 -15.346 9.468   1.00 12.48 ? 59  LYS B C   1 
ATOM   932  O  O   . LYS B 1 49 ? -12.563 -16.126 9.034   1.00 12.79 ? 59  LYS B O   1 
ATOM   933  C  CB  . LYS B 1 49 ? -10.277 -15.848 11.492  1.00 11.35 ? 59  LYS B CB  1 
ATOM   934  C  CG  . LYS B 1 49 ? -9.038  -16.486 12.155  1.00 14.06 ? 59  LYS B CG  1 
ATOM   935  C  CD  . LYS B 1 49 ? -9.090  -18.013 12.134  1.00 18.37 ? 59  LYS B CD  1 
ATOM   936  C  CE  . LYS B 1 49 ? -8.123  -18.657 13.149  1.00 19.50 ? 59  LYS B CE  1 
ATOM   937  N  NZ  . LYS B 1 49 ? -8.015  -20.127 12.901  1.00 19.60 ? 59  LYS B NZ  1 
ATOM   938  N  N   . GLN B 1 50 ? -11.845 -14.023 9.532   1.00 11.78 ? 60  GLN B N   1 
ATOM   939  C  CA  . GLN B 1 50 ? -13.063 -13.393 8.983   1.00 11.22 ? 60  GLN B CA  1 
ATOM   940  C  C   . GLN B 1 50 ? -13.345 -13.759 7.578   1.00 13.35 ? 60  GLN B C   1 
ATOM   941  O  O   . GLN B 1 50 ? -14.513 -13.939 7.190   1.00 11.12 ? 60  GLN B O   1 
ATOM   942  C  CB  . GLN B 1 50 ? -13.002 -11.862 9.123   1.00 14.24 ? 60  GLN B CB  1 
ATOM   943  C  CG  . GLN B 1 50 ? -13.082 -11.478 10.554  1.00 11.00 ? 60  GLN B CG  1 
ATOM   944  C  CD  . GLN B 1 50 ? -13.262 -10.005 10.739  1.00 16.65 ? 60  GLN B CD  1 
ATOM   945  O  OE1 . GLN B 1 50 ? -13.294 -9.509  11.861  1.00 23.88 ? 60  GLN B OE1 1 
ATOM   946  N  NE2 . GLN B 1 50 ? -13.387 -9.300  9.661   1.00 8.31  ? 60  GLN B NE2 1 
ATOM   947  N  N   . LEU B 1 51 ? -12.287 -13.893 6.789   1.00 12.32 ? 61  LEU B N   1 
ATOM   948  C  CA  . LEU B 1 51 ? -12.436 -14.109 5.352   1.00 13.74 ? 61  LEU B CA  1 
ATOM   949  C  C   . LEU B 1 51 ? -12.685 -15.590 5.054   1.00 15.43 ? 61  LEU B C   1 
ATOM   950  O  O   . LEU B 1 51 ? -12.902 -15.974 3.906   1.00 16.03 ? 61  LEU B O   1 
ATOM   951  C  CB  . LEU B 1 51 ? -11.216 -13.593 4.602   1.00 14.07 ? 61  LEU B CB  1 
ATOM   952  C  CG  . LEU B 1 51 ? -11.073 -12.059 4.623   1.00 12.60 ? 61  LEU B CG  1 
ATOM   953  C  CD1 . LEU B 1 51 ? -9.682  -11.627 4.158   1.00 15.37 ? 61  LEU B CD1 1 
ATOM   954  C  CD2 . LEU B 1 51 ? -12.207 -11.409 3.744   1.00 13.80 ? 61  LEU B CD2 1 
ATOM   955  N  N   . GLY B 1 52 ? -12.689 -16.390 6.113   1.00 12.99 ? 62  GLY B N   1 
ATOM   956  C  CA  . GLY B 1 52 ? -13.127 -17.766 6.051   1.00 14.66 ? 62  GLY B CA  1 
ATOM   957  C  C   . GLY B 1 52 ? -11.999 -18.794 5.972   1.00 14.52 ? 62  GLY B C   1 
ATOM   958  O  O   . GLY B 1 52 ? -12.242 -19.949 5.562   1.00 15.77 ? 62  GLY B O   1 
ATOM   959  N  N   . PHE B 1 53 ? -10.790 -18.411 6.390   1.00 12.77 ? 63  PHE B N   1 
ATOM   960  C  CA  . PHE B 1 53 ? -9.596  -19.325 6.348   1.00 11.74 ? 63  PHE B CA  1 
ATOM   961  C  C   . PHE B 1 53 ? -9.038  -19.664 7.710   1.00 12.25 ? 63  PHE B C   1 
ATOM   962  O  O   . PHE B 1 53 ? -9.024  -18.824 8.605   1.00 12.94 ? 63  PHE B O   1 
ATOM   963  C  CB  . PHE B 1 53 ? -8.495  -18.703 5.469   1.00 12.76 ? 63  PHE B CB  1 
ATOM   964  C  CG  . PHE B 1 53 ? -8.943  -18.476 4.076   1.00 12.09 ? 63  PHE B CG  1 
ATOM   965  C  CD1 . PHE B 1 53 ? -8.939  -19.526 3.152   1.00 12.06 ? 63  PHE B CD1 1 
ATOM   966  C  CD2 . PHE B 1 53 ? -9.552  -17.283 3.724   1.00 9.66  ? 63  PHE B CD2 1 
ATOM   967  C  CE1 . PHE B 1 53 ? -9.431  -19.332 1.880   1.00 14.21 ? 63  PHE B CE1 1 
ATOM   968  C  CE2 . PHE B 1 53 ? -10.026 -17.081 2.450   1.00 11.71 ? 63  PHE B CE2 1 
ATOM   969  C  CZ  . PHE B 1 53 ? -9.964  -18.113 1.516   1.00 14.80 ? 63  PHE B CZ  1 
ATOM   970  N  N   . PRO B 1 54 ? -8.536  -20.906 7.877   1.00 12.71 ? 64  PRO B N   1 
ATOM   971  C  CA  . PRO B 1 54 ? -8.063  -21.356 9.181   1.00 12.30 ? 64  PRO B CA  1 
ATOM   972  C  C   . PRO B 1 54 ? -6.698  -20.788 9.526   1.00 10.75 ? 64  PRO B C   1 
ATOM   973  O  O   . PRO B 1 54 ? -6.339  -20.712 10.700  1.00 12.05 ? 64  PRO B O   1 
ATOM   974  C  CB  . PRO B 1 54 ? -7.958  -22.885 9.013   1.00 13.28 ? 64  PRO B CB  1 
ATOM   975  C  CG  . PRO B 1 54 ? -7.816  -23.125 7.540   1.00 12.28 ? 64  PRO B CG  1 
ATOM   976  C  CD  . PRO B 1 54 ? -8.614  -22.002 6.887   1.00 12.48 ? 64  PRO B CD  1 
ATOM   977  N  N   . THR B 1 55 ? -5.923  -20.445 8.506   1.00 10.74 ? 65  THR B N   1 
ATOM   978  C  CA  . THR B 1 55 ? -4.548  -19.948 8.712   1.00 10.68 ? 65  THR B CA  1 
ATOM   979  C  C   . THR B 1 55 ? -4.317  -18.803 7.736   1.00 10.40 ? 65  THR B C   1 
ATOM   980  O  O   . THR B 1 55 ? -5.024  -18.681 6.731   1.00 11.18 ? 65  THR B O   1 
ATOM   981  C  CB  . THR B 1 55 ? -3.478  -21.044 8.419   1.00 9.22  ? 65  THR B CB  1 
ATOM   982  O  OG1 . THR B 1 55 ? -3.599  -21.454 7.046   1.00 11.35 ? 65  THR B OG1 1 
ATOM   983  C  CG2 . THR B 1 55 ? -3.716  -22.284 9.342   1.00 10.94 ? 65  THR B CG2 1 
ATOM   984  N  N   . LEU B 1 56 ? -3.294  -18.007 8.004   1.00 7.79  ? 66  LEU B N   1 
ATOM   985  C  CA  . LEU B 1 56 ? -2.901  -16.955 7.076   1.00 8.20  ? 66  LEU B CA  1 
ATOM   986  C  C   . LEU B 1 56 ? -2.428  -17.567 5.760   1.00 8.52  ? 66  LEU B C   1 
ATOM   987  O  O   . LEU B 1 56 ? -2.801  -17.124 4.700   1.00 8.07  ? 66  LEU B O   1 
ATOM   988  C  CB  . LEU B 1 56 ? -1.793  -16.092 7.710   1.00 9.74  ? 66  LEU B CB  1 
ATOM   989  C  CG  . LEU B 1 56 ? -1.284  -14.911 6.856   1.00 10.47 ? 66  LEU B CG  1 
ATOM   990  C  CD1 . LEU B 1 56 ? -2.446  -14.027 6.397   1.00 13.51 ? 66  LEU B CD1 1 
ATOM   991  C  CD2 . LEU B 1 56 ? -0.264  -14.094 7.650   1.00 13.02 ? 66  LEU B CD2 1 
ATOM   992  N  N   . GLU B 1 57 ? -1.676  -18.649 5.846   1.00 8.60  ? 67  GLU B N   1 
ATOM   993  C  CA  . GLU B 1 57 ? -1.238  -19.333 4.620   1.00 8.67  ? 67  GLU B CA  1 
ATOM   994  C  C   . GLU B 1 57 ? -2.407  -19.765 3.724   1.00 6.63  ? 67  GLU B C   1 
ATOM   995  O  O   . GLU B 1 57 ? -2.330  -19.600 2.485   1.00 8.55  ? 67  GLU B O   1 
ATOM   996  C  CB  . GLU B 1 57 ? -0.394  -20.561 4.990   1.00 8.10  ? 67  GLU B CB  1 
ATOM   997  C  CG  . GLU B 1 57 ? -0.075  -21.432 3.773   1.00 8.35  ? 67  GLU B CG  1 
ATOM   998  C  CD  . GLU B 1 57 ? 0.857   -22.607 4.137   1.00 10.60 ? 67  GLU B CD  1 
ATOM   999  O  OE1 . GLU B 1 57 ? 1.327   -22.680 5.317   1.00 10.70 ? 67  GLU B OE1 1 
ATOM   1000 O  OE2 . GLU B 1 57 ? 1.148   -23.420 3.238   1.00 11.65 ? 67  GLU B OE2 1 
ATOM   1001 N  N   . ALA B 1 58 ? -3.484  -20.308 4.310   1.00 8.05  ? 68  ALA B N   1 
ATOM   1002 C  CA  . ALA B 1 58 ? -4.644  -20.710 3.516   1.00 8.25  ? 68  ALA B CA  1 
ATOM   1003 C  C   . ALA B 1 58 ? -5.317  -19.529 2.825   1.00 10.34 ? 68  ALA B C   1 
ATOM   1004 O  O   . ALA B 1 58 ? -5.712  -19.613 1.651   1.00 8.29  ? 68  ALA B O   1 
ATOM   1005 C  CB  . ALA B 1 58 ? -5.661  -21.486 4.364   1.00 8.74  ? 68  ALA B CB  1 
ATOM   1006 N  N   . TYR B 1 59 ? -5.393  -18.396 3.515   1.00 8.63  ? 69  TYR B N   1 
ATOM   1007 C  CA  . TYR B 1 59 ? -5.907  -17.182 2.841   1.00 7.70  ? 69  TYR B CA  1 
ATOM   1008 C  C   . TYR B 1 59 ? -5.003  -16.780 1.675   1.00 8.45  ? 69  TYR B C   1 
ATOM   1009 O  O   . TYR B 1 59 ? -5.469  -16.493 0.559   1.00 7.98  ? 69  TYR B O   1 
ATOM   1010 C  CB  . TYR B 1 59 ? -6.038  -16.026 3.855   1.00 7.94  ? 69  TYR B CB  1 
ATOM   1011 C  CG  . TYR B 1 59 ? -6.215  -14.711 3.152   1.00 8.49  ? 69  TYR B CG  1 
ATOM   1012 C  CD1 . TYR B 1 59 ? -7.347  -14.475 2.377   1.00 10.91 ? 69  TYR B CD1 1 
ATOM   1013 C  CD2 . TYR B 1 59 ? -5.200  -13.757 3.155   1.00 12.94 ? 69  TYR B CD2 1 
ATOM   1014 C  CE1 . TYR B 1 59 ? -7.457  -13.292 1.619   1.00 8.71  ? 69  TYR B CE1 1 
ATOM   1015 C  CE2 . TYR B 1 59 ? -5.314  -12.576 2.404   1.00 12.30 ? 69  TYR B CE2 1 
ATOM   1016 C  CZ  . TYR B 1 59 ? -6.444  -12.370 1.656   1.00 12.89 ? 69  TYR B CZ  1 
ATOM   1017 O  OH  . TYR B 1 59 ? -6.568  -11.265 0.884   1.00 14.00 ? 69  TYR B OH  1 
ATOM   1018 N  N   . LEU B 1 60 ? -3.696  -16.790 1.911   1.00 6.96  ? 70  LEU B N   1 
ATOM   1019 C  CA  . LEU B 1 60 ? -2.786  -16.351 0.854   1.00 7.87  ? 70  LEU B CA  1 
ATOM   1020 C  C   . LEU B 1 60 ? -2.881  -17.252 -0.371  1.00 8.29  ? 70  LEU B C   1 
ATOM   1021 O  O   . LEU B 1 60 ? -2.801  -16.758 -1.516  1.00 10.16 ? 70  LEU B O   1 
ATOM   1022 C  CB  . LEU B 1 60 ? -1.333  -16.255 1.353   1.00 8.22  ? 70  LEU B CB  1 
ATOM   1023 C  CG  . LEU B 1 60 ? -1.161  -15.229 2.499   1.00 7.92  ? 70  LEU B CG  1 
ATOM   1024 C  CD1 . LEU B 1 60 ? 0.227   -15.365 3.105   1.00 9.08  ? 70  LEU B CD1 1 
ATOM   1025 C  CD2 . LEU B 1 60 ? -1.323  -13.775 1.915   1.00 9.19  ? 70  LEU B CD2 1 
ATOM   1026 N  N   . ARG B 1 61 ? -2.992  -18.574 -0.147  1.00 9.66  ? 71  ARG B N   1 
ATOM   1027 C  CA  . ARG B 1 61 ? -3.188  -19.527 -1.272  1.00 8.99  ? 71  ARG B CA  1 
ATOM   1028 C  C   . ARG B 1 61 ? -4.414  -19.157 -2.120  1.00 10.45 ? 71  ARG B C   1 
ATOM   1029 O  O   . ARG B 1 61 ? -4.479  -19.461 -3.337  1.00 11.03 ? 71  ARG B O   1 
ATOM   1030 C  CB  . ARG B 1 61 ? -3.342  -20.969 -0.749  1.00 10.11 ? 71  ARG B CB  1 
ATOM   1031 C  CG  . ARG B 1 61 ? -1.978  -21.534 -0.268  1.00 11.44 ? 71  ARG B CG  1 
ATOM   1032 C  CD  . ARG B 1 61 ? -1.118  -22.038 -1.473  1.00 9.09  ? 71  ARG B CD  1 
ATOM   1033 N  NE  . ARG B 1 61 ? -1.622  -23.326 -1.934  1.00 8.99  ? 71  ARG B NE  1 
ATOM   1034 C  CZ  . ARG B 1 61 ? -2.081  -23.578 -3.166  1.00 15.29 ? 71  ARG B CZ  1 
ATOM   1035 N  NH1 . ARG B 1 61 ? -2.144  -22.614 -4.081  1.00 11.87 ? 71  ARG B NH1 1 
ATOM   1036 N  NH2 . ARG B 1 61 ? -2.481  -24.812 -3.490  1.00 9.84  ? 71  ARG B NH2 1 
ATOM   1037 N  N   . SER B 1 62 ? -5.399  -18.542 -1.467  1.00 10.30 ? 72  SER B N   1 
ATOM   1038 C  CA  . SER B 1 62 ? -6.702  -18.248 -2.128  1.00 11.41 ? 72  SER B CA  1 
ATOM   1039 C  C   . SER B 1 62 ? -6.655  -16.989 -3.012  1.00 11.21 ? 72  SER B C   1 
ATOM   1040 O  O   . SER B 1 62 ? -7.595  -16.728 -3.797  1.00 10.76 ? 72  SER B O   1 
ATOM   1041 C  CB  . SER B 1 62 ? -7.811  -18.122 -1.097  1.00 10.20 ? 72  SER B CB  1 
ATOM   1042 O  OG  . SER B 1 62 ? -7.913  -16.757 -0.651  1.00 11.41 ? 72  SER B OG  1 
ATOM   1043 N  N   . VAL B 1 63 ? -5.538  -16.254 -2.952  1.00 9.99  ? 73  VAL B N   1 
ATOM   1044 C  CA  . VAL B 1 63 ? -5.373  -15.042 -3.762  1.00 10.44 ? 73  VAL B CA  1 
ATOM   1045 C  C   . VAL B 1 63 ? -4.091  -15.078 -4.624  1.00 9.29  ? 73  VAL B C   1 
ATOM   1046 O  O   . VAL B 1 63 ? -3.235  -14.171 -4.543  1.00 9.07  ? 73  VAL B O   1 
ATOM   1047 C  CB  . VAL B 1 63 ? -5.482  -13.735 -2.906  1.00 10.00 ? 73  VAL B CB  1 
ATOM   1048 C  CG1 . VAL B 1 63 ? -6.955  -13.562 -2.419  1.00 10.57 ? 73  VAL B CG1 1 
ATOM   1049 C  CG2 . VAL B 1 63 ? -4.506  -13.753 -1.714  1.00 10.17 ? 73  VAL B CG2 1 
ATOM   1050 N  N   . PRO B 1 64 ? -4.010  -16.073 -5.540  1.00 10.44 ? 74  PRO B N   1 
ATOM   1051 C  CA  . PRO B 1 64 ? -2.773  -16.342 -6.302  1.00 10.66 ? 74  PRO B CA  1 
ATOM   1052 C  C   . PRO B 1 64 ? -2.415  -15.237 -7.292  1.00 11.14 ? 74  PRO B C   1 
ATOM   1053 O  O   . PRO B 1 64 ? -1.249  -15.100 -7.656  1.00 11.33 ? 74  PRO B O   1 
ATOM   1054 C  CB  . PRO B 1 64 ? -3.094  -17.657 -7.057  1.00 10.61 ? 74  PRO B CB  1 
ATOM   1055 C  CG  . PRO B 1 64 ? -4.579  -17.656 -7.184  1.00 11.05 ? 74  PRO B CG  1 
ATOM   1056 C  CD  . PRO B 1 64 ? -5.101  -16.993 -5.900  1.00 10.51 ? 74  PRO B CD  1 
ATOM   1057 N  N   . ALA B 1 65 ? -3.406  -14.449 -7.720  1.00 12.42 ? 75  ALA B N   1 
ATOM   1058 C  CA  . ALA B 1 65 ? -3.102  -13.313 -8.620  1.00 13.34 ? 75  ALA B CA  1 
ATOM   1059 C  C   . ALA B 1 65 ? -2.630  -12.067 -7.876  1.00 13.59 ? 75  ALA B C   1 
ATOM   1060 O  O   . ALA B 1 65 ? -2.111  -11.114 -8.495  1.00 15.00 ? 75  ALA B O   1 
ATOM   1061 C  CB  . ALA B 1 65 ? -4.302  -12.993 -9.545  1.00 13.89 ? 75  ALA B CB  1 
ATOM   1062 N  N   . VAL B 1 66 ? -2.641  -12.135 -6.547  1.00 10.18 ? 76  VAL B N   1 
ATOM   1063 C  CA  . VAL B 1 66 ? -2.050  -11.091 -5.701  1.00 11.91 ? 76  VAL B CA  1 
ATOM   1064 C  C   . VAL B 1 66 ? -0.673  -11.499 -5.179  1.00 11.42 ? 76  VAL B C   1 
ATOM   1065 O  O   . VAL B 1 66 ? 0.283   -10.687 -5.181  1.00 11.20 ? 76  VAL B O   1 
ATOM   1066 C  CB  . VAL B 1 66 ? -2.987  -10.752 -4.537  1.00 12.04 ? 76  VAL B CB  1 
ATOM   1067 C  CG1 . VAL B 1 66 ? -2.383  -9.656  -3.571  1.00 15.89 ? 76  VAL B CG1 1 
ATOM   1068 C  CG2 . VAL B 1 66 ? -4.347  -10.276 -5.094  1.00 15.73 ? 76  VAL B CG2 1 
ATOM   1069 N  N   . VAL B 1 67 ? -0.590  -12.726 -4.664  1.00 9.42  ? 77  VAL B N   1 
ATOM   1070 C  CA  . VAL B 1 67 ? 0.613   -13.174 -3.954  1.00 9.53  ? 77  VAL B CA  1 
ATOM   1071 C  C   . VAL B 1 67 ? 1.159   -14.468 -4.547  1.00 8.41  ? 77  VAL B C   1 
ATOM   1072 O  O   . VAL B 1 67 ? 0.383   -15.408 -4.782  1.00 8.81  ? 77  VAL B O   1 
ATOM   1073 C  CB  . VAL B 1 67 ? 0.373   -13.340 -2.419  1.00 10.87 ? 77  VAL B CB  1 
ATOM   1074 C  CG1 . VAL B 1 67 ? -0.774  -14.213 -2.119  1.00 16.29 ? 77  VAL B CG1 1 
ATOM   1075 C  CG2 . VAL B 1 67 ? 1.623   -13.809 -1.686  1.00 11.92 ? 77  VAL B CG2 1 
ATOM   1076 N  N   . ARG B 1 68 ? 2.472   -14.489 -4.804  0.50 2.00  ? 78  ARG B N   1 
ATOM   1077 C  CA  . ARG B 1 68 ? 3.180   -15.729 -5.135  0.50 2.31  ? 78  ARG B CA  1 
ATOM   1078 C  C   . ARG B 1 68 ? 3.842   -16.265 -3.895  0.50 2.00  ? 78  ARG B C   1 
ATOM   1079 O  O   . ARG B 1 68 ? 4.516   -15.544 -3.184  0.50 2.00  ? 78  ARG B O   1 
ATOM   1080 C  CB  . ARG B 1 68 ? 4.236   -15.501 -6.216  0.50 2.94  ? 78  ARG B CB  1 
ATOM   1081 C  CG  . ARG B 1 68 ? 4.800   -16.808 -6.768  0.50 5.34  ? 78  ARG B CG  1 
ATOM   1082 C  CD  . ARG B 1 68 ? 5.613   -16.553 -8.008  0.50 7.89  ? 78  ARG B CD  1 
ATOM   1083 N  NE  . ARG B 1 68 ? 6.963   -16.146 -7.667  0.50 12.12 ? 78  ARG B NE  1 
ATOM   1084 C  CZ  . ARG B 1 68 ? 7.388   -14.888 -7.702  0.50 15.44 ? 78  ARG B CZ  1 
ATOM   1085 N  NH1 . ARG B 1 68 ? 8.636   -14.591 -7.365  0.50 15.60 ? 78  ARG B NH1 1 
ATOM   1086 N  NH2 . ARG B 1 68 ? 6.568   -13.931 -8.077  0.50 18.68 ? 78  ARG B NH2 1 
ATOM   1087 N  N   . ILE B 1 69 ? 3.550   -17.522 -3.602  1.00 6.99  ? 79  ILE B N   1 
ATOM   1088 C  CA  . ILE B 1 69 ? 4.183   -18.248 -2.468  1.00 7.67  ? 79  ILE B CA  1 
ATOM   1089 C  C   . ILE B 1 69 ? 5.369   -19.081 -2.997  1.00 9.83  ? 79  ILE B C   1 
ATOM   1090 O  O   . ILE B 1 69 ? 5.250   -19.775 -4.020  1.00 9.73  ? 79  ILE B O   1 
ATOM   1091 C  CB  . ILE B 1 69 ? 3.138   -19.159 -1.756  1.00 9.28  ? 79  ILE B CB  1 
ATOM   1092 C  CG1 . ILE B 1 69 ? 2.189   -18.300 -0.871  1.00 9.62  ? 79  ILE B CG1 1 
ATOM   1093 C  CG2 . ILE B 1 69 ? 3.791   -20.271 -0.935  1.00 11.05 ? 79  ILE B CG2 1 
ATOM   1094 C  CD1 . ILE B 1 69 ? 0.925   -19.041 -0.396  1.00 13.34 ? 79  ILE B CD1 1 
ATOM   1095 N  N   . GLU B 1 70 ? 6.485   -19.015 -2.271  1.00 7.90  ? 80  GLU B N   1 
ATOM   1096 C  CA  . GLU B 1 70 ? 7.663   -19.909 -2.501  1.00 10.80 ? 80  GLU B CA  1 
ATOM   1097 C  C   . GLU B 1 70 ? 8.171   -20.394 -1.142  1.00 9.85  ? 80  GLU B C   1 
ATOM   1098 O  O   . GLU B 1 70 ? 8.347   -19.592 -0.208  1.00 12.10 ? 80  GLU B O   1 
ATOM   1099 C  CB  . GLU B 1 70 ? 8.793   -19.167 -3.246  1.00 10.48 ? 80  GLU B CB  1 
ATOM   1100 C  CG  . GLU B 1 70 ? 8.353   -18.662 -4.632  1.00 17.00 ? 80  GLU B CG  1 
ATOM   1101 C  CD  . GLU B 1 70 ? 9.443   -17.954 -5.430  1.00 29.11 ? 80  GLU B CD  1 
ATOM   1102 O  OE1 . GLU B 1 70 ? 10.636  -18.067 -5.047  1.00 26.69 ? 80  GLU B OE1 1 
ATOM   1103 O  OE2 . GLU B 1 70 ? 9.087   -17.297 -6.471  1.00 30.74 ? 80  GLU B OE2 1 
ATOM   1104 N  N   . THR B 1 71 ? 8.403   -21.701 -1.018  1.00 10.01 ? 81  THR B N   1 
ATOM   1105 C  CA  . THR B 1 71 ? 8.892   -22.234 0.278   1.00 8.65  ? 81  THR B CA  1 
ATOM   1106 C  C   . THR B 1 71 ? 10.409  -22.258 0.263   1.00 11.29 ? 81  THR B C   1 
ATOM   1107 O  O   . THR B 1 71 ? 11.005  -22.326 -0.791  1.00 11.11 ? 81  THR B O   1 
ATOM   1108 C  CB  . THR B 1 71 ? 8.371   -23.667 0.569   1.00 8.69  ? 81  THR B CB  1 
ATOM   1109 O  OG1 . THR B 1 71 ? 8.776   -24.565 -0.487  1.00 8.28  ? 81  THR B OG1 1 
ATOM   1110 C  CG2 . THR B 1 71 ? 6.867   -23.688 0.714   1.00 11.81 ? 81  THR B CG2 1 
ATOM   1111 N  N   . SER B 1 72 ? 11.030  -22.223 1.445   1.00 13.93 ? 82  SER B N   1 
ATOM   1112 C  CA  . SER B 1 72 ? 12.483  -22.333 1.536   1.00 13.64 ? 82  SER B CA  1 
ATOM   1113 C  C   . SER B 1 72 ? 12.855  -23.705 2.128   1.00 11.92 ? 82  SER B C   1 
ATOM   1114 O  O   . SER B 1 72 ? 11.976  -24.503 2.493   1.00 11.69 ? 82  SER B O   1 
ATOM   1115 C  CB  . SER B 1 72 ? 13.052  -21.206 2.400   1.00 14.57 ? 82  SER B CB  1 
ATOM   1116 O  OG  . SER B 1 72 ? 12.514  -21.276 3.710   1.00 19.02 ? 82  SER B OG  1 
ATOM   1117 N  N   A ARG B 1 73 ? 14.145  -23.980 2.223   0.70 11.64 ? 83  ARG B N   1 
ATOM   1118 N  N   B ARG B 1 73 ? 14.152  -23.937 2.288   0.30 12.30 ? 83  ARG B N   1 
ATOM   1119 C  CA  A ARG B 1 73 ? 14.574  -25.293 2.696   0.70 12.61 ? 83  ARG B CA  1 
ATOM   1120 C  CA  B ARG B 1 73 ? 14.642  -25.211 2.799   0.30 13.02 ? 83  ARG B CA  1 
ATOM   1121 C  C   A ARG B 1 73 ? 14.099  -25.555 4.125   0.70 12.82 ? 83  ARG B C   1 
ATOM   1122 C  C   B ARG B 1 73 ? 14.123  -25.548 4.195   0.30 13.31 ? 83  ARG B C   1 
ATOM   1123 O  O   A ARG B 1 73 ? 14.006  -26.709 4.568   0.70 13.37 ? 83  ARG B O   1 
ATOM   1124 O  O   B ARG B 1 73 ? 14.009  -26.726 4.552   0.30 13.44 ? 83  ARG B O   1 
ATOM   1125 C  CB  A ARG B 1 73 ? 16.103  -25.436 2.613   0.70 14.63 ? 83  ARG B CB  1 
ATOM   1126 C  CB  B ARG B 1 73 ? 16.172  -25.232 2.806   0.30 13.69 ? 83  ARG B CB  1 
ATOM   1127 C  CG  A ARG B 1 73 ? 16.583  -26.816 3.094   0.70 15.10 ? 83  ARG B CG  1 
ATOM   1128 C  CG  B ARG B 1 73 ? 16.736  -26.539 3.334   0.30 14.10 ? 83  ARG B CG  1 
ATOM   1129 C  CD  A ARG B 1 73 ? 18.086  -27.047 2.909   0.70 22.72 ? 83  ARG B CD  1 
ATOM   1130 C  CD  B ARG B 1 73 ? 18.250  -26.574 3.270   0.30 17.63 ? 83  ARG B CD  1 
ATOM   1131 N  NE  A ARG B 1 73 ? 18.490  -26.990 1.515   0.70 20.87 ? 83  ARG B NE  1 
ATOM   1132 N  NE  B ARG B 1 73 ? 18.783  -25.883 2.103   0.30 18.41 ? 83  ARG B NE  1 
ATOM   1133 C  CZ  A ARG B 1 73 ? 18.390  -27.994 0.635   0.70 27.03 ? 83  ARG B CZ  1 
ATOM   1134 C  CZ  B ARG B 1 73 ? 20.070  -25.881 1.772   0.30 19.89 ? 83  ARG B CZ  1 
ATOM   1135 N  NH1 A ARG B 1 73 ? 17.883  -29.191 0.977   0.70 22.84 ? 83  ARG B NH1 1 
ATOM   1136 N  NH1 B ARG B 1 73 ? 20.939  -26.575 2.494   0.30 22.23 ? 83  ARG B NH1 1 
ATOM   1137 N  NH2 A ARG B 1 73 ? 18.808  -27.792 -0.617  0.70 27.76 ? 83  ARG B NH2 1 
ATOM   1138 N  NH2 B ARG B 1 73 ? 20.489  -25.193 0.726   0.30 20.44 ? 83  ARG B NH2 1 
ATOM   1139 N  N   A SER B 1 74 ? 13.886  -24.491 4.887   0.50 12.88 ? 84  SER B N   1 
ATOM   1140 N  N   B SER B 1 74 ? 13.894  -24.527 5.017   0.50 13.62 ? 84  SER B N   1 
ATOM   1141 C  CA  A SER B 1 74 ? 13.471  -24.628 6.293   0.50 13.07 ? 84  SER B CA  1 
ATOM   1142 C  CA  B SER B 1 74 ? 13.443  -24.756 6.388   0.50 13.97 ? 84  SER B CA  1 
ATOM   1143 C  C   A SER B 1 74 ? 11.993  -24.952 6.412   0.50 13.34 ? 84  SER B C   1 
ATOM   1144 C  C   B SER B 1 74 ? 11.933  -24.719 6.498   0.50 13.80 ? 84  SER B C   1 
ATOM   1145 O  O   A SER B 1 74 ? 11.529  -25.440 7.453   0.50 13.26 ? 84  SER B O   1 
ATOM   1146 O  O   B SER B 1 74 ? 11.381  -24.778 7.617   0.50 13.45 ? 84  SER B O   1 
ATOM   1147 C  CB  A SER B 1 74 ? 13.769  -23.341 7.068   0.50 12.53 ? 84  SER B CB  1 
ATOM   1148 C  CB  B SER B 1 74 ? 14.077  -23.741 7.348   0.50 14.19 ? 84  SER B CB  1 
ATOM   1149 O  OG  A SER B 1 74 ? 12.846  -22.317 6.719   0.50 15.28 ? 84  SER B OG  1 
ATOM   1150 O  OG  B SER B 1 74 ? 15.493  -23.884 7.357   0.50 19.13 ? 84  SER B OG  1 
ATOM   1151 N  N   . GLY B 1 75 ? 11.254  -24.666 5.352   1.00 13.13 ? 85  GLY B N   1 
ATOM   1152 C  CA  . GLY B 1 75 ? 9.800   -24.802 5.355   1.00 12.13 ? 85  GLY B CA  1 
ATOM   1153 C  C   . GLY B 1 75 ? 9.090   -23.464 5.571   1.00 14.83 ? 85  GLY B C   1 
ATOM   1154 O  O   . GLY B 1 75 ? 7.878   -23.408 5.692   1.00 15.62 ? 85  GLY B O   1 
ATOM   1155 N  N   . GLU B 1 76 ? 9.838   -22.376 5.586   1.00 13.29 ? 86  GLU B N   1 
ATOM   1156 C  CA  . GLU B 1 76 ? 9.193   -21.041 5.709   1.00 14.10 ? 86  GLU B CA  1 
ATOM   1157 C  C   . GLU B 1 76 ? 8.728   -20.561 4.342   1.00 13.60 ? 86  GLU B C   1 
ATOM   1158 O  O   . GLU B 1 76 ? 9.368   -20.869 3.333   1.00 16.48 ? 86  GLU B O   1 
ATOM   1159 C  CB  . GLU B 1 76 ? 10.204  -20.078 6.315   1.00 15.29 ? 86  GLU B CB  1 
ATOM   1160 C  CG  . GLU B 1 76 ? 9.800   -18.648 6.434   1.00 24.75 ? 86  GLU B CG  1 
ATOM   1161 C  CD  . GLU B 1 76 ? 10.905  -17.848 7.115   1.00 24.73 ? 86  GLU B CD  1 
ATOM   1162 O  OE1 . GLU B 1 76 ? 11.747  -17.262 6.399   1.00 33.23 ? 86  GLU B OE1 1 
ATOM   1163 O  OE2 . GLU B 1 76 ? 11.046  -17.995 8.341   1.00 22.54 ? 86  GLU B OE2 1 
ATOM   1164 N  N   . ILE B 1 77 ? 7.586   -19.859 4.298   1.00 9.62  ? 87  ILE B N   1 
ATOM   1165 C  CA  . ILE B 1 77 ? 7.122   -19.251 3.063   1.00 9.08  ? 87  ILE B CA  1 
ATOM   1166 C  C   . ILE B 1 77 ? 7.681   -17.819 2.878   1.00 10.70 ? 87  ILE B C   1 
ATOM   1167 O  O   . ILE B 1 77 ? 7.816   -17.067 3.853   1.00 10.14 ? 87  ILE B O   1 
ATOM   1168 C  CB  . ILE B 1 77 ? 5.600   -19.223 3.042   1.00 9.99  ? 87  ILE B CB  1 
ATOM   1169 C  CG1 . ILE B 1 77 ? 5.057   -20.654 2.864   1.00 8.99  ? 87  ILE B CG1 1 
ATOM   1170 C  CG2 . ILE B 1 77 ? 5.112   -18.256 1.983   1.00 9.32  ? 87  ILE B CG2 1 
ATOM   1171 C  CD1 . ILE B 1 77 ? 3.512   -20.742 2.929   1.00 11.72 ? 87  ILE B CD1 1 
ATOM   1172 N  N   . THR B 1 78 ? 8.040   -17.462 1.636   1.00 10.17 ? 88  THR B N   1 
ATOM   1173 C  CA  . THR B 1 78 ? 8.244   -16.052 1.288   1.00 10.40 ? 88  THR B CA  1 
ATOM   1174 C  C   . THR B 1 78 ? 7.159   -15.663 0.305   1.00 10.56 ? 88  THR B C   1 
ATOM   1175 O  O   . THR B 1 78 ? 6.783   -16.465 -0.544  1.00 8.96  ? 88  THR B O   1 
ATOM   1176 C  CB  . THR B 1 78 ? 9.597   -15.860 0.603   1.00 13.57 ? 88  THR B CB  1 
ATOM   1177 O  OG1 . THR B 1 78 ? 10.635  -16.296 1.481   1.00 14.17 ? 88  THR B OG1 1 
ATOM   1178 C  CG2 . THR B 1 78 ? 9.827   -14.432 0.249   1.00 12.07 ? 88  THR B CG2 1 
ATOM   1179 N  N   . CYS B 1 79 ? 6.603   -14.476 0.499   1.00 9.43  ? 89  CYS B N   1 
ATOM   1180 C  CA  . CYS B 1 79 ? 5.490   -13.978 -0.281  1.00 10.29 ? 89  CYS B CA  1 
ATOM   1181 C  C   . CYS B 1 79 ? 6.014   -12.887 -1.200  1.00 11.78 ? 89  CYS B C   1 
ATOM   1182 O  O   . CYS B 1 79 ? 6.682   -11.934 -0.735  1.00 12.05 ? 89  CYS B O   1 
ATOM   1183 C  CB  . CYS B 1 79 ? 4.448   -13.336 0.646   1.00 10.52 ? 89  CYS B CB  1 
ATOM   1184 S  SG  . CYS B 1 79 ? 3.753   -14.450 1.895   1.00 13.36 ? 89  CYS B SG  1 
ATOM   1185 N  N   . TYR B 1 80 ? 5.673   -13.007 -2.485  1.00 10.56 ? 90  TYR B N   1 
ATOM   1186 C  CA  . TYR B 1 80 ? 6.059   -12.001 -3.498  1.00 12.24 ? 90  TYR B CA  1 
ATOM   1187 C  C   . TYR B 1 80 ? 4.789   -11.434 -4.120  1.00 13.66 ? 90  TYR B C   1 
ATOM   1188 O  O   . TYR B 1 80 ? 3.800   -12.169 -4.344  1.00 15.26 ? 90  TYR B O   1 
ATOM   1189 C  CB  . TYR B 1 80 ? 6.906   -12.653 -4.612  1.00 11.56 ? 90  TYR B CB  1 
ATOM   1190 C  CG  . TYR B 1 80 ? 8.181   -13.290 -4.093  1.00 13.24 ? 90  TYR B CG  1 
ATOM   1191 C  CD1 . TYR B 1 80 ? 9.370   -12.569 -4.047  1.00 16.50 ? 90  TYR B CD1 1 
ATOM   1192 C  CD2 . TYR B 1 80 ? 8.198   -14.629 -3.702  1.00 15.89 ? 90  TYR B CD2 1 
ATOM   1193 C  CE1 . TYR B 1 80 ? 10.538  -13.142 -3.576  1.00 15.11 ? 90  TYR B CE1 1 
ATOM   1194 C  CE2 . TYR B 1 80 ? 9.349   -15.207 -3.206  1.00 14.75 ? 90  TYR B CE2 1 
ATOM   1195 C  CZ  . TYR B 1 80 ? 10.517  -14.452 -3.141  1.00 18.48 ? 90  TYR B CZ  1 
ATOM   1196 O  OH  . TYR B 1 80 ? 11.684  -15.034 -2.685  1.00 21.59 ? 90  TYR B OH  1 
ATOM   1197 N  N   . ALA B 1 81 ? 4.835   -10.162 -4.490  1.00 14.13 ? 91  ALA B N   1 
ATOM   1198 C  CA  . ALA B 1 81 ? 3.780   -9.598  -5.309  1.00 15.64 ? 91  ALA B CA  1 
ATOM   1199 C  C   . ALA B 1 81 ? 3.742   -10.284 -6.700  1.00 17.56 ? 91  ALA B C   1 
ATOM   1200 O  O   . ALA B 1 81 ? 4.747   -10.341 -7.409  1.00 18.47 ? 91  ALA B O   1 
ATOM   1201 C  CB  . ALA B 1 81 ? 3.992   -8.111  -5.461  1.00 15.52 ? 91  ALA B CB  1 
ATOM   1202 N  N   . MET B 1 82 ? 2.593   -10.838 -7.049  1.00 19.96 ? 92  MET B N   1 
ATOM   1203 C  CA  . MET B 1 82 ? 2.425   -11.529 -8.318  1.00 23.39 ? 92  MET B CA  1 
ATOM   1204 C  C   . MET B 1 82 ? 2.307   -10.444 -9.371  1.00 27.54 ? 92  MET B C   1 
ATOM   1205 O  O   . MET B 1 82 ? 1.632   -9.443  -9.136  1.00 27.47 ? 92  MET B O   1 
ATOM   1206 C  CB  . MET B 1 82 ? 1.150   -12.399 -8.262  1.00 22.23 ? 92  MET B CB  1 
ATOM   1207 C  CG  . MET B 1 82 ? 0.903   -13.230 -9.498  1.00 25.88 ? 92  MET B CG  1 
ATOM   1208 S  SD  . MET B 1 82 ? 2.323   -14.305 -9.793  1.00 26.41 ? 92  MET B SD  1 
ATOM   1209 C  CE  . MET B 1 82 ? 2.199   -14.590 -11.530 1.00 33.15 ? 92  MET B CE  1 
ATOM   1210 N  N   . ALA B 1 83 ? 3.065   -10.565 -10.465 1.00 31.44 ? 93  ALA B N   1 
ATOM   1211 C  CA  . ALA B 1 83 ? 3.102   -9.497  -11.466 1.00 36.26 ? 93  ALA B CA  1 
ATOM   1212 C  C   . ALA B 1 83 ? 1.677   -9.134  -11.891 1.00 39.99 ? 93  ALA B C   1 
ATOM   1213 O  O   . ALA B 1 83 ? 0.848   -10.026 -12.135 1.00 38.83 ? 93  ALA B O   1 
ATOM   1214 C  CB  . ALA B 1 83 ? 3.940   -9.920  -12.683 1.00 37.22 ? 93  ALA B CB  1 
ATOM   1215 N  N   . CYS B 1 84 ? 1.393   -7.826  -11.931 1.00 43.23 ? 94  CYS B N   1 
ATOM   1216 C  CA  . CYS B 1 84 ? 0.033   -7.294  -12.145 1.00 47.14 ? 94  CYS B CA  1 
ATOM   1217 C  C   . CYS B 1 84 ? -0.634  -6.945  -10.825 1.00 47.58 ? 94  CYS B C   1 
ATOM   1218 O  O   . CYS B 1 84 ? -1.132  -5.835  -10.654 1.00 49.91 ? 94  CYS B O   1 
ATOM   1219 C  CB  . CYS B 1 84 ? -0.852  -8.260  -12.941 1.00 47.61 ? 94  CYS B CB  1 
ATOM   1220 S  SG  . CYS B 1 84 ? -0.825  -8.028  -14.760 1.00 55.66 ? 94  CYS B SG  1 
HETATM 1221 CL CL  . CL  C 2 .  ? -0.438  17.435  9.765   1.00 19.07 ? 2   CL  A CL  1 
HETATM 1222 CL CL  . CL  D 2 .  ? -3.832  21.207  -1.484  1.00 23.01 ? 3   CL  A CL  1 
HETATM 1223 CL CL  . CL  E 2 .  ? -7.715  19.668  -8.082  1.00 27.76 ? 6   CL  A CL  1 
HETATM 1224 CL CL  . CL  F 2 .  ? 6.293   -19.530 7.294   1.00 18.22 ? 1   CL  B CL  1 
HETATM 1225 CL CL  . CL  G 2 .  ? -6.493  -13.627 -6.740  1.00 20.30 ? 4   CL  B CL  1 
HETATM 1226 CL CL  . CL  H 2 .  ? -9.652  -12.456 11.375  1.00 14.25 ? 5   CL  B CL  1 
HETATM 1227 CL CL  . CL  I 2 .  ? 11.440  -10.480 4.626   1.00 26.02 ? 7   CL  B CL  1 
HETATM 1228 CL CL  . CL  J 2 .  ? -12.019 -17.970 14.430  0.33 33.08 ? 8   CL  B CL  1 
HETATM 1229 CL CL  . CL  K 2 .  ? -1.941  -18.653 10.710  1.00 28.97 ? 9   CL  B CL  1 
HETATM 1230 CL CL  . CL  L 2 .  ? -0.142  -19.383 8.316   1.00 24.75 ? 10  CL  B CL  1 
HETATM 1231 CL CL  . CL  M 2 .  ? -15.506 -10.303 1.206   1.00 41.98 ? 100 CL  B CL  1 
HETATM 1232 O  O   . HOH N 3 .  ? 7.845   12.496  2.682   1.00 27.39 ? 10  HOH A O   1 
HETATM 1233 O  O   . HOH N 3 .  ? -1.967  15.478  13.950  1.00 29.14 ? 100 HOH A O   1 
HETATM 1234 O  O   . HOH N 3 .  ? -6.331  19.548  -1.556  1.00 38.38 ? 101 HOH A O   1 
HETATM 1235 O  O   . HOH N 3 .  ? -1.526  19.097  12.140  0.33 13.90 ? 102 HOH A O   1 
HETATM 1236 O  O   . HOH N 3 .  ? 12.711  14.335  -1.085  1.00 43.18 ? 103 HOH A O   1 
HETATM 1237 O  O   . HOH N 3 .  ? -5.415  5.623   12.892  0.33 20.57 ? 104 HOH A O   1 
HETATM 1238 O  O   . HOH N 3 .  ? 5.388   16.671  -11.226 1.00 30.39 ? 105 HOH A O   1 
HETATM 1239 O  O   . HOH N 3 .  ? 11.602  13.127  -3.716  1.00 28.58 ? 106 HOH A O   1 
HETATM 1240 O  O   . HOH N 3 .  ? 9.368   6.603   -0.967  1.00 35.90 ? 107 HOH A O   1 
HETATM 1241 O  O   . HOH N 3 .  ? -10.018 12.419  11.486  1.00 17.53 ? 108 HOH A O   1 
HETATM 1242 O  O   . HOH N 3 .  ? -7.691  16.938  -15.272 1.00 37.76 ? 109 HOH A O   1 
HETATM 1243 O  O   . HOH N 3 .  ? -1.820  3.271   11.180  1.00 26.84 ? 110 HOH A O   1 
HETATM 1244 O  O   . HOH N 3 .  ? 4.468   10.681  -17.829 1.00 48.23 ? 111 HOH A O   1 
HETATM 1245 O  O   . HOH N 3 .  ? 5.977   16.405  -6.996  1.00 18.85 ? 112 HOH A O   1 
HETATM 1246 O  O   . HOH N 3 .  ? 4.465   9.454   -13.877 1.00 33.95 ? 113 HOH A O   1 
HETATM 1247 O  O   . HOH N 3 .  ? -0.372  10.369  -17.513 1.00 44.63 ? 114 HOH A O   1 
HETATM 1248 O  O   . HOH N 3 .  ? -7.674  5.079   11.706  1.00 31.90 ? 115 HOH A O   1 
HETATM 1249 O  O   . HOH N 3 .  ? -4.263  21.171  1.622   1.00 19.38 ? 116 HOH A O   1 
HETATM 1250 O  O   . HOH N 3 .  ? -6.958  15.280  -0.755  1.00 14.50 ? 117 HOH A O   1 
HETATM 1251 O  O   . HOH N 3 .  ? 0.802   19.941  -15.844 1.00 23.56 ? 118 HOH A O   1 
HETATM 1252 O  O   . HOH N 3 .  ? -9.879  13.407  0.075   1.00 20.98 ? 119 HOH A O   1 
HETATM 1253 O  O   . HOH N 3 .  ? 5.476   2.032   -0.976  1.00 26.15 ? 120 HOH A O   1 
HETATM 1254 O  O   . HOH N 3 .  ? 10.746  10.651  -0.275  1.00 33.00 ? 121 HOH A O   1 
HETATM 1255 O  O   . HOH N 3 .  ? -7.013  17.642  0.519   1.00 24.66 ? 122 HOH A O   1 
HETATM 1256 O  O   . HOH N 3 .  ? -10.952 7.296   4.030   1.00 23.29 ? 123 HOH A O   1 
HETATM 1257 O  O   . HOH N 3 .  ? -5.611  17.246  -14.102 1.00 23.95 ? 124 HOH A O   1 
HETATM 1258 O  O   . HOH N 3 .  ? -3.754  5.992   10.517  1.00 30.99 ? 125 HOH A O   1 
HETATM 1259 O  O   . HOH N 3 .  ? 5.008   25.002  -2.834  1.00 29.69 ? 126 HOH A O   1 
HETATM 1260 O  O   . HOH N 3 .  ? 1.192   20.785  -12.087 1.00 22.86 ? 127 HOH A O   1 
HETATM 1261 O  O   . HOH N 3 .  ? -0.520  24.807  -2.821  1.00 28.69 ? 128 HOH A O   1 
HETATM 1262 O  O   . HOH N 3 .  ? -8.951  17.120  -9.735  1.00 29.75 ? 129 HOH A O   1 
HETATM 1263 O  O   . HOH N 3 .  ? 8.983   14.992  4.349   1.00 32.44 ? 130 HOH A O   1 
HETATM 1264 O  O   . HOH N 3 .  ? -3.743  25.898  -15.236 1.00 28.39 ? 131 HOH A O   1 
HETATM 1265 O  O   . HOH N 3 .  ? 3.812   23.432  8.856   1.00 30.50 ? 132 HOH A O   1 
HETATM 1266 O  O   . HOH N 3 .  ? -9.816  16.779  0.243   1.00 23.54 ? 133 HOH A O   1 
HETATM 1267 O  O   . HOH N 3 .  ? -5.702  18.178  2.653   1.00 23.61 ? 134 HOH A O   1 
HETATM 1268 O  O   . HOH N 3 .  ? -9.509  19.352  -15.734 1.00 37.25 ? 135 HOH A O   1 
HETATM 1269 O  O   . HOH N 3 .  ? 6.761   18.602  -8.625  1.00 25.59 ? 136 HOH A O   1 
HETATM 1270 O  O   . HOH N 3 .  ? -0.810  22.973  -17.580 1.00 31.78 ? 137 HOH A O   1 
HETATM 1271 O  O   . HOH N 3 .  ? -11.340 6.306   -0.589  1.00 45.26 ? 138 HOH A O   1 
HETATM 1272 O  O   . HOH N 3 .  ? 4.292   19.561  -12.081 1.00 25.59 ? 139 HOH A O   1 
HETATM 1273 O  O   . HOH N 3 .  ? 4.890   12.621  -18.457 1.00 47.55 ? 140 HOH A O   1 
HETATM 1274 O  O   . HOH N 3 .  ? -0.371  -0.238  -4.582  1.00 35.34 ? 141 HOH A O   1 
HETATM 1275 O  O   . HOH N 3 .  ? -1.657  18.786  -17.695 1.00 44.57 ? 143 HOH A O   1 
HETATM 1276 O  O   . HOH N 3 .  ? 9.625   16.276  2.012   1.00 31.60 ? 144 HOH A O   1 
HETATM 1277 O  O   . HOH N 3 .  ? -2.413  10.408  12.854  1.00 35.53 ? 145 HOH A O   1 
HETATM 1278 O  O   . HOH N 3 .  ? -5.467  20.979  -19.903 1.00 39.74 ? 146 HOH A O   1 
HETATM 1279 O  O   . HOH N 3 .  ? -4.191  17.427  -16.682 1.00 33.33 ? 147 HOH A O   1 
HETATM 1280 O  O   . HOH N 3 .  ? -2.163  12.524  9.944   1.00 23.20 ? 148 HOH A O   1 
HETATM 1281 O  O   . HOH N 3 .  ? 3.353   25.473  6.932   1.00 35.37 ? 149 HOH A O   1 
HETATM 1282 O  O   . HOH N 3 .  ? 0.994   26.497  7.699   1.00 31.77 ? 150 HOH A O   1 
HETATM 1283 O  O   . HOH N 3 .  ? 11.642  14.987  0.967   1.00 42.13 ? 151 HOH A O   1 
HETATM 1284 O  O   . HOH N 3 .  ? 1.993   23.739  -4.393  1.00 20.13 ? 152 HOH A O   1 
HETATM 1285 O  O   . HOH N 3 .  ? 8.514   19.691  -7.314  1.00 32.02 ? 153 HOH A O   1 
HETATM 1286 O  O   . HOH N 3 .  ? 6.600   23.192  -1.488  1.00 31.83 ? 154 HOH A O   1 
HETATM 1287 O  O   . HOH N 3 .  ? -6.484  3.559   -1.021  1.00 37.17 ? 155 HOH A O   1 
HETATM 1288 O  O   . HOH N 3 .  ? -9.140  22.036  -18.662 1.00 45.10 ? 158 HOH A O   1 
HETATM 1289 O  O   . HOH N 3 .  ? -0.682  6.659   -10.194 1.00 32.87 ? 162 HOH A O   1 
HETATM 1290 O  O   . HOH N 3 .  ? 1.961   8.007   -15.147 1.00 39.48 ? 165 HOH A O   1 
HETATM 1291 O  O   . HOH N 3 .  ? -5.354  28.853  -24.179 1.00 40.99 ? 167 HOH A O   1 
HETATM 1292 O  O   . HOH N 3 .  ? 10.386  11.854  1.430   1.00 37.85 ? 172 HOH A O   1 
HETATM 1293 O  O   . HOH N 3 .  ? 16.143  8.476   5.338   1.00 45.59 ? 183 HOH A O   1 
HETATM 1294 O  O   . HOH N 3 .  ? 7.749   14.826  -10.388 1.00 39.47 ? 191 HOH A O   1 
HETATM 1295 O  O   . HOH N 3 .  ? -12.670 7.573   1.227   1.00 42.88 ? 207 HOH A O   1 
HETATM 1296 O  O   . HOH N 3 .  ? 4.981   1.231   -3.091  1.00 41.14 ? 218 HOH A O   1 
HETATM 1297 O  O   . HOH N 3 .  ? -0.727  24.153  11.883  0.33 11.64 ? 360 HOH A O   1 
HETATM 1298 O  O   . HOH N 3 .  ? -4.403  23.735  3.530   1.00 40.25 ? 376 HOH A O   1 
HETATM 1299 O  O   . HOH N 3 .  ? 10.816  13.415  8.847   1.00 39.07 ? 377 HOH A O   1 
HETATM 1300 O  O   . HOH N 3 .  ? 8.041   2.045   -1.402  1.00 38.50 ? 378 HOH A O   1 
HETATM 1301 O  O   . HOH N 3 .  ? -9.287  10.063  -8.857  1.00 31.75 ? 379 HOH A O   1 
HETATM 1302 O  O   . HOH O 3 .  ? -10.770 -13.147 14.194  0.33 7.94  ? 6   HOH B O   1 
HETATM 1303 O  O   . HOH O 3 .  ? -6.921  0.367   13.236  0.33 22.30 ? 101 HOH B O   1 
HETATM 1304 O  O   . HOH O 3 .  ? -0.906  -24.662 2.419   0.50 8.98  ? 102 HOH B O   1 
HETATM 1305 O  O   . HOH O 3 .  ? 1.739   -23.723 0.438   0.50 18.78 ? 103 HOH B O   1 
HETATM 1306 O  O   . HOH O 3 .  ? 3.371   -0.473  -2.821  1.00 30.91 ? 104 HOH B O   1 
HETATM 1307 O  O   . HOH O 3 .  ? -11.596 -21.489 8.922   1.00 27.78 ? 105 HOH B O   1 
HETATM 1308 O  O   . HOH O 3 .  ? -9.222  -14.837 -5.747  1.00 35.83 ? 106 HOH B O   1 
HETATM 1309 O  O   . HOH O 3 .  ? -6.666  -5.294  13.448  1.00 32.38 ? 107 HOH B O   1 
HETATM 1310 O  O   . HOH O 3 .  ? -11.728 -17.032 -4.966  1.00 51.01 ? 108 HOH B O   1 
HETATM 1311 O  O   . HOH O 3 .  ? 10.862  -25.849 0.488   1.00 15.55 ? 109 HOH B O   1 
HETATM 1312 O  O   . HOH O 3 .  ? 2.811   -12.882 9.665   1.00 10.18 ? 110 HOH B O   1 
HETATM 1313 O  O   . HOH O 3 .  ? 13.109  -18.535 4.662   1.00 21.75 ? 111 HOH B O   1 
HETATM 1314 O  O   . HOH O 3 .  ? -6.834  -21.821 0.618   1.00 14.46 ? 112 HOH B O   1 
HETATM 1315 O  O   . HOH O 3 .  ? -0.842  -17.610 -3.390  1.00 10.35 ? 113 HOH B O   1 
HETATM 1316 O  O   . HOH O 3 .  ? -5.124  -24.047 1.617   1.00 20.01 ? 114 HOH B O   1 
HETATM 1317 O  O   . HOH O 3 .  ? 4.517   -10.374 11.568  1.00 16.89 ? 115 HOH B O   1 
HETATM 1318 O  O   . HOH O 3 .  ? -9.044  -23.197 3.789   1.00 22.63 ? 116 HOH B O   1 
HETATM 1319 O  O   . HOH O 3 .  ? -3.009  -23.739 3.310   1.00 15.66 ? 117 HOH B O   1 
HETATM 1320 O  O   . HOH O 3 .  ? -7.667  1.796   8.749   1.00 26.51 ? 118 HOH B O   1 
HETATM 1321 O  O   . HOH O 3 .  ? -11.126 -13.084 0.423   1.00 16.14 ? 119 HOH B O   1 
HETATM 1322 O  O   . HOH O 3 .  ? -5.847  -23.821 -2.759  1.00 34.44 ? 120 HOH B O   1 
HETATM 1323 O  O   . HOH O 3 .  ? 12.199  -4.701  1.778   1.00 56.43 ? 121 HOH B O   1 
HETATM 1324 O  O   . HOH O 3 .  ? -7.001  -5.444  7.419   1.00 12.34 ? 122 HOH B O   1 
HETATM 1325 O  O   . HOH O 3 .  ? -16.655 -13.121 3.952   1.00 42.26 ? 123 HOH B O   1 
HETATM 1326 O  O   . HOH O 3 .  ? -9.535  -20.911 -2.378  1.00 35.21 ? 124 HOH B O   1 
HETATM 1327 O  O   . HOH O 3 .  ? -8.913  -11.064 -0.511  1.00 20.82 ? 125 HOH B O   1 
HETATM 1328 O  O   . HOH O 3 .  ? 17.618  -24.503 5.941   1.00 20.98 ? 126 HOH B O   1 
HETATM 1329 O  O   . HOH O 3 .  ? -6.220  -5.667  -9.860  1.00 50.96 ? 127 HOH B O   1 
HETATM 1330 O  O   . HOH O 3 .  ? 4.439   -18.243 9.421   1.00 29.82 ? 128 HOH B O   1 
HETATM 1331 O  O   . HOH O 3 .  ? -3.887  -23.354 12.832  1.00 39.92 ? 129 HOH B O   1 
HETATM 1332 O  O   . HOH O 3 .  ? 11.061  -18.850 0.535   1.00 27.07 ? 130 HOH B O   1 
HETATM 1333 O  O   . HOH O 3 .  ? -5.873  -25.923 9.000   1.00 38.22 ? 131 HOH B O   1 
HETATM 1334 O  O   . HOH O 3 .  ? -10.237 -15.381 -0.998  1.00 16.95 ? 132 HOH B O   1 
HETATM 1335 O  O   . HOH O 3 .  ? -14.209 1.581   -2.887  1.00 49.10 ? 133 HOH B O   1 
HETATM 1336 O  O   . HOH O 3 .  ? -16.163 -18.202 4.006   1.00 41.83 ? 134 HOH B O   1 
HETATM 1337 O  O   . HOH O 3 .  ? -3.898  -25.857 -5.709  1.00 25.82 ? 135 HOH B O   1 
HETATM 1338 O  O   . HOH O 3 .  ? 5.084   -16.945 12.185  1.00 35.88 ? 136 HOH B O   1 
HETATM 1339 O  O   . HOH O 3 .  ? -4.469  -25.387 -0.565  1.00 21.14 ? 137 HOH B O   1 
HETATM 1340 O  O   . HOH O 3 .  ? -7.311  -25.559 -2.737  1.00 46.13 ? 138 HOH B O   1 
HETATM 1341 O  O   . HOH O 3 .  ? -14.895 -12.284 -4.094  1.00 37.22 ? 139 HOH B O   1 
HETATM 1342 O  O   . HOH O 3 .  ? -7.964  -7.630  11.227  1.00 24.55 ? 140 HOH B O   1 
HETATM 1343 O  O   . HOH O 3 .  ? 3.838   -3.469  12.495  1.00 31.31 ? 142 HOH B O   1 
HETATM 1344 O  O   . HOH O 3 .  ? 7.025   -5.121  10.595  1.00 25.33 ? 143 HOH B O   1 
HETATM 1345 O  O   . HOH O 3 .  ? -5.914  -20.610 -5.277  1.00 22.30 ? 144 HOH B O   1 
HETATM 1346 O  O   . HOH O 3 .  ? -3.011  -2.098  -4.202  1.00 22.24 ? 145 HOH B O   1 
HETATM 1347 O  O   . HOH O 3 .  ? -9.415  -9.535  12.283  1.00 25.82 ? 146 HOH B O   1 
HETATM 1348 O  O   . HOH O 3 .  ? -10.464 -21.697 11.975  1.00 28.59 ? 147 HOH B O   1 
HETATM 1349 O  O   . HOH O 3 .  ? -1.938  -19.759 -4.537  1.00 10.51 ? 148 HOH B O   1 
HETATM 1350 O  O   . HOH O 3 .  ? -9.098  -6.060  -4.892  1.00 39.17 ? 149 HOH B O   1 
HETATM 1351 O  O   . HOH O 3 .  ? 14.682  -28.274 6.439   1.00 21.47 ? 150 HOH B O   1 
HETATM 1352 O  O   . HOH O 3 .  ? -9.092  -22.823 1.496   1.00 28.58 ? 151 HOH B O   1 
HETATM 1353 O  O   . HOH O 3 .  ? -17.198 -10.137 7.114   1.00 19.72 ? 152 HOH B O   1 
HETATM 1354 O  O   . HOH O 3 .  ? 1.158   -21.682 7.789   1.00 21.21 ? 153 HOH B O   1 
HETATM 1355 O  O   . HOH O 3 .  ? 1.412   -14.943 10.907  1.00 19.47 ? 154 HOH B O   1 
HETATM 1356 O  O   . HOH O 3 .  ? -16.102 -5.033  -4.030  1.00 34.07 ? 155 HOH B O   1 
HETATM 1357 O  O   . HOH O 3 .  ? 4.999   -2.400  5.013   1.00 32.62 ? 156 HOH B O   1 
HETATM 1358 O  O   . HOH O 3 .  ? 7.181   -7.758  10.774  1.00 32.37 ? 157 HOH B O   1 
HETATM 1359 O  O   . HOH O 3 .  ? -6.180  0.882   6.822   1.00 24.52 ? 158 HOH B O   1 
HETATM 1360 O  O   . HOH O 3 .  ? 11.555  -7.201  2.306   1.00 38.16 ? 159 HOH B O   1 
HETATM 1361 O  O   . HOH O 3 .  ? 3.683   -13.201 12.593  1.00 22.11 ? 160 HOH B O   1 
HETATM 1362 O  O   . HOH O 3 .  ? -5.234  -9.380  -9.500  1.00 46.77 ? 161 HOH B O   1 
HETATM 1363 O  O   . HOH O 3 .  ? -16.002 -16.397 8.140   1.00 36.47 ? 162 HOH B O   1 
HETATM 1364 O  O   . HOH O 3 .  ? -0.648  -1.893  -5.342  1.00 40.63 ? 163 HOH B O   1 
HETATM 1365 O  O   . HOH O 3 .  ? 0.181   1.524   11.181  1.00 37.83 ? 164 HOH B O   1 
HETATM 1366 O  O   . HOH O 3 .  ? -13.630 -14.531 1.822   1.00 32.38 ? 165 HOH B O   1 
HETATM 1367 O  O   . HOH O 3 .  ? -17.031 -12.671 6.506   1.00 31.60 ? 166 HOH B O   1 
HETATM 1368 O  O   . HOH O 3 .  ? -10.256 -14.776 -3.554  1.00 36.50 ? 167 HOH B O   1 
HETATM 1369 O  O   . HOH O 3 .  ? 12.307  -11.854 1.792   1.00 25.56 ? 168 HOH B O   1 
HETATM 1370 O  O   . HOH O 3 .  ? 9.109   -9.046  -5.552  1.00 34.88 ? 169 HOH B O   1 
HETATM 1371 O  O   . HOH O 3 .  ? -11.588 -24.224 8.060   1.00 39.63 ? 170 HOH B O   1 
HETATM 1372 O  O   . HOH O 3 .  ? -12.237 -17.215 -1.353  1.00 36.85 ? 171 HOH B O   1 
HETATM 1373 O  O   . HOH O 3 .  ? 0.111   -22.929 9.752   1.00 34.75 ? 172 HOH B O   1 
HETATM 1374 O  O   . HOH O 3 .  ? -9.341  -25.390 0.124   1.00 34.14 ? 173 HOH B O   1 
HETATM 1375 O  O   . HOH O 3 .  ? -11.449 -19.996 -1.258  1.00 31.54 ? 174 HOH B O   1 
HETATM 1376 O  O   . HOH O 3 .  ? 0.473   -8.480  -7.075  1.00 35.02 ? 175 HOH B O   1 
HETATM 1377 O  O   . HOH O 3 .  ? -3.220  -23.975 6.217   1.00 18.97 ? 176 HOH B O   1 
HETATM 1378 O  O   . HOH O 3 .  ? -13.058 -19.591 12.291  1.00 26.93 ? 177 HOH B O   1 
HETATM 1379 O  O   . HOH O 3 .  ? -12.424 -18.952 9.650   1.00 24.87 ? 178 HOH B O   1 
HETATM 1380 O  O   . HOH O 3 .  ? 1.631   -17.438 9.471   1.00 18.94 ? 179 HOH B O   1 
HETATM 1381 O  O   . HOH O 3 .  ? -9.528  -18.509 -4.489  1.00 32.80 ? 180 HOH B O   1 
HETATM 1382 O  O   . HOH O 3 .  ? -5.284  -25.776 6.085   1.00 28.06 ? 181 HOH B O   1 
HETATM 1383 O  O   . HOH O 3 .  ? -7.942  -10.917 -5.074  1.00 28.92 ? 182 HOH B O   1 
HETATM 1384 O  O   . HOH O 3 .  ? -1.066  -24.716 7.649   1.00 33.83 ? 183 HOH B O   1 
HETATM 1385 O  O   . HOH O 3 .  ? -9.833  -11.491 -3.427  1.00 35.29 ? 184 HOH B O   1 
HETATM 1386 O  O   . HOH O 3 .  ? 12.152  -14.159 2.898   1.00 26.93 ? 185 HOH B O   1 
HETATM 1387 O  O   . HOH O 3 .  ? -7.030  -21.819 -2.075  1.00 29.26 ? 186 HOH B O   1 
HETATM 1388 O  O   . HOH O 3 .  ? -13.572 -17.988 2.184   1.00 30.34 ? 187 HOH B O   1 
HETATM 1389 O  O   . HOH O 3 .  ? -6.904  -7.190  -5.963  1.00 42.22 ? 188 HOH B O   1 
HETATM 1390 O  O   . HOH O 3 .  ? 1.644   0.910   12.577  1.00 43.26 ? 189 HOH B O   1 
HETATM 1391 O  O   . HOH O 3 .  ? -6.778  -25.292 3.796   1.00 28.68 ? 190 HOH B O   1 
HETATM 1392 O  O   . HOH O 3 .  ? 12.673  -6.997  -0.249  1.00 40.42 ? 191 HOH B O   1 
HETATM 1393 O  O   . HOH O 3 .  ? -3.475  -20.368 12.334  1.00 47.03 ? 192 HOH B O   1 
HETATM 1394 O  O   . HOH O 3 .  ? -6.676  -21.201 15.261  1.00 36.16 ? 193 HOH B O   1 
HETATM 1395 O  O   . HOH O 3 .  ? -4.409  -3.018  -6.100  1.00 34.28 ? 194 HOH B O   1 
HETATM 1396 O  O   . HOH O 3 .  ? -0.588  -1.875  -8.085  1.00 38.15 ? 195 HOH B O   1 
HETATM 1397 O  O   . HOH O 3 .  ? -7.993  -19.249 -6.174  1.00 42.19 ? 196 HOH B O   1 
HETATM 1398 O  O   . HOH O 3 .  ? -5.642  -23.546 -5.329  1.00 32.00 ? 197 HOH B O   1 
HETATM 1399 O  O   . HOH O 3 .  ? 7.152   -8.768  -3.520  1.00 19.00 ? 198 HOH B O   1 
HETATM 1400 O  O   . HOH O 3 .  ? 10.227  -7.732  5.103   1.00 26.04 ? 199 HOH B O   1 
HETATM 1401 O  O   . HOH O 3 .  ? 5.996   2.093   10.021  1.00 44.29 ? 205 HOH B O   1 
HETATM 1402 O  O   . HOH O 3 .  ? 4.666   0.482   12.232  1.00 46.99 ? 217 HOH B O   1 
HETATM 1403 O  O   . HOH O 3 .  ? 10.234  -27.329 8.602   1.00 48.74 ? 237 HOH B O   1 
HETATM 1404 O  O   . HOH O 3 .  ? 2.918   -1.389  13.552  1.00 35.65 ? 358 HOH B O   1 
HETATM 1405 O  O   . HOH O 3 .  ? 11.941  -5.843  5.381   1.00 43.13 ? 361 HOH B O   1 
HETATM 1406 O  O   . HOH O 3 .  ? 4.874   -12.638 -11.458 1.00 46.88 ? 381 HOH B O   1 
HETATM 1407 O  O   . HOH O 3 .  ? 13.680  -30.546 6.804   1.00 38.08 ? 382 HOH B O   1 
# 
